data_3SBX
#
_entry.id   3SBX
#
_cell.length_a   67.240
_cell.length_b   80.120
_cell.length_c   85.690
_cell.angle_alpha   106.70
_cell.angle_beta   90.13
_cell.angle_gamma   98.81
#
_symmetry.space_group_name_H-M   'P 1'
#
loop_
_entity.id
_entity.type
_entity.pdbx_description
1 polymer 'Putative uncharacterized protein'
2 non-polymer 'ADENOSINE MONOPHOSPHATE'
3 water water
#
_entity_poly.entity_id   1
_entity_poly.type   'polypeptide(L)'
_entity_poly.pdbx_seq_one_letter_code
;GPGSTAKSDEPGRWTVAVYCAAAPTHPELLELAGAVGAAIAARGWTLVWGGGHVSAMGAVSSAARAHGGWTVGVIPKMLV
HRELADHDADELVVTETMWERKQVMEDRANAFITLPGGVGTLDELLDVWTEGYLGMHDKSIVVLDPWGHFDGLRAWLSEL
ADTGYVSRTAMERLIVVDNLDDALQACAP
;
_entity_poly.pdbx_strand_id   A,B,C,D,E,F,G,H
#
# COMPACT_ATOMS: atom_id res chain seq x y z
N ARG A 13 -9.62 22.53 -35.36
CA ARG A 13 -10.79 22.62 -34.44
C ARG A 13 -11.07 21.29 -33.76
N TRP A 14 -10.93 20.19 -34.52
CA TRP A 14 -11.06 18.85 -33.95
C TRP A 14 -10.09 18.69 -32.76
N THR A 15 -10.61 18.21 -31.64
CA THR A 15 -9.84 18.18 -30.38
C THR A 15 -9.75 16.76 -29.78
N VAL A 16 -8.52 16.33 -29.50
CA VAL A 16 -8.26 15.05 -28.89
C VAL A 16 -7.67 15.32 -27.52
N ALA A 17 -8.22 14.68 -26.50
CA ALA A 17 -7.65 14.80 -25.16
C ALA A 17 -6.78 13.60 -24.87
N VAL A 18 -5.63 13.84 -24.26
CA VAL A 18 -4.70 12.75 -23.95
C VAL A 18 -4.48 12.60 -22.45
N TYR A 19 -4.85 11.42 -21.93
CA TYR A 19 -4.52 11.05 -20.54
C TYR A 19 -3.23 10.21 -20.40
N CYS A 20 -2.30 10.71 -19.58
CA CYS A 20 -1.00 10.05 -19.37
C CYS A 20 -0.45 10.37 -17.99
N ALA A 21 0.68 9.75 -17.62
CA ALA A 21 1.27 9.96 -16.30
C ALA A 21 1.73 11.39 -16.05
N ALA A 22 1.76 11.78 -14.79
CA ALA A 22 2.28 13.08 -14.37
C ALA A 22 3.49 12.85 -13.46
N ALA A 23 3.56 11.63 -12.93
CA ALA A 23 4.76 11.11 -12.28
C ALA A 23 5.74 10.69 -13.37
N PRO A 24 7.03 10.56 -13.04
CA PRO A 24 8.06 10.79 -14.06
C PRO A 24 8.69 9.61 -14.83
N THR A 25 9.28 8.68 -14.08
CA THR A 25 10.48 7.94 -14.48
C THR A 25 10.38 6.89 -15.60
N HIS A 26 9.80 7.24 -16.75
CA HIS A 26 9.59 6.23 -17.78
C HIS A 26 9.97 6.72 -19.18
N PRO A 27 11.14 6.26 -19.69
CA PRO A 27 11.69 6.74 -20.96
C PRO A 27 10.84 6.38 -22.18
N GLU A 28 10.39 5.14 -22.25
CA GLU A 28 9.62 4.67 -23.40
C GLU A 28 8.27 5.38 -23.43
N LEU A 29 7.77 5.73 -22.24
CA LEU A 29 6.52 6.43 -22.11
C LEU A 29 6.65 7.88 -22.56
N LEU A 30 7.81 8.48 -22.30
CA LEU A 30 8.09 9.86 -22.75
C LEU A 30 8.07 9.99 -24.27
N GLU A 31 8.73 9.05 -24.95
CA GLU A 31 8.77 9.03 -26.41
C GLU A 31 7.36 8.85 -26.98
N LEU A 32 6.60 7.92 -26.40
CA LEU A 32 5.23 7.69 -26.86
C LEU A 32 4.36 8.93 -26.71
N ALA A 33 4.40 9.60 -25.57
CA ALA A 33 3.63 10.83 -25.38
C ALA A 33 4.06 11.95 -26.34
N GLY A 34 5.32 11.91 -26.76
CA GLY A 34 5.86 12.86 -27.71
C GLY A 34 5.34 12.61 -29.12
N ALA A 35 5.41 11.35 -29.53
CA ALA A 35 4.90 10.98 -30.84
C ALA A 35 3.40 11.32 -30.93
N VAL A 36 2.65 11.06 -29.86
CA VAL A 36 1.21 11.35 -29.85
C VAL A 36 0.93 12.85 -29.99
N GLY A 37 1.58 13.67 -29.14
CA GLY A 37 1.54 15.13 -29.26
C GLY A 37 1.83 15.58 -30.67
N ALA A 38 2.92 15.07 -31.25
CA ALA A 38 3.35 15.40 -32.62
C ALA A 38 2.33 15.00 -33.68
N ALA A 39 1.77 13.80 -33.53
CA ALA A 39 0.81 13.29 -34.50
C ALA A 39 -0.52 14.04 -34.47
N ILE A 40 -0.96 14.46 -33.29
CA ILE A 40 -2.19 15.25 -33.15
C ILE A 40 -2.01 16.62 -33.81
N ALA A 41 -0.91 17.28 -33.49
CA ALA A 41 -0.63 18.62 -33.94
C ALA A 41 -0.48 18.71 -35.46
N ALA A 42 0.22 17.74 -36.03
CA ALA A 42 0.53 17.73 -37.45
C ALA A 42 -0.71 17.52 -38.29
N ARG A 43 -1.75 16.96 -37.67
CA ARG A 43 -3.02 16.73 -38.35
C ARG A 43 -3.94 17.94 -38.27
N GLY A 44 -3.43 19.04 -37.74
CA GLY A 44 -4.25 20.23 -37.50
C GLY A 44 -5.26 20.06 -36.38
N TRP A 45 -4.97 19.17 -35.44
CA TRP A 45 -5.89 18.96 -34.32
C TRP A 45 -5.35 19.61 -33.04
N THR A 46 -6.27 20.20 -32.29
CA THR A 46 -5.98 20.74 -30.97
C THR A 46 -5.75 19.61 -29.95
N LEU A 47 -4.83 19.85 -29.00
CA LEU A 47 -4.60 18.92 -27.90
C LEU A 47 -5.18 19.42 -26.58
N VAL A 48 -5.95 18.55 -25.90
CA VAL A 48 -6.29 18.78 -24.49
C VAL A 48 -5.49 17.82 -23.60
N TRP A 49 -4.93 18.33 -22.49
CA TRP A 49 -4.18 17.51 -21.52
C TRP A 49 -4.25 18.11 -20.08
N GLY A 50 -3.81 17.33 -19.11
CA GLY A 50 -3.88 17.75 -17.71
C GLY A 50 -3.10 19.00 -17.33
N GLY A 51 -2.36 19.59 -18.26
CA GLY A 51 -1.73 20.90 -18.01
C GLY A 51 -0.31 20.99 -17.48
N GLY A 52 0.26 19.86 -17.05
CA GLY A 52 1.63 19.84 -16.50
C GLY A 52 2.73 19.73 -17.55
N HIS A 53 3.88 20.36 -17.31
CA HIS A 53 4.96 20.42 -18.29
C HIS A 53 6.11 19.43 -18.01
N VAL A 54 5.86 18.43 -17.17
CA VAL A 54 6.86 17.43 -16.83
C VAL A 54 6.37 16.04 -17.16
N SER A 55 7.33 15.13 -17.31
CA SER A 55 7.07 13.71 -17.56
C SER A 55 6.27 13.56 -18.85
N ALA A 56 5.36 12.60 -18.87
CA ALA A 56 4.50 12.34 -20.02
C ALA A 56 3.68 13.57 -20.43
N MET A 57 3.08 14.25 -19.45
CA MET A 57 2.23 15.40 -19.73
C MET A 57 2.97 16.47 -20.52
N GLY A 58 4.16 16.83 -20.04
CA GLY A 58 5.00 17.82 -20.69
C GLY A 58 5.48 17.38 -22.06
N ALA A 59 5.70 16.07 -22.21
CA ALA A 59 6.16 15.54 -23.49
C ALA A 59 5.09 15.61 -24.57
N VAL A 60 3.82 15.53 -24.18
CA VAL A 60 2.72 15.57 -25.14
C VAL A 60 2.40 17.02 -25.55
N SER A 61 2.60 17.95 -24.62
CA SER A 61 2.30 19.33 -24.90
C SER A 61 3.40 19.98 -25.70
N SER A 62 4.65 19.81 -25.26
CA SER A 62 5.74 20.43 -26.00
C SER A 62 5.92 19.86 -27.41
N ALA A 63 5.60 18.58 -27.58
CA ALA A 63 5.68 17.93 -28.89
C ALA A 63 4.54 18.37 -29.83
N ALA A 64 3.40 18.72 -29.24
CA ALA A 64 2.30 19.30 -30.01
C ALA A 64 2.63 20.74 -30.40
N ARG A 65 3.08 21.54 -29.44
CA ARG A 65 3.48 22.92 -29.71
C ARG A 65 4.59 23.02 -30.75
N ALA A 66 5.58 22.13 -30.66
CA ALA A 66 6.70 22.11 -31.62
C ALA A 66 6.28 21.77 -33.06
N HIS A 67 5.08 21.22 -33.22
CA HIS A 67 4.56 20.99 -34.56
C HIS A 67 3.45 21.99 -34.87
N GLY A 68 3.46 23.09 -34.13
CA GLY A 68 2.56 24.22 -34.34
C GLY A 68 1.11 23.93 -34.02
N GLY A 69 0.88 22.99 -33.08
CA GLY A 69 -0.46 22.63 -32.68
C GLY A 69 -0.90 23.46 -31.49
N TRP A 70 -2.20 23.78 -31.46
CA TRP A 70 -2.80 24.51 -30.36
C TRP A 70 -2.95 23.58 -29.17
N THR A 71 -2.57 24.06 -27.99
CA THR A 71 -2.61 23.24 -26.78
C THR A 71 -3.44 23.87 -25.65
N VAL A 72 -4.42 23.11 -25.19
CA VAL A 72 -5.30 23.55 -24.10
C VAL A 72 -5.06 22.65 -22.88
N GLY A 73 -4.71 23.24 -21.75
CA GLY A 73 -4.39 22.49 -20.53
C GLY A 73 -5.34 22.77 -19.38
N VAL A 74 -5.85 21.69 -18.79
CA VAL A 74 -6.91 21.78 -17.79
C VAL A 74 -6.45 21.14 -16.49
N ILE A 75 -6.56 21.90 -15.39
CA ILE A 75 -5.88 21.55 -14.14
C ILE A 75 -6.54 22.25 -12.90
N PRO A 76 -6.83 21.47 -11.83
CA PRO A 76 -7.43 22.11 -10.64
C PRO A 76 -6.46 23.03 -9.91
N LYS A 77 -7.02 24.08 -9.29
CA LYS A 77 -6.26 25.05 -8.50
C LYS A 77 -5.25 24.41 -7.56
N MET A 78 -5.63 23.24 -7.02
CA MET A 78 -4.82 22.55 -6.03
C MET A 78 -3.75 21.60 -6.63
N LEU A 79 -3.65 21.55 -7.95
CA LEU A 79 -2.59 20.76 -8.57
C LEU A 79 -1.65 21.59 -9.40
N VAL A 80 -1.95 22.88 -9.53
CA VAL A 80 -1.17 23.81 -10.35
C VAL A 80 0.33 23.74 -10.03
N HIS A 81 0.66 23.58 -8.76
CA HIS A 81 2.05 23.58 -8.36
C HIS A 81 2.63 22.19 -8.15
N ARG A 82 1.78 21.25 -7.74
CA ARG A 82 2.20 19.86 -7.56
C ARG A 82 2.59 19.26 -8.91
N GLU A 83 1.80 19.55 -9.94
CA GLU A 83 2.00 18.97 -11.25
C GLU A 83 2.63 19.96 -12.23
N LEU A 84 2.97 21.14 -11.72
CA LEU A 84 3.65 22.20 -12.47
C LEU A 84 2.93 22.59 -13.76
N ALA A 85 1.86 23.35 -13.60
CA ALA A 85 1.13 23.95 -14.71
C ALA A 85 2.08 24.50 -15.77
N ASP A 86 1.75 24.23 -17.03
CA ASP A 86 2.49 24.72 -18.18
C ASP A 86 2.04 26.14 -18.57
N HIS A 87 2.95 27.10 -18.45
CA HIS A 87 2.61 28.48 -18.75
C HIS A 87 2.71 28.77 -20.24
N ASP A 88 3.27 27.83 -20.99
CA ASP A 88 3.33 27.94 -22.43
C ASP A 88 2.13 27.29 -23.14
N ALA A 89 1.15 26.87 -22.35
CA ALA A 89 -0.13 26.45 -22.90
C ALA A 89 -0.74 27.63 -23.62
N ASP A 90 -1.25 27.38 -24.82
CA ASP A 90 -1.99 28.39 -25.57
C ASP A 90 -3.21 28.85 -24.77
N GLU A 91 -3.82 27.92 -24.05
CA GLU A 91 -4.83 28.25 -23.05
C GLU A 91 -4.64 27.34 -21.86
N LEU A 92 -4.79 27.90 -20.67
CA LEU A 92 -4.72 27.15 -19.44
C LEU A 92 -6.02 27.40 -18.67
N VAL A 93 -6.77 26.33 -18.45
CA VAL A 93 -7.99 26.42 -17.66
C VAL A 93 -7.70 25.83 -16.30
N VAL A 94 -7.78 26.67 -15.29
CA VAL A 94 -7.54 26.24 -13.94
C VAL A 94 -8.89 26.08 -13.28
N THR A 95 -9.22 24.85 -12.91
CA THR A 95 -10.56 24.54 -12.40
C THR A 95 -10.62 24.60 -10.88
N GLU A 96 -11.81 24.92 -10.36
CA GLU A 96 -12.02 25.05 -8.93
C GLU A 96 -11.80 23.73 -8.19
N THR A 97 -12.18 22.63 -8.83
CA THR A 97 -12.11 21.32 -8.18
C THR A 97 -11.54 20.22 -9.08
N MET A 98 -11.20 19.10 -8.44
CA MET A 98 -10.79 17.89 -9.12
C MET A 98 -11.79 17.46 -10.20
N TRP A 99 -13.06 17.33 -9.81
CA TRP A 99 -14.12 16.86 -10.70
CA TRP A 99 -14.10 16.85 -10.73
C TRP A 99 -14.34 17.77 -11.92
N GLU A 100 -14.16 19.08 -11.71
CA GLU A 100 -14.33 20.05 -12.79
C GLU A 100 -13.28 19.90 -13.90
N ARG A 101 -12.12 19.35 -13.55
CA ARG A 101 -11.05 19.12 -14.51
C ARG A 101 -11.52 18.14 -15.58
N LYS A 102 -12.08 17.01 -15.12
CA LYS A 102 -12.64 16.01 -16.01
C LYS A 102 -13.79 16.55 -16.84
N GLN A 103 -14.73 17.26 -16.19
CA GLN A 103 -15.85 17.86 -16.90
C GLN A 103 -15.36 18.66 -18.12
N VAL A 104 -14.50 19.64 -17.86
CA VAL A 104 -14.00 20.56 -18.89
C VAL A 104 -13.22 19.79 -19.97
N MET A 105 -12.41 18.83 -19.55
CA MET A 105 -11.63 18.02 -20.48
C MET A 105 -12.53 17.23 -21.42
N GLU A 106 -13.62 16.67 -20.91
CA GLU A 106 -14.49 15.82 -21.74
C GLU A 106 -15.39 16.61 -22.70
N ASP A 107 -15.85 17.79 -22.28
CA ASP A 107 -16.65 18.68 -23.12
C ASP A 107 -15.81 19.28 -24.26
N ARG A 108 -14.55 19.57 -23.96
CA ARG A 108 -13.66 20.25 -24.90
C ARG A 108 -13.19 19.35 -26.02
N ALA A 109 -13.05 18.06 -25.75
CA ALA A 109 -12.50 17.11 -26.74
C ALA A 109 -13.57 16.36 -27.53
N ASN A 110 -13.23 16.00 -28.76
CA ASN A 110 -14.08 15.17 -29.62
C ASN A 110 -13.73 13.69 -29.54
N ALA A 111 -12.51 13.38 -29.13
CA ALA A 111 -12.08 12.00 -28.89
C ALA A 111 -11.03 11.94 -27.77
N PHE A 112 -10.79 10.76 -27.22
CA PHE A 112 -9.83 10.62 -26.11
C PHE A 112 -8.80 9.52 -26.36
N ILE A 113 -7.55 9.82 -26.00
CA ILE A 113 -6.48 8.80 -25.97
C ILE A 113 -5.90 8.68 -24.56
N THR A 114 -6.09 7.50 -23.97
CA THR A 114 -5.42 7.15 -22.74
C THR A 114 -4.14 6.37 -23.03
N LEU A 115 -3.06 6.79 -22.37
CA LEU A 115 -1.73 6.17 -22.44
C LEU A 115 -1.39 5.60 -21.06
N PRO A 116 -0.40 4.68 -21.01
CA PRO A 116 0.04 4.08 -19.74
C PRO A 116 0.24 5.13 -18.67
N GLY A 117 -0.27 4.83 -17.47
CA GLY A 117 -0.18 5.72 -16.32
C GLY A 117 -0.67 5.01 -15.08
N GLY A 118 -0.73 5.76 -13.98
CA GLY A 118 -1.17 5.24 -12.70
C GLY A 118 -2.65 5.42 -12.42
N VAL A 119 -2.96 5.67 -11.15
CA VAL A 119 -4.32 5.63 -10.65
C VAL A 119 -5.15 6.80 -11.18
N GLY A 120 -4.55 7.98 -11.25
CA GLY A 120 -5.24 9.15 -11.74
C GLY A 120 -5.61 9.07 -13.20
N THR A 121 -4.66 8.60 -14.00
CA THR A 121 -4.89 8.29 -15.40
C THR A 121 -6.08 7.33 -15.50
N LEU A 122 -6.03 6.23 -14.74
CA LEU A 122 -7.11 5.25 -14.78
C LEU A 122 -8.47 5.90 -14.42
N ASP A 123 -8.48 6.71 -13.36
CA ASP A 123 -9.70 7.42 -12.96
C ASP A 123 -10.25 8.24 -14.13
N GLU A 124 -9.37 8.99 -14.78
CA GLU A 124 -9.75 9.84 -15.91
C GLU A 124 -10.39 9.03 -17.01
N LEU A 125 -9.84 7.84 -17.26
CA LEU A 125 -10.32 6.94 -18.31
C LEU A 125 -11.67 6.30 -17.97
N LEU A 126 -11.78 5.76 -16.77
CA LEU A 126 -13.07 5.23 -16.31
C LEU A 126 -14.15 6.32 -16.27
N ASP A 127 -13.75 7.58 -16.11
CA ASP A 127 -14.73 8.65 -16.05
C ASP A 127 -15.37 8.95 -17.41
N VAL A 128 -14.56 9.00 -18.45
CA VAL A 128 -15.06 9.27 -19.81
C VAL A 128 -15.75 8.04 -20.42
N TRP A 129 -15.28 6.87 -20.02
CA TRP A 129 -15.83 5.61 -20.48
C TRP A 129 -17.22 5.35 -19.90
N THR A 130 -17.40 5.54 -18.59
CA THR A 130 -18.75 5.49 -17.98
C THR A 130 -19.68 6.54 -18.54
N GLU A 131 -19.25 7.80 -18.49
CA GLU A 131 -19.98 8.90 -19.10
C GLU A 131 -20.38 8.56 -20.54
N GLY A 132 -19.53 7.80 -21.24
CA GLY A 132 -19.80 7.39 -22.60
C GLY A 132 -20.93 6.39 -22.76
N TYR A 133 -20.73 5.15 -22.30
CA TYR A 133 -21.72 4.08 -22.52
C TYR A 133 -23.03 4.34 -21.83
N LEU A 134 -23.04 5.22 -20.85
CA LEU A 134 -24.30 5.64 -20.23
C LEU A 134 -25.02 6.72 -21.06
N GLY A 135 -24.40 7.09 -22.18
CA GLY A 135 -25.06 7.89 -23.20
C GLY A 135 -24.97 9.39 -23.06
N MET A 136 -23.93 9.90 -22.40
CA MET A 136 -23.72 11.34 -22.30
C MET A 136 -23.04 11.92 -23.54
N HIS A 137 -22.19 11.13 -24.17
CA HIS A 137 -21.49 11.53 -25.38
C HIS A 137 -21.25 10.33 -26.26
N ASP A 138 -21.13 10.54 -27.57
CA ASP A 138 -20.83 9.46 -28.49
C ASP A 138 -19.37 9.53 -29.01
N LYS A 139 -18.53 10.18 -28.22
CA LYS A 139 -17.11 10.37 -28.52
C LYS A 139 -16.30 9.12 -28.22
N SER A 140 -15.40 8.77 -29.13
CA SER A 140 -14.73 7.48 -29.08
C SER A 140 -13.54 7.44 -28.10
N ILE A 141 -13.46 6.36 -27.33
CA ILE A 141 -12.54 6.29 -26.20
C ILE A 141 -11.43 5.30 -26.46
N VAL A 142 -10.22 5.81 -26.71
CA VAL A 142 -9.09 4.96 -27.10
C VAL A 142 -8.05 4.79 -26.00
N VAL A 143 -7.66 3.54 -25.73
CA VAL A 143 -6.45 3.26 -24.98
C VAL A 143 -5.35 2.77 -25.93
N LEU A 144 -4.31 3.59 -26.08
CA LEU A 144 -3.12 3.20 -26.83
C LEU A 144 -2.10 2.51 -25.92
N ASP A 145 -1.90 1.22 -26.17
CA ASP A 145 -1.08 0.39 -25.29
C ASP A 145 -0.27 -0.63 -26.12
N PRO A 146 0.87 -0.20 -26.66
CA PRO A 146 1.77 -1.04 -27.48
C PRO A 146 2.57 -2.09 -26.70
N TRP A 147 2.62 -1.97 -25.38
CA TRP A 147 3.47 -2.87 -24.59
C TRP A 147 2.73 -3.76 -23.59
N GLY A 148 1.40 -3.72 -23.64
CA GLY A 148 0.58 -4.61 -22.82
C GLY A 148 0.55 -4.14 -21.38
N HIS A 149 0.77 -2.84 -21.19
CA HIS A 149 0.62 -2.20 -19.88
C HIS A 149 -0.75 -2.52 -19.27
N PHE A 150 -1.78 -2.56 -20.11
CA PHE A 150 -3.16 -2.71 -19.63
C PHE A 150 -3.68 -4.16 -19.66
N ASP A 151 -2.80 -5.12 -19.92
CA ASP A 151 -3.16 -6.53 -19.95
C ASP A 151 -4.05 -6.93 -18.75
N GLY A 152 -3.48 -6.82 -17.55
CA GLY A 152 -4.17 -7.22 -16.34
C GLY A 152 -5.59 -6.68 -16.22
N LEU A 153 -5.74 -5.39 -16.49
CA LEU A 153 -7.04 -4.73 -16.43
C LEU A 153 -8.06 -5.38 -17.34
N ARG A 154 -7.60 -5.72 -18.55
CA ARG A 154 -8.44 -6.23 -19.62
C ARG A 154 -8.85 -7.69 -19.40
N ALA A 155 -7.90 -8.57 -19.11
CA ALA A 155 -8.21 -9.95 -18.76
C ALA A 155 -9.27 -10.00 -17.65
N TRP A 156 -9.22 -9.02 -16.75
CA TRP A 156 -10.12 -8.96 -15.60
C TRP A 156 -11.50 -8.41 -15.98
N LEU A 157 -11.55 -7.23 -16.59
CA LEU A 157 -12.79 -6.70 -17.15
C LEU A 157 -13.52 -7.76 -17.99
N SER A 158 -12.72 -8.57 -18.70
CA SER A 158 -13.21 -9.70 -19.46
C SER A 158 -13.86 -10.79 -18.58
N GLU A 159 -13.26 -11.08 -17.43
CA GLU A 159 -13.92 -11.91 -16.39
C GLU A 159 -15.23 -11.27 -15.91
N LEU A 160 -15.26 -9.95 -15.78
CA LEU A 160 -16.47 -9.23 -15.34
C LEU A 160 -17.61 -9.27 -16.38
N ALA A 161 -17.26 -9.37 -17.65
CA ALA A 161 -18.27 -9.47 -18.71
C ALA A 161 -18.81 -10.88 -18.82
N ASP A 162 -17.93 -11.87 -18.61
CA ASP A 162 -18.31 -13.28 -18.61
C ASP A 162 -19.22 -13.65 -17.43
N THR A 163 -19.27 -12.79 -16.40
CA THR A 163 -20.08 -13.03 -15.21
C THR A 163 -21.15 -11.95 -15.00
N GLY A 164 -21.35 -11.13 -16.02
CA GLY A 164 -22.47 -10.19 -16.04
C GLY A 164 -22.32 -8.87 -15.32
N TYR A 165 -21.13 -8.57 -14.80
CA TYR A 165 -20.90 -7.31 -14.09
C TYR A 165 -20.65 -6.11 -15.00
N VAL A 166 -20.22 -6.37 -16.24
CA VAL A 166 -19.96 -5.33 -17.23
C VAL A 166 -20.64 -5.73 -18.54
N SER A 167 -21.48 -4.84 -19.10
CA SER A 167 -22.26 -5.13 -20.31
C SER A 167 -21.41 -5.09 -21.59
N ARG A 168 -21.86 -5.81 -22.61
CA ARG A 168 -21.16 -5.85 -23.90
C ARG A 168 -21.16 -4.51 -24.61
N THR A 169 -22.17 -3.68 -24.31
CA THR A 169 -22.23 -2.31 -24.79
C THR A 169 -21.02 -1.55 -24.32
N ALA A 170 -20.75 -1.65 -23.02
CA ALA A 170 -19.65 -0.94 -22.37
C ALA A 170 -18.28 -1.37 -22.91
N MET A 171 -18.07 -2.68 -23.04
CA MET A 171 -16.78 -3.22 -23.47
C MET A 171 -16.39 -2.68 -24.84
N GLU A 172 -17.38 -2.63 -25.75
CA GLU A 172 -17.15 -2.22 -27.12
C GLU A 172 -16.82 -0.76 -27.27
N ARG A 173 -17.23 0.05 -26.29
CA ARG A 173 -16.94 1.49 -26.28
C ARG A 173 -15.47 1.76 -25.98
N LEU A 174 -14.84 0.81 -25.31
CA LEU A 174 -13.43 0.89 -24.96
C LEU A 174 -12.57 0.31 -26.07
N ILE A 175 -12.07 1.19 -26.94
CA ILE A 175 -11.24 0.79 -28.07
C ILE A 175 -9.80 0.70 -27.60
N VAL A 176 -9.23 -0.51 -27.71
CA VAL A 176 -7.84 -0.73 -27.35
C VAL A 176 -7.02 -1.14 -28.57
N VAL A 177 -5.93 -0.40 -28.79
CA VAL A 177 -5.06 -0.57 -29.95
C VAL A 177 -3.61 -0.71 -29.47
N ASP A 178 -2.77 -1.33 -30.29
CA ASP A 178 -1.38 -1.55 -29.93
C ASP A 178 -0.38 -0.64 -30.66
N ASN A 179 -0.91 0.26 -31.48
CA ASN A 179 -0.09 1.20 -32.24
C ASN A 179 -0.77 2.57 -32.42
N LEU A 180 0.06 3.60 -32.52
CA LEU A 180 -0.38 4.97 -32.71
C LEU A 180 -1.29 5.17 -33.92
N ASP A 181 -0.92 4.54 -35.05
CA ASP A 181 -1.69 4.64 -36.29
C ASP A 181 -3.20 4.36 -36.10
N ASP A 182 -3.52 3.20 -35.54
CA ASP A 182 -4.93 2.85 -35.27
C ASP A 182 -5.56 3.79 -34.26
N ALA A 183 -4.78 4.23 -33.29
CA ALA A 183 -5.24 5.18 -32.27
C ALA A 183 -5.79 6.47 -32.88
N LEU A 184 -5.03 7.07 -33.79
CA LEU A 184 -5.44 8.33 -34.42
C LEU A 184 -6.56 8.13 -35.44
N GLN A 185 -6.54 7.00 -36.15
CA GLN A 185 -7.63 6.69 -37.07
C GLN A 185 -8.95 6.51 -36.33
N ALA A 186 -8.90 5.87 -35.15
CA ALA A 186 -10.08 5.75 -34.30
C ALA A 186 -10.56 7.09 -33.71
N CYS A 187 -9.64 8.06 -33.64
CA CYS A 187 -9.96 9.39 -33.12
C CYS A 187 -10.38 10.38 -34.18
N ALA A 188 -10.10 10.05 -35.44
CA ALA A 188 -10.42 10.91 -36.59
C ALA A 188 -11.92 11.27 -36.73
N PRO A 189 -12.21 12.52 -37.17
CA PRO A 189 -13.62 12.87 -37.47
C PRO A 189 -14.11 12.15 -38.73
N ARG B 13 -24.53 10.55 13.42
CA ARG B 13 -23.31 11.23 12.87
C ARG B 13 -22.47 10.36 11.91
N TRP B 14 -21.86 9.29 12.42
CA TRP B 14 -20.87 8.53 11.63
C TRP B 14 -21.52 7.92 10.40
N THR B 15 -20.94 8.20 9.24
CA THR B 15 -21.56 7.89 7.96
C THR B 15 -20.64 7.03 7.11
N VAL B 16 -21.19 5.94 6.60
CA VAL B 16 -20.43 5.09 5.71
C VAL B 16 -21.13 5.03 4.35
N ALA B 17 -20.31 5.15 3.31
CA ALA B 17 -20.80 5.07 1.95
C ALA B 17 -20.44 3.72 1.40
N VAL B 18 -21.44 3.05 0.84
CA VAL B 18 -21.22 1.77 0.21
C VAL B 18 -21.40 1.90 -1.29
N TYR B 19 -20.33 1.59 -2.03
CA TYR B 19 -20.37 1.54 -3.50
C TYR B 19 -20.48 0.09 -3.92
N CYS B 20 -21.40 -0.19 -4.85
CA CYS B 20 -21.73 -1.56 -5.27
C CYS B 20 -22.54 -1.55 -6.55
N ALA B 21 -22.56 -2.72 -7.21
CA ALA B 21 -23.27 -2.97 -8.46
C ALA B 21 -24.67 -2.34 -8.60
N ALA B 22 -24.97 -1.89 -9.81
CA ALA B 22 -26.28 -1.34 -10.14
C ALA B 22 -26.95 -2.09 -11.29
N ALA B 23 -26.32 -3.17 -11.77
CA ALA B 23 -26.83 -3.87 -12.95
C ALA B 23 -27.26 -5.34 -12.80
N PRO B 24 -26.46 -6.17 -12.11
CA PRO B 24 -26.78 -7.59 -12.13
C PRO B 24 -27.15 -8.14 -10.77
N THR B 25 -28.02 -9.15 -10.77
CA THR B 25 -28.43 -9.80 -9.55
C THR B 25 -27.97 -11.27 -9.47
N HIS B 26 -26.69 -11.46 -9.10
CA HIS B 26 -26.31 -12.72 -8.48
C HIS B 26 -26.77 -12.66 -7.02
N PRO B 27 -27.43 -13.72 -6.54
CA PRO B 27 -27.96 -13.71 -5.17
C PRO B 27 -26.89 -13.53 -4.10
N GLU B 28 -25.69 -14.06 -4.33
CA GLU B 28 -24.61 -13.99 -3.34
C GLU B 28 -24.16 -12.55 -3.11
N LEU B 29 -24.25 -11.73 -4.16
CA LEU B 29 -23.95 -10.31 -4.03
C LEU B 29 -25.07 -9.53 -3.32
N LEU B 30 -26.33 -9.83 -3.64
CA LEU B 30 -27.46 -9.18 -2.97
C LEU B 30 -27.46 -9.53 -1.50
N GLU B 31 -27.06 -10.76 -1.18
CA GLU B 31 -26.91 -11.25 0.18
C GLU B 31 -25.88 -10.41 0.93
N LEU B 32 -24.70 -10.29 0.32
CA LEU B 32 -23.61 -9.54 0.91
C LEU B 32 -24.03 -8.10 1.14
N ALA B 33 -24.65 -7.48 0.14
CA ALA B 33 -25.11 -6.09 0.23
C ALA B 33 -26.15 -5.86 1.32
N GLY B 34 -27.05 -6.82 1.48
CA GLY B 34 -28.09 -6.75 2.49
C GLY B 34 -27.50 -6.92 3.87
N ALA B 35 -26.50 -7.80 3.98
CA ALA B 35 -25.82 -7.99 5.25
C ALA B 35 -25.11 -6.70 5.59
N VAL B 36 -24.41 -6.15 4.60
CA VAL B 36 -23.66 -4.90 4.77
C VAL B 36 -24.55 -3.79 5.30
N GLY B 37 -25.67 -3.53 4.63
CA GLY B 37 -26.62 -2.51 5.06
C GLY B 37 -27.15 -2.65 6.48
N ALA B 38 -27.51 -3.87 6.85
CA ALA B 38 -28.03 -4.19 8.17
C ALA B 38 -27.00 -4.00 9.28
N ALA B 39 -25.74 -4.35 8.99
CA ALA B 39 -24.64 -4.19 9.95
C ALA B 39 -24.34 -2.71 10.20
N ILE B 40 -24.36 -1.91 9.13
CA ILE B 40 -24.15 -0.47 9.25
C ILE B 40 -25.23 0.15 10.14
N ALA B 41 -26.49 -0.24 9.89
CA ALA B 41 -27.64 0.32 10.57
C ALA B 41 -27.71 -0.05 12.06
N ALA B 42 -27.01 -1.11 12.44
CA ALA B 42 -27.00 -1.60 13.81
C ALA B 42 -26.03 -0.84 14.71
N ARG B 43 -25.08 -0.16 14.08
CA ARG B 43 -24.08 0.61 14.83
C ARG B 43 -24.51 2.07 15.00
N GLY B 44 -25.73 2.39 14.59
CA GLY B 44 -26.22 3.77 14.58
C GLY B 44 -25.50 4.62 13.55
N TRP B 45 -24.94 3.95 12.52
CA TRP B 45 -24.28 4.63 11.41
C TRP B 45 -25.24 4.89 10.28
N THR B 46 -25.05 6.03 9.63
CA THR B 46 -25.79 6.40 8.45
C THR B 46 -25.20 5.72 7.19
N LEU B 47 -26.09 5.31 6.30
CA LEU B 47 -25.71 4.83 4.96
C LEU B 47 -25.78 5.96 3.93
N VAL B 48 -24.68 6.14 3.20
CA VAL B 48 -24.71 6.94 1.98
C VAL B 48 -24.42 5.98 0.85
N TRP B 49 -25.22 6.05 -0.20
CA TRP B 49 -25.11 5.20 -1.36
C TRP B 49 -25.68 5.91 -2.58
N GLY B 50 -25.41 5.37 -3.77
CA GLY B 50 -25.87 5.95 -5.04
C GLY B 50 -27.37 6.16 -5.26
N GLY B 51 -28.16 6.02 -4.20
CA GLY B 51 -29.59 6.36 -4.26
C GLY B 51 -30.51 5.62 -5.20
N GLY B 52 -30.05 4.51 -5.75
CA GLY B 52 -30.92 3.68 -6.59
C GLY B 52 -31.45 2.41 -5.94
N HIS B 53 -32.63 2.01 -6.36
CA HIS B 53 -33.22 0.78 -5.85
C HIS B 53 -32.80 -0.45 -6.68
N VAL B 54 -32.14 -0.25 -7.82
CA VAL B 54 -31.66 -1.41 -8.60
C VAL B 54 -30.57 -2.20 -7.89
N SER B 55 -30.64 -3.52 -8.04
CA SER B 55 -29.53 -4.41 -7.72
C SER B 55 -28.95 -4.24 -6.32
N ALA B 56 -27.65 -4.45 -6.20
CA ALA B 56 -26.92 -4.34 -4.94
C ALA B 56 -27.14 -3.02 -4.21
N MET B 57 -27.40 -1.95 -4.98
CA MET B 57 -27.73 -0.65 -4.40
C MET B 57 -29.04 -0.71 -3.61
N GLY B 58 -30.01 -1.45 -4.17
CA GLY B 58 -31.31 -1.63 -3.53
C GLY B 58 -31.21 -2.58 -2.33
N ALA B 59 -30.38 -3.61 -2.46
CA ALA B 59 -30.17 -4.56 -1.37
C ALA B 59 -29.53 -3.91 -0.13
N VAL B 60 -28.57 -3.01 -0.33
CA VAL B 60 -27.85 -2.41 0.79
C VAL B 60 -28.72 -1.36 1.50
N SER B 61 -29.40 -0.55 0.70
CA SER B 61 -30.19 0.57 1.20
C SER B 61 -31.49 0.11 1.84
N SER B 62 -32.24 -0.75 1.14
CA SER B 62 -33.49 -1.25 1.70
C SER B 62 -33.23 -2.04 2.99
N ALA B 63 -32.17 -2.85 2.99
CA ALA B 63 -31.75 -3.57 4.19
C ALA B 63 -31.41 -2.64 5.37
N ALA B 64 -30.72 -1.54 5.07
CA ALA B 64 -30.28 -0.59 6.09
C ALA B 64 -31.48 0.16 6.67
N ARG B 65 -32.48 0.39 5.81
CA ARG B 65 -33.72 1.06 6.18
C ARG B 65 -34.55 0.14 7.07
N ALA B 66 -34.73 -1.10 6.63
CA ALA B 66 -35.53 -2.07 7.37
C ALA B 66 -34.92 -2.42 8.71
N HIS B 67 -33.60 -2.22 8.84
CA HIS B 67 -32.92 -2.50 10.10
C HIS B 67 -32.81 -1.30 11.02
N GLY B 68 -33.38 -0.17 10.62
CA GLY B 68 -33.49 1.02 11.49
C GLY B 68 -32.52 2.17 11.27
N GLY B 69 -31.69 2.09 10.23
CA GLY B 69 -30.69 3.14 9.96
C GLY B 69 -31.13 4.24 8.99
N TRP B 70 -30.55 5.43 9.17
CA TRP B 70 -30.66 6.52 8.22
C TRP B 70 -29.97 6.19 6.88
N THR B 71 -30.66 6.48 5.78
CA THR B 71 -30.13 6.22 4.44
C THR B 71 -30.15 7.48 3.56
N VAL B 72 -29.00 7.82 3.01
CA VAL B 72 -28.84 8.99 2.16
C VAL B 72 -28.46 8.56 0.73
N GLY B 73 -29.34 8.87 -0.20
CA GLY B 73 -29.14 8.52 -1.60
C GLY B 73 -28.69 9.71 -2.41
N VAL B 74 -27.69 9.47 -3.26
CA VAL B 74 -27.09 10.49 -4.09
C VAL B 74 -27.00 9.94 -5.51
N ILE B 75 -27.78 10.55 -6.41
CA ILE B 75 -27.99 10.04 -7.76
C ILE B 75 -28.10 11.19 -8.78
N PRO B 76 -27.43 11.05 -9.94
CA PRO B 76 -27.49 12.06 -11.00
C PRO B 76 -28.90 12.18 -11.54
N LYS B 77 -29.31 13.36 -11.98
CA LYS B 77 -30.60 13.54 -12.64
C LYS B 77 -30.74 12.57 -13.81
N MET B 78 -29.69 12.48 -14.63
CA MET B 78 -29.70 11.63 -15.81
C MET B 78 -29.87 10.13 -15.51
N LEU B 79 -29.57 9.70 -14.29
CA LEU B 79 -29.69 8.27 -13.93
C LEU B 79 -30.92 7.90 -13.08
N VAL B 80 -31.79 8.86 -12.82
CA VAL B 80 -33.01 8.69 -11.99
C VAL B 80 -33.91 7.52 -12.41
N HIS B 81 -34.09 7.33 -13.71
CA HIS B 81 -34.99 6.27 -14.21
C HIS B 81 -34.31 4.93 -14.46
N ARG B 82 -33.03 4.98 -14.80
CA ARG B 82 -32.30 3.78 -15.14
C ARG B 82 -31.96 3.00 -13.89
N GLU B 83 -31.69 3.71 -12.80
CA GLU B 83 -31.23 3.07 -11.59
C GLU B 83 -32.26 3.23 -10.47
N LEU B 84 -33.47 3.61 -10.87
CA LEU B 84 -34.64 3.72 -9.98
C LEU B 84 -34.38 4.50 -8.69
N ALA B 85 -34.42 5.83 -8.79
CA ALA B 85 -34.20 6.72 -7.64
C ALA B 85 -35.09 6.32 -6.47
N ASP B 86 -34.48 6.24 -5.29
CA ASP B 86 -35.14 5.70 -4.12
C ASP B 86 -35.73 6.84 -3.28
N HIS B 87 -36.97 7.21 -3.61
CA HIS B 87 -37.72 8.22 -2.90
C HIS B 87 -38.04 7.82 -1.46
N ASP B 88 -37.65 6.63 -1.06
CA ASP B 88 -37.88 6.12 0.28
C ASP B 88 -36.69 6.38 1.20
N ALA B 89 -35.57 6.82 0.62
CA ALA B 89 -34.42 7.26 1.39
C ALA B 89 -34.84 8.38 2.32
N ASP B 90 -34.12 8.51 3.43
CA ASP B 90 -34.48 9.47 4.46
C ASP B 90 -34.10 10.89 4.02
N GLU B 91 -33.04 10.98 3.22
CA GLU B 91 -32.85 12.10 2.31
C GLU B 91 -32.28 11.64 0.97
N LEU B 92 -32.89 12.16 -0.10
CA LEU B 92 -32.44 11.89 -1.45
C LEU B 92 -31.91 13.18 -2.05
N VAL B 93 -30.75 13.09 -2.70
CA VAL B 93 -30.17 14.23 -3.40
C VAL B 93 -29.93 13.91 -4.87
N VAL B 94 -30.61 14.67 -5.73
CA VAL B 94 -30.51 14.53 -7.18
C VAL B 94 -29.54 15.59 -7.71
N THR B 95 -28.36 15.15 -8.14
CA THR B 95 -27.32 16.06 -8.61
C THR B 95 -27.46 16.32 -10.11
N GLU B 96 -27.09 17.53 -10.52
CA GLU B 96 -27.19 17.90 -11.93
C GLU B 96 -26.26 17.03 -12.79
N THR B 97 -25.06 16.73 -12.29
CA THR B 97 -24.05 15.98 -13.06
C THR B 97 -23.58 14.68 -12.36
N MET B 98 -22.94 13.81 -13.13
CA MET B 98 -22.33 12.57 -12.65
C MET B 98 -21.22 12.83 -11.66
N TRP B 99 -20.44 13.87 -11.95
CA TRP B 99 -19.30 14.25 -11.15
C TRP B 99 -19.75 14.70 -9.74
N GLU B 100 -20.82 15.50 -9.67
CA GLU B 100 -21.32 16.04 -8.41
C GLU B 100 -21.81 14.96 -7.43
N ARG B 101 -22.26 13.84 -7.98
CA ARG B 101 -22.71 12.72 -7.17
C ARG B 101 -21.57 12.20 -6.29
N LYS B 102 -20.45 11.90 -6.94
CA LYS B 102 -19.26 11.44 -6.26
C LYS B 102 -18.77 12.46 -5.25
N GLN B 103 -18.71 13.73 -5.63
CA GLN B 103 -18.31 14.79 -4.71
C GLN B 103 -19.19 14.76 -3.44
N VAL B 104 -20.50 14.88 -3.64
CA VAL B 104 -21.46 14.88 -2.55
C VAL B 104 -21.33 13.62 -1.68
N MET B 105 -21.22 12.45 -2.32
CA MET B 105 -21.08 11.21 -1.55
C MET B 105 -19.85 11.29 -0.66
N GLU B 106 -18.70 11.53 -1.27
CA GLU B 106 -17.42 11.60 -0.57
C GLU B 106 -17.36 12.60 0.58
N ASP B 107 -18.08 13.71 0.44
CA ASP B 107 -18.09 14.75 1.49
C ASP B 107 -18.93 14.39 2.72
N ARG B 108 -20.04 13.68 2.48
CA ARG B 108 -20.96 13.29 3.56
C ARG B 108 -20.50 12.04 4.30
N ALA B 109 -19.68 11.24 3.64
CA ALA B 109 -19.16 10.00 4.21
C ALA B 109 -17.96 10.20 5.15
N ASN B 110 -17.81 9.31 6.11
CA ASN B 110 -16.62 9.28 6.97
C ASN B 110 -15.71 8.13 6.55
N ALA B 111 -16.31 7.08 6.01
CA ALA B 111 -15.58 5.91 5.52
C ALA B 111 -16.29 5.27 4.32
N PHE B 112 -15.56 4.47 3.56
CA PHE B 112 -16.10 3.91 2.35
C PHE B 112 -15.92 2.41 2.30
N ILE B 113 -16.99 1.70 1.97
CA ILE B 113 -16.94 0.27 1.67
C ILE B 113 -17.29 0.02 0.21
N THR B 114 -16.44 -0.71 -0.48
CA THR B 114 -16.70 -1.12 -1.87
C THR B 114 -16.95 -2.63 -1.90
N LEU B 115 -18.00 -3.02 -2.60
CA LEU B 115 -18.37 -4.43 -2.76
C LEU B 115 -18.16 -4.80 -4.23
N PRO B 116 -18.27 -6.11 -4.57
CA PRO B 116 -18.19 -6.45 -5.99
C PRO B 116 -19.13 -5.61 -6.85
N GLY B 117 -18.66 -5.31 -8.06
CA GLY B 117 -19.37 -4.51 -9.04
C GLY B 117 -18.53 -4.47 -10.29
N GLY B 118 -18.89 -3.58 -11.22
CA GLY B 118 -18.18 -3.43 -12.48
C GLY B 118 -17.58 -2.04 -12.63
N VAL B 119 -17.73 -1.47 -13.82
CA VAL B 119 -17.03 -0.23 -14.18
C VAL B 119 -17.47 0.95 -13.35
N GLY B 120 -18.76 1.01 -13.06
CA GLY B 120 -19.32 2.09 -12.25
C GLY B 120 -18.84 2.07 -10.81
N THR B 121 -18.81 0.89 -10.24
CA THR B 121 -18.32 0.73 -8.89
C THR B 121 -16.83 1.09 -8.79
N LEU B 122 -16.08 0.68 -9.82
CA LEU B 122 -14.63 0.88 -9.89
C LEU B 122 -14.31 2.37 -10.02
N ASP B 123 -15.10 3.06 -10.84
CA ASP B 123 -14.94 4.49 -11.06
C ASP B 123 -15.19 5.27 -9.77
N GLU B 124 -16.23 4.87 -9.04
CA GLU B 124 -16.50 5.48 -7.75
C GLU B 124 -15.34 5.18 -6.78
N LEU B 125 -14.86 3.94 -6.77
CA LEU B 125 -13.71 3.60 -5.96
C LEU B 125 -12.50 4.45 -6.32
N LEU B 126 -12.20 4.54 -7.62
CA LEU B 126 -11.08 5.34 -8.10
C LEU B 126 -11.18 6.82 -7.74
N ASP B 127 -12.39 7.36 -7.75
CA ASP B 127 -12.59 8.78 -7.47
C ASP B 127 -12.28 9.17 -6.01
N VAL B 128 -12.50 8.23 -5.08
CA VAL B 128 -12.24 8.44 -3.64
C VAL B 128 -10.81 8.07 -3.25
N TRP B 129 -10.28 7.04 -3.93
CA TRP B 129 -8.91 6.59 -3.74
C TRP B 129 -7.96 7.70 -4.18
N THR B 130 -8.20 8.25 -5.36
CA THR B 130 -7.37 9.31 -5.91
C THR B 130 -7.30 10.49 -4.96
N GLU B 131 -8.47 11.02 -4.61
CA GLU B 131 -8.57 12.09 -3.66
C GLU B 131 -7.87 11.77 -2.34
N GLY B 132 -8.02 10.53 -1.88
CA GLY B 132 -7.29 10.04 -0.71
C GLY B 132 -5.79 10.10 -0.85
N TYR B 133 -5.27 9.48 -1.92
CA TYR B 133 -3.81 9.38 -2.16
C TYR B 133 -3.18 10.74 -2.39
N LEU B 134 -3.89 11.59 -3.15
CA LEU B 134 -3.48 12.98 -3.33
C LEU B 134 -3.56 13.77 -2.02
N GLY B 135 -4.09 13.14 -0.97
CA GLY B 135 -4.12 13.69 0.38
C GLY B 135 -5.22 14.69 0.65
N MET B 136 -6.27 14.63 -0.17
CA MET B 136 -7.39 15.58 -0.06
C MET B 136 -8.38 15.24 1.06
N HIS B 137 -8.26 14.02 1.62
CA HIS B 137 -9.07 13.60 2.79
C HIS B 137 -8.41 12.46 3.58
N ASP B 138 -8.86 12.28 4.81
CA ASP B 138 -8.27 11.33 5.75
C ASP B 138 -9.28 10.23 6.13
N LYS B 139 -9.98 9.69 5.14
CA LYS B 139 -11.09 8.77 5.37
C LYS B 139 -10.74 7.35 4.95
N SER B 140 -11.00 6.38 5.82
CA SER B 140 -10.73 4.97 5.53
C SER B 140 -11.48 4.48 4.28
N ILE B 141 -10.75 3.79 3.40
CA ILE B 141 -11.27 3.25 2.14
C ILE B 141 -11.15 1.72 2.13
N VAL B 142 -12.28 1.04 2.25
CA VAL B 142 -12.32 -0.41 2.43
C VAL B 142 -12.92 -1.14 1.21
N VAL B 143 -12.29 -2.23 0.81
CA VAL B 143 -12.87 -3.14 -0.17
C VAL B 143 -13.21 -4.49 0.51
N LEU B 144 -14.45 -4.94 0.32
CA LEU B 144 -14.95 -6.17 0.94
C LEU B 144 -15.17 -7.19 -0.15
N ASP B 145 -14.31 -8.20 -0.17
CA ASP B 145 -14.24 -9.14 -1.29
C ASP B 145 -14.06 -10.59 -0.78
N PRO B 146 -15.17 -11.23 -0.40
CA PRO B 146 -15.14 -12.57 0.21
C PRO B 146 -14.79 -13.71 -0.75
N TRP B 147 -14.95 -13.52 -2.05
CA TRP B 147 -14.71 -14.61 -2.98
C TRP B 147 -13.72 -14.28 -4.10
N GLY B 148 -12.95 -13.22 -3.91
CA GLY B 148 -11.93 -12.81 -4.88
C GLY B 148 -12.45 -12.28 -6.21
N HIS B 149 -13.56 -11.56 -6.16
CA HIS B 149 -14.05 -10.75 -7.30
C HIS B 149 -12.94 -9.81 -7.83
N PHE B 150 -12.25 -9.13 -6.92
CA PHE B 150 -11.20 -8.16 -7.27
C PHE B 150 -9.80 -8.74 -7.40
N ASP B 151 -9.66 -10.06 -7.30
CA ASP B 151 -8.34 -10.68 -7.45
C ASP B 151 -7.61 -10.10 -8.66
N GLY B 152 -8.19 -10.30 -9.85
CA GLY B 152 -7.61 -9.87 -11.11
C GLY B 152 -7.22 -8.39 -11.19
N LEU B 153 -7.97 -7.54 -10.51
CA LEU B 153 -7.64 -6.12 -10.47
C LEU B 153 -6.41 -5.90 -9.60
N ARG B 154 -6.36 -6.59 -8.46
CA ARG B 154 -5.31 -6.40 -7.47
C ARG B 154 -3.98 -7.00 -7.91
N ALA B 155 -4.06 -8.09 -8.66
CA ALA B 155 -2.86 -8.66 -9.25
C ALA B 155 -2.25 -7.63 -10.21
N TRP B 156 -3.10 -6.96 -10.97
CA TRP B 156 -2.70 -5.88 -11.87
C TRP B 156 -2.09 -4.69 -11.14
N LEU B 157 -2.84 -4.10 -10.21
CA LEU B 157 -2.35 -2.98 -9.41
C LEU B 157 -1.00 -3.24 -8.75
N SER B 158 -0.76 -4.48 -8.33
CA SER B 158 0.53 -4.87 -7.76
C SER B 158 1.68 -4.77 -8.76
N GLU B 159 1.45 -5.25 -9.99
CA GLU B 159 2.40 -5.10 -11.11
C GLU B 159 2.78 -3.62 -11.29
N LEU B 160 1.76 -2.77 -11.32
CA LEU B 160 1.96 -1.33 -11.48
C LEU B 160 2.80 -0.78 -10.35
N ALA B 161 2.48 -1.19 -9.13
CA ALA B 161 3.26 -0.82 -7.95
C ALA B 161 4.72 -1.25 -8.12
N ASP B 162 4.93 -2.53 -8.37
CA ASP B 162 6.26 -3.08 -8.61
C ASP B 162 7.02 -2.33 -9.74
N THR B 163 6.31 -1.95 -10.81
CA THR B 163 6.93 -1.27 -11.96
C THR B 163 6.91 0.27 -11.89
N GLY B 164 6.52 0.80 -10.73
CA GLY B 164 6.58 2.25 -10.46
C GLY B 164 5.50 3.13 -11.04
N TYR B 165 4.31 2.58 -11.31
CA TYR B 165 3.20 3.38 -11.82
C TYR B 165 2.20 3.83 -10.74
N VAL B 166 2.18 3.10 -9.62
CA VAL B 166 1.41 3.43 -8.43
C VAL B 166 2.32 3.35 -7.21
N SER B 167 2.33 4.41 -6.39
CA SER B 167 3.23 4.50 -5.24
C SER B 167 2.86 3.54 -4.10
N ARG B 168 3.81 3.28 -3.22
CA ARG B 168 3.59 2.46 -2.02
C ARG B 168 2.55 3.04 -1.05
N THR B 169 2.53 4.36 -0.88
CA THR B 169 1.56 5.01 0.04
C THR B 169 0.16 5.01 -0.54
N ALA B 170 0.10 4.75 -1.85
CA ALA B 170 -1.16 4.68 -2.58
C ALA B 170 -1.80 3.30 -2.44
N MET B 171 -0.99 2.25 -2.49
CA MET B 171 -1.52 0.90 -2.31
C MET B 171 -1.96 0.69 -0.86
N GLU B 172 -1.21 1.26 0.08
CA GLU B 172 -1.47 1.13 1.54
C GLU B 172 -2.69 1.95 1.98
N ARG B 173 -3.23 2.73 1.05
CA ARG B 173 -4.43 3.51 1.25
C ARG B 173 -5.69 2.65 1.09
N LEU B 174 -5.57 1.55 0.32
CA LEU B 174 -6.65 0.56 0.13
C LEU B 174 -6.61 -0.60 1.14
N ILE B 175 -7.58 -0.64 2.05
CA ILE B 175 -7.78 -1.80 2.92
C ILE B 175 -8.70 -2.80 2.24
N VAL B 176 -8.16 -3.95 1.83
CA VAL B 176 -8.98 -5.01 1.22
C VAL B 176 -9.15 -6.18 2.18
N VAL B 177 -10.40 -6.52 2.48
CA VAL B 177 -10.69 -7.59 3.46
C VAL B 177 -11.63 -8.62 2.88
N ASP B 178 -11.66 -9.81 3.48
CA ASP B 178 -12.55 -10.88 3.00
C ASP B 178 -13.84 -11.03 3.79
N ASN B 179 -13.90 -10.50 5.00
CA ASN B 179 -15.08 -10.62 5.86
C ASN B 179 -15.72 -9.30 6.31
N LEU B 180 -17.03 -9.35 6.53
CA LEU B 180 -17.79 -8.19 6.98
C LEU B 180 -17.36 -7.67 8.38
N ASP B 181 -16.91 -8.56 9.26
CA ASP B 181 -16.43 -8.13 10.58
C ASP B 181 -15.23 -7.18 10.52
N ASP B 182 -14.29 -7.45 9.61
CA ASP B 182 -13.09 -6.63 9.44
C ASP B 182 -13.37 -5.31 8.70
N ALA B 183 -14.21 -5.38 7.68
CA ALA B 183 -14.65 -4.19 6.97
C ALA B 183 -15.25 -3.15 7.91
N LEU B 184 -16.13 -3.60 8.80
CA LEU B 184 -16.74 -2.70 9.78
C LEU B 184 -15.72 -2.15 10.76
N GLN B 185 -14.83 -3.02 11.23
CA GLN B 185 -13.76 -2.61 12.16
C GLN B 185 -12.78 -1.63 11.50
N ALA B 186 -12.54 -1.79 10.20
CA ALA B 186 -11.70 -0.87 9.45
C ALA B 186 -12.42 0.45 9.16
N CYS B 187 -13.75 0.43 9.22
CA CYS B 187 -14.59 1.60 8.98
C CYS B 187 -14.96 2.42 10.21
N ALA B 188 -14.78 1.85 11.41
CA ALA B 188 -15.18 2.50 12.67
C ALA B 188 -14.44 3.81 12.95
N PRO B 189 -15.09 4.73 13.68
CA PRO B 189 -14.45 6.01 14.08
C PRO B 189 -13.27 5.83 15.05
N ARG C 13 49.76 16.53 1.37
CA ARG C 13 49.01 17.11 2.53
C ARG C 13 47.72 17.79 2.10
N TRP C 14 47.75 18.56 1.01
CA TRP C 14 46.55 19.24 0.49
C TRP C 14 45.46 18.23 0.08
N THR C 15 44.22 18.51 0.49
CA THR C 15 43.10 17.57 0.37
C THR C 15 41.86 18.18 -0.29
N VAL C 16 41.28 17.44 -1.22
CA VAL C 16 40.06 17.90 -1.89
C VAL C 16 38.96 16.82 -1.82
N ALA C 17 37.81 17.21 -1.32
CA ALA C 17 36.65 16.37 -1.34
C ALA C 17 35.98 16.44 -2.71
N VAL C 18 35.35 15.36 -3.13
CA VAL C 18 34.58 15.38 -4.36
C VAL C 18 33.22 14.82 -4.06
N TYR C 19 32.18 15.55 -4.46
CA TYR C 19 30.84 15.09 -4.23
C TYR C 19 30.24 14.83 -5.59
N CYS C 20 29.68 13.64 -5.75
CA CYS C 20 29.27 13.16 -7.05
C CYS C 20 28.22 12.05 -6.89
N ALA C 21 27.53 11.73 -7.99
CA ALA C 21 26.43 10.77 -7.99
C ALA C 21 26.81 9.38 -7.48
N ALA C 22 25.80 8.63 -7.03
CA ALA C 22 25.98 7.27 -6.53
C ALA C 22 25.28 6.22 -7.38
N ALA C 23 24.46 6.65 -8.34
CA ALA C 23 23.62 5.74 -9.13
C ALA C 23 23.97 5.56 -10.62
N PRO C 24 23.91 6.65 -11.42
CA PRO C 24 23.93 6.49 -12.87
C PRO C 24 25.30 6.18 -13.47
N THR C 25 25.28 5.61 -14.66
CA THR C 25 26.50 5.20 -15.36
C THR C 25 26.63 5.88 -16.73
N HIS C 26 26.07 7.07 -16.87
CA HIS C 26 26.26 7.85 -18.09
C HIS C 26 27.77 8.09 -18.30
N PRO C 27 28.29 7.69 -19.48
CA PRO C 27 29.73 7.65 -19.76
C PRO C 27 30.41 9.02 -19.66
N GLU C 28 29.68 10.08 -19.96
CA GLU C 28 30.21 11.44 -19.78
C GLU C 28 30.53 11.69 -18.30
N LEU C 29 29.64 11.24 -17.40
CA LEU C 29 29.84 11.46 -15.97
C LEU C 29 30.97 10.61 -15.43
N LEU C 30 31.06 9.36 -15.89
CA LEU C 30 32.13 8.47 -15.42
C LEU C 30 33.54 8.88 -15.89
N GLU C 31 33.63 9.50 -17.06
CA GLU C 31 34.90 10.01 -17.58
C GLU C 31 35.28 11.29 -16.83
N LEU C 32 34.34 12.21 -16.74
CA LEU C 32 34.50 13.41 -15.94
C LEU C 32 34.99 13.06 -14.52
N ALA C 33 34.36 12.08 -13.90
CA ALA C 33 34.78 11.61 -12.59
C ALA C 33 36.23 11.10 -12.64
N GLY C 34 36.51 10.28 -13.65
CA GLY C 34 37.86 9.77 -13.89
C GLY C 34 38.89 10.88 -13.99
N ALA C 35 38.62 11.84 -14.88
CA ALA C 35 39.56 12.92 -15.14
C ALA C 35 39.84 13.76 -13.89
N VAL C 36 38.82 13.95 -13.06
CA VAL C 36 38.95 14.70 -11.81
C VAL C 36 39.85 13.97 -10.79
N GLY C 37 39.62 12.68 -10.60
CA GLY C 37 40.46 11.88 -9.72
C GLY C 37 41.92 11.87 -10.13
N ALA C 38 42.17 11.56 -11.42
CA ALA C 38 43.53 11.50 -11.95
C ALA C 38 44.30 12.83 -11.81
N ALA C 39 43.57 13.94 -11.86
CA ALA C 39 44.16 15.27 -11.81
C ALA C 39 44.53 15.66 -10.37
N ILE C 40 43.72 15.21 -9.42
CA ILE C 40 43.98 15.44 -7.98
C ILE C 40 45.21 14.64 -7.54
N ALA C 41 45.33 13.41 -8.02
CA ALA C 41 46.45 12.54 -7.70
C ALA C 41 47.75 13.05 -8.32
N ALA C 42 47.66 13.48 -9.57
CA ALA C 42 48.81 13.98 -10.33
C ALA C 42 49.44 15.21 -9.66
N ARG C 43 48.60 16.11 -9.16
CA ARG C 43 49.08 17.30 -8.45
C ARG C 43 49.63 16.93 -7.06
N GLY C 44 49.51 15.66 -6.69
CA GLY C 44 49.97 15.17 -5.41
C GLY C 44 49.03 15.48 -4.27
N TRP C 45 47.75 15.68 -4.58
CA TRP C 45 46.75 15.94 -3.54
C TRP C 45 46.04 14.66 -3.11
N THR C 46 45.57 14.69 -1.86
CA THR C 46 44.73 13.63 -1.30
C THR C 46 43.28 13.83 -1.77
N LEU C 47 42.61 12.72 -2.10
CA LEU C 47 41.20 12.73 -2.45
C LEU C 47 40.39 12.20 -1.29
N VAL C 48 39.38 12.99 -0.90
CA VAL C 48 38.35 12.57 0.03
C VAL C 48 37.05 12.41 -0.77
N TRP C 49 36.36 11.29 -0.58
CA TRP C 49 35.06 11.03 -1.18
C TRP C 49 34.28 10.08 -0.28
N GLY C 50 32.94 10.10 -0.38
CA GLY C 50 32.04 9.23 0.41
C GLY C 50 32.33 7.73 0.49
N GLY C 51 33.45 7.29 -0.08
CA GLY C 51 33.99 5.94 0.19
C GLY C 51 33.28 4.75 -0.45
N GLY C 52 32.53 4.99 -1.51
CA GLY C 52 31.84 3.92 -2.24
C GLY C 52 32.45 3.73 -3.61
N HIS C 53 32.33 2.51 -4.14
CA HIS C 53 32.86 2.22 -5.47
C HIS C 53 31.81 2.27 -6.61
N VAL C 54 30.60 2.70 -6.28
CA VAL C 54 29.55 2.83 -7.29
C VAL C 54 29.65 4.14 -8.07
N SER C 55 29.32 4.05 -9.36
CA SER C 55 29.05 5.22 -10.19
C SER C 55 30.21 6.22 -10.28
N ALA C 56 29.93 7.51 -10.13
CA ALA C 56 30.97 8.54 -10.17
C ALA C 56 31.90 8.50 -8.95
N MET C 57 31.37 8.02 -7.82
CA MET C 57 32.18 7.84 -6.63
C MET C 57 33.35 6.89 -6.93
N GLY C 58 33.01 5.74 -7.51
CA GLY C 58 34.00 4.73 -7.87
C GLY C 58 34.85 5.06 -9.08
N ALA C 59 34.43 6.03 -9.88
CA ALA C 59 35.24 6.47 -11.01
C ALA C 59 36.36 7.41 -10.52
N VAL C 60 35.99 8.46 -9.80
CA VAL C 60 36.95 9.40 -9.22
C VAL C 60 37.91 8.72 -8.24
N SER C 61 37.40 7.72 -7.51
CA SER C 61 38.16 7.02 -6.48
C SER C 61 39.30 6.21 -7.06
N SER C 62 38.98 5.35 -8.03
CA SER C 62 39.96 4.43 -8.61
C SER C 62 40.93 5.13 -9.57
N ALA C 63 40.44 6.19 -10.23
CA ALA C 63 41.30 7.01 -11.08
C ALA C 63 42.45 7.61 -10.27
N ALA C 64 42.11 8.21 -9.14
CA ALA C 64 43.09 8.76 -8.20
C ALA C 64 44.12 7.73 -7.71
N ARG C 65 43.68 6.49 -7.49
CA ARG C 65 44.54 5.36 -7.10
C ARG C 65 45.51 4.92 -8.21
N ALA C 66 45.00 4.82 -9.44
CA ALA C 66 45.82 4.46 -10.59
C ALA C 66 46.94 5.47 -10.85
N HIS C 67 46.74 6.71 -10.40
CA HIS C 67 47.73 7.76 -10.56
C HIS C 67 48.51 8.04 -9.28
N GLY C 68 48.49 7.07 -8.37
CA GLY C 68 49.35 7.08 -7.18
C GLY C 68 48.86 7.99 -6.07
N GLY C 69 47.59 8.36 -6.16
CA GLY C 69 47.01 9.32 -5.23
C GLY C 69 46.55 8.67 -3.95
N TRP C 70 46.75 9.38 -2.85
CA TRP C 70 46.18 8.99 -1.56
C TRP C 70 44.66 9.21 -1.61
N THR C 71 43.91 8.16 -1.34
CA THR C 71 42.45 8.25 -1.28
C THR C 71 41.98 7.96 0.11
N VAL C 72 41.11 8.83 0.63
CA VAL C 72 40.47 8.61 1.90
C VAL C 72 38.95 8.52 1.66
N GLY C 73 38.35 7.37 1.99
CA GLY C 73 36.90 7.19 1.85
C GLY C 73 36.16 7.34 3.18
N VAL C 74 34.96 7.91 3.14
CA VAL C 74 34.16 8.07 4.36
C VAL C 74 32.71 7.65 4.10
N ILE C 75 32.37 6.43 4.50
CA ILE C 75 31.03 5.86 4.27
C ILE C 75 30.32 5.52 5.61
N PRO C 76 29.04 5.91 5.76
CA PRO C 76 28.31 5.51 6.97
C PRO C 76 27.97 4.03 6.96
N LYS C 77 27.88 3.41 8.14
CA LYS C 77 27.72 1.95 8.27
C LYS C 77 26.50 1.37 7.55
N MET C 78 25.37 2.09 7.59
CA MET C 78 24.13 1.65 6.95
C MET C 78 24.26 1.44 5.43
N LEU C 79 25.07 2.27 4.78
CA LEU C 79 25.22 2.27 3.33
C LEU C 79 26.43 1.49 2.82
N VAL C 80 27.16 0.82 3.72
CA VAL C 80 28.37 0.05 3.37
C VAL C 80 28.18 -0.97 2.24
N HIS C 81 27.01 -1.63 2.23
CA HIS C 81 26.66 -2.61 1.20
C HIS C 81 26.03 -1.97 -0.04
N ARG C 82 25.08 -1.06 0.19
CA ARG C 82 24.38 -0.36 -0.89
C ARG C 82 25.29 0.46 -1.80
N GLU C 83 26.31 1.09 -1.22
CA GLU C 83 27.21 1.99 -1.99
C GLU C 83 28.60 1.38 -2.24
N LEU C 84 28.76 0.11 -1.85
CA LEU C 84 29.97 -0.69 -2.09
C LEU C 84 31.27 -0.13 -1.50
N ALA C 85 31.33 -0.05 -0.17
CA ALA C 85 32.50 0.44 0.57
C ALA C 85 33.85 0.00 -0.01
N ASP C 86 34.73 0.98 -0.23
CA ASP C 86 36.01 0.77 -0.91
C ASP C 86 37.11 0.30 0.03
N HIS C 87 37.31 -1.01 0.10
CA HIS C 87 38.33 -1.57 0.97
C HIS C 87 39.75 -1.46 0.40
N ASP C 88 39.86 -0.95 -0.82
CA ASP C 88 41.15 -0.60 -1.44
C ASP C 88 41.55 0.85 -1.16
N ALA C 89 40.67 1.61 -0.50
CA ALA C 89 40.99 2.97 -0.08
C ALA C 89 42.16 2.95 0.89
N ASP C 90 42.97 4.00 0.87
CA ASP C 90 44.15 4.07 1.72
C ASP C 90 43.77 4.29 3.18
N GLU C 91 42.56 4.84 3.39
CA GLU C 91 41.96 5.02 4.71
C GLU C 91 40.45 5.03 4.57
N LEU C 92 39.80 4.03 5.16
CA LEU C 92 38.35 3.90 5.13
C LEU C 92 37.71 4.20 6.48
N VAL C 93 36.99 5.32 6.56
CA VAL C 93 36.33 5.75 7.78
C VAL C 93 34.84 5.43 7.74
N VAL C 94 34.45 4.43 8.52
CA VAL C 94 33.06 4.00 8.67
C VAL C 94 32.41 4.70 9.87
N THR C 95 31.38 5.50 9.59
CA THR C 95 30.80 6.34 10.63
C THR C 95 29.48 5.78 11.13
N GLU C 96 29.17 6.09 12.39
CA GLU C 96 27.90 5.70 13.01
C GLU C 96 26.68 6.34 12.33
N THR C 97 26.77 7.62 11.97
CA THR C 97 25.62 8.31 11.37
C THR C 97 25.92 9.08 10.09
N MET C 98 24.83 9.47 9.41
CA MET C 98 24.88 10.30 8.22
C MET C 98 25.59 11.63 8.48
N TRP C 99 25.22 12.30 9.56
CA TRP C 99 25.77 13.61 9.91
C TRP C 99 27.29 13.57 10.08
N GLU C 100 27.78 12.59 10.85
CA GLU C 100 29.21 12.43 11.06
C GLU C 100 29.99 12.26 9.74
N ARG C 101 29.38 11.61 8.76
CA ARG C 101 29.98 11.48 7.42
C ARG C 101 30.31 12.84 6.78
N LYS C 102 29.38 13.78 6.88
CA LYS C 102 29.58 15.10 6.26
C LYS C 102 30.58 15.95 7.06
N GLN C 103 30.49 15.90 8.38
CA GLN C 103 31.44 16.54 9.29
C GLN C 103 32.88 16.06 9.00
N VAL C 104 33.06 14.74 8.92
CA VAL C 104 34.37 14.09 8.72
C VAL C 104 34.97 14.33 7.33
N MET C 105 34.14 14.58 6.33
CA MET C 105 34.66 14.96 5.01
C MET C 105 35.06 16.44 4.98
N GLU C 106 34.37 17.25 5.78
CA GLU C 106 34.61 18.71 5.83
C GLU C 106 35.82 19.10 6.70
N ASP C 107 36.16 18.24 7.65
CA ASP C 107 37.33 18.46 8.51
C ASP C 107 38.65 17.98 7.87
N ARG C 108 38.54 17.00 6.99
CA ARG C 108 39.69 16.45 6.29
C ARG C 108 40.02 17.24 5.01
N ALA C 109 38.99 17.81 4.38
CA ALA C 109 39.14 18.56 3.14
C ALA C 109 39.69 19.96 3.32
N ASN C 110 40.39 20.44 2.28
CA ASN C 110 40.93 21.79 2.24
C ASN C 110 40.15 22.68 1.28
N ALA C 111 39.46 22.02 0.33
CA ALA C 111 38.61 22.63 -0.70
C ALA C 111 37.55 21.60 -1.16
N PHE C 112 36.62 22.02 -2.00
CA PHE C 112 35.50 21.14 -2.41
C PHE C 112 35.16 21.15 -3.91
N ILE C 113 34.96 19.97 -4.48
CA ILE C 113 34.48 19.85 -5.84
C ILE C 113 33.17 19.06 -5.84
N THR C 114 32.16 19.62 -6.50
CA THR C 114 30.90 18.95 -6.61
C THR C 114 30.68 18.68 -8.09
N LEU C 115 30.39 17.42 -8.41
CA LEU C 115 30.15 17.00 -9.79
C LEU C 115 28.66 16.72 -9.96
N PRO C 116 28.20 16.51 -11.20
CA PRO C 116 26.82 16.09 -11.41
C PRO C 116 26.42 14.97 -10.46
N GLY C 117 25.32 15.20 -9.75
CA GLY C 117 24.66 14.18 -8.95
C GLY C 117 23.25 14.60 -8.58
N GLY C 118 22.58 13.74 -7.82
CA GLY C 118 21.20 13.96 -7.42
C GLY C 118 21.09 14.53 -6.04
N VAL C 119 20.04 14.16 -5.32
CA VAL C 119 19.72 14.75 -4.01
C VAL C 119 20.82 14.56 -2.97
N GLY C 120 21.35 13.34 -2.88
CA GLY C 120 22.50 13.05 -2.01
C GLY C 120 23.67 13.99 -2.21
N THR C 121 24.04 14.22 -3.46
CA THR C 121 25.14 15.11 -3.83
C THR C 121 24.77 16.55 -3.51
N LEU C 122 23.53 16.90 -3.84
CA LEU C 122 22.98 18.21 -3.49
C LEU C 122 23.05 18.44 -1.98
N ASP C 123 22.65 17.44 -1.20
CA ASP C 123 22.70 17.49 0.27
C ASP C 123 24.11 17.71 0.83
N GLU C 124 25.10 17.09 0.18
CA GLU C 124 26.47 17.13 0.67
C GLU C 124 27.06 18.50 0.34
N LEU C 125 26.76 18.97 -0.87
CA LEU C 125 27.12 20.32 -1.29
C LEU C 125 26.50 21.39 -0.38
N LEU C 126 25.20 21.28 -0.11
CA LEU C 126 24.51 22.31 0.69
C LEU C 126 24.99 22.39 2.14
N ASP C 127 25.36 21.26 2.72
CA ASP C 127 25.91 21.24 4.08
C ASP C 127 27.19 22.09 4.21
N VAL C 128 28.11 21.88 3.28
CA VAL C 128 29.40 22.59 3.27
C VAL C 128 29.22 24.06 2.86
N TRP C 129 28.28 24.29 1.95
CA TRP C 129 28.02 25.61 1.40
C TRP C 129 27.39 26.53 2.45
N THR C 130 26.33 26.10 3.13
CA THR C 130 25.76 26.95 4.19
C THR C 130 26.76 27.24 5.31
N GLU C 131 27.53 26.22 5.71
CA GLU C 131 28.50 26.34 6.79
C GLU C 131 29.56 27.38 6.46
N GLY C 132 29.93 27.45 5.19
CA GLY C 132 30.91 28.42 4.71
C GLY C 132 30.39 29.84 4.70
N TYR C 133 29.26 30.05 4.01
CA TYR C 133 28.71 31.40 3.93
C TYR C 133 28.16 31.93 5.28
N LEU C 134 27.84 31.03 6.20
CA LEU C 134 27.51 31.44 7.57
C LEU C 134 28.77 31.65 8.45
N GLY C 135 29.94 31.41 7.88
CA GLY C 135 31.22 31.81 8.49
C GLY C 135 31.97 30.76 9.30
N MET C 136 31.81 29.49 8.97
CA MET C 136 32.46 28.44 9.75
C MET C 136 33.80 28.03 9.14
N HIS C 137 33.99 28.30 7.84
CA HIS C 137 35.25 27.97 7.15
C HIS C 137 35.56 28.85 5.93
N ASP C 138 36.86 28.91 5.60
CA ASP C 138 37.41 29.72 4.51
C ASP C 138 37.48 28.94 3.19
N LYS C 139 37.28 27.63 3.27
CA LYS C 139 37.52 26.68 2.16
C LYS C 139 36.66 26.92 0.92
N SER C 140 37.27 26.84 -0.27
CA SER C 140 36.52 27.10 -1.50
C SER C 140 35.70 25.90 -1.98
N ILE C 141 34.51 26.21 -2.50
CA ILE C 141 33.50 25.23 -2.85
C ILE C 141 33.19 25.39 -4.33
N VAL C 142 33.68 24.44 -5.14
CA VAL C 142 33.53 24.49 -6.60
C VAL C 142 32.47 23.50 -7.08
N VAL C 143 31.64 23.95 -8.01
CA VAL C 143 30.75 23.06 -8.76
C VAL C 143 31.27 22.97 -10.21
N LEU C 144 31.56 21.74 -10.65
CA LEU C 144 32.12 21.48 -11.98
C LEU C 144 31.04 20.86 -12.87
N ASP C 145 30.64 21.60 -13.91
CA ASP C 145 29.45 21.25 -14.67
C ASP C 145 29.60 21.61 -16.15
N PRO C 146 30.35 20.79 -16.93
CA PRO C 146 30.56 21.11 -18.35
C PRO C 146 29.28 21.16 -19.22
N TRP C 147 28.32 20.29 -18.96
CA TRP C 147 27.13 20.22 -19.78
C TRP C 147 25.88 20.89 -19.19
N GLY C 148 26.01 21.54 -18.03
CA GLY C 148 24.89 22.25 -17.42
C GLY C 148 23.84 21.39 -16.74
N HIS C 149 24.30 20.32 -16.10
CA HIS C 149 23.49 19.46 -15.20
C HIS C 149 22.74 20.29 -14.12
N PHE C 150 23.41 21.30 -13.57
CA PHE C 150 22.80 22.11 -12.52
C PHE C 150 22.17 23.40 -13.05
N ASP C 151 22.02 23.53 -14.37
CA ASP C 151 21.45 24.75 -14.94
C ASP C 151 20.12 25.14 -14.29
N GLY C 152 19.21 24.17 -14.14
CA GLY C 152 17.89 24.42 -13.58
C GLY C 152 17.92 24.84 -12.12
N LEU C 153 18.83 24.23 -11.35
CA LEU C 153 18.99 24.61 -9.94
C LEU C 153 19.56 26.02 -9.81
N ARG C 154 20.58 26.33 -10.61
CA ARG C 154 21.25 27.64 -10.57
C ARG C 154 20.29 28.76 -10.94
N ALA C 155 19.44 28.51 -11.93
CA ALA C 155 18.40 29.47 -12.34
C ALA C 155 17.39 29.74 -11.22
N TRP C 156 16.84 28.67 -10.65
CA TRP C 156 15.94 28.80 -9.52
C TRP C 156 16.56 29.58 -8.34
N LEU C 157 17.80 29.21 -7.97
CA LEU C 157 18.54 29.88 -6.89
C LEU C 157 18.72 31.39 -7.08
N SER C 158 18.91 31.81 -8.34
CA SER C 158 19.05 33.22 -8.64
C SER C 158 17.72 33.95 -8.54
N GLU C 159 16.62 33.25 -8.85
CA GLU C 159 15.29 33.84 -8.67
C GLU C 159 15.06 34.08 -7.20
N LEU C 160 15.56 33.16 -6.37
CA LEU C 160 15.53 33.33 -4.93
C LEU C 160 16.42 34.49 -4.46
N ALA C 161 17.50 34.73 -5.19
CA ALA C 161 18.38 35.84 -4.86
C ALA C 161 17.68 37.15 -5.19
N ASP C 162 17.06 37.21 -6.36
CA ASP C 162 16.31 38.38 -6.81
C ASP C 162 15.14 38.69 -5.89
N THR C 163 14.61 37.67 -5.22
CA THR C 163 13.45 37.87 -4.34
C THR C 163 13.80 38.01 -2.85
N GLY C 164 15.08 37.88 -2.50
CA GLY C 164 15.55 38.12 -1.14
C GLY C 164 15.77 36.89 -0.26
N TYR C 165 15.46 35.70 -0.80
CA TYR C 165 15.57 34.46 -0.02
C TYR C 165 17.00 33.94 0.11
N VAL C 166 17.85 34.26 -0.86
CA VAL C 166 19.28 33.90 -0.82
C VAL C 166 20.16 35.15 -0.87
N SER C 167 21.18 35.20 -0.01
CA SER C 167 22.06 36.37 0.04
C SER C 167 23.19 36.32 -0.98
N ARG C 168 23.71 37.51 -1.28
CA ARG C 168 24.78 37.66 -2.25
C ARG C 168 26.07 36.94 -1.80
N THR C 169 26.34 37.02 -0.51
CA THR C 169 27.47 36.33 0.11
C THR C 169 27.33 34.83 -0.05
N ALA C 170 26.09 34.34 0.08
CA ALA C 170 25.78 32.96 -0.22
C ALA C 170 26.07 32.62 -1.69
N MET C 171 25.56 33.44 -2.62
CA MET C 171 25.84 33.23 -4.05
C MET C 171 27.33 33.30 -4.40
N GLU C 172 28.06 34.04 -3.58
CA GLU C 172 29.47 34.36 -3.79
C GLU C 172 30.35 33.16 -3.45
N ARG C 173 29.98 32.43 -2.40
CA ARG C 173 30.71 31.21 -2.02
C ARG C 173 30.55 30.02 -2.97
N LEU C 174 29.50 30.00 -3.78
CA LEU C 174 29.36 28.93 -4.77
C LEU C 174 30.04 29.33 -6.08
N ILE C 175 31.20 28.72 -6.32
CA ILE C 175 31.96 28.98 -7.53
C ILE C 175 31.63 27.87 -8.51
N VAL C 176 30.97 28.24 -9.59
CA VAL C 176 30.55 27.27 -10.60
C VAL C 176 31.37 27.44 -11.86
N VAL C 177 32.01 26.36 -12.30
CA VAL C 177 32.79 26.38 -13.54
C VAL C 177 32.43 25.22 -14.45
N ASP C 178 32.78 25.35 -15.73
CA ASP C 178 32.38 24.38 -16.78
C ASP C 178 33.54 23.57 -17.36
N ASN C 179 34.72 23.72 -16.79
CA ASN C 179 35.91 23.01 -17.25
C ASN C 179 36.76 22.56 -16.08
N LEU C 180 37.58 21.55 -16.30
CA LEU C 180 38.42 20.99 -15.23
C LEU C 180 39.50 21.95 -14.73
N ASP C 181 40.20 22.60 -15.67
CA ASP C 181 41.29 23.49 -15.31
C ASP C 181 40.84 24.51 -14.29
N ASP C 182 39.78 25.24 -14.60
CA ASP C 182 39.31 26.33 -13.75
C ASP C 182 38.90 25.86 -12.36
N ALA C 183 38.41 24.63 -12.28
CA ALA C 183 38.06 23.99 -11.02
C ALA C 183 39.27 23.66 -10.15
N LEU C 184 40.33 23.16 -10.76
CA LEU C 184 41.56 22.84 -10.04
C LEU C 184 42.25 24.11 -9.54
N GLN C 185 42.18 25.17 -10.33
CA GLN C 185 42.74 26.46 -9.95
C GLN C 185 42.07 27.07 -8.71
N ALA C 186 40.75 26.93 -8.59
CA ALA C 186 40.03 27.48 -7.42
C ALA C 186 40.25 26.64 -6.16
N CYS C 187 40.72 25.41 -6.35
CA CYS C 187 40.94 24.48 -5.24
C CYS C 187 42.37 24.45 -4.71
N ALA C 188 43.31 24.89 -5.55
CA ALA C 188 44.72 24.92 -5.16
C ALA C 188 44.95 25.92 -4.03
N PRO C 189 45.94 25.66 -3.15
CA PRO C 189 46.34 26.63 -2.10
C PRO C 189 46.87 27.93 -2.69
N ARG D 13 2.29 15.97 23.49
CA ARG D 13 2.28 14.76 22.61
C ARG D 13 2.82 15.15 21.22
N TRP D 14 2.12 14.77 20.14
CA TRP D 14 2.53 15.00 18.73
C TRP D 14 3.33 16.28 18.40
N THR D 15 4.41 16.13 17.63
CA THR D 15 5.32 17.24 17.28
C THR D 15 5.55 17.46 15.76
N VAL D 16 5.45 18.72 15.34
CA VAL D 16 5.68 19.11 13.95
C VAL D 16 6.85 20.11 13.90
N ALA D 17 7.90 19.75 13.17
CA ALA D 17 9.03 20.62 12.90
C ALA D 17 8.72 21.42 11.66
N VAL D 18 9.05 22.71 11.70
CA VAL D 18 8.70 23.62 10.61
C VAL D 18 9.93 24.38 10.16
N TYR D 19 10.35 24.10 8.93
CA TYR D 19 11.47 24.77 8.29
C TYR D 19 10.94 25.86 7.38
N CYS D 20 11.59 27.02 7.41
CA CYS D 20 11.14 28.17 6.64
C CYS D 20 12.21 29.24 6.65
N ALA D 21 12.05 30.21 5.74
CA ALA D 21 12.99 31.31 5.54
C ALA D 21 13.42 32.00 6.83
N ALA D 22 14.65 32.47 6.83
CA ALA D 22 15.20 33.22 7.94
C ALA D 22 15.55 34.69 7.59
N ALA D 23 15.22 35.11 6.36
CA ALA D 23 15.59 36.48 5.91
C ALA D 23 14.47 37.45 5.46
N PRO D 24 13.70 37.12 4.41
CA PRO D 24 12.79 38.11 3.84
C PRO D 24 11.57 38.38 4.69
N THR D 25 10.92 39.53 4.47
CA THR D 25 9.71 39.88 5.20
C THR D 25 8.49 40.01 4.30
N HIS D 26 8.50 39.30 3.17
CA HIS D 26 7.36 39.26 2.25
C HIS D 26 6.07 38.91 3.01
N PRO D 27 5.09 39.84 3.04
CA PRO D 27 3.85 39.70 3.80
C PRO D 27 3.17 38.34 3.63
N GLU D 28 3.18 37.81 2.40
CA GLU D 28 2.58 36.52 2.07
C GLU D 28 3.28 35.37 2.77
N LEU D 29 4.59 35.49 2.98
CA LEU D 29 5.37 34.46 3.65
C LEU D 29 5.19 34.54 5.17
N LEU D 30 5.12 35.76 5.70
CA LEU D 30 4.85 35.94 7.13
C LEU D 30 3.45 35.47 7.51
N GLU D 31 2.47 35.75 6.64
CA GLU D 31 1.10 35.31 6.86
C GLU D 31 0.93 33.79 6.71
N LEU D 32 1.70 33.17 5.83
CA LEU D 32 1.70 31.71 5.68
C LEU D 32 2.30 31.01 6.91
N ALA D 33 3.44 31.51 7.37
CA ALA D 33 4.08 31.00 8.57
C ALA D 33 3.17 31.16 9.78
N GLY D 34 2.52 32.31 9.89
CA GLY D 34 1.59 32.57 10.99
C GLY D 34 0.41 31.63 11.02
N ALA D 35 -0.19 31.39 9.85
CA ALA D 35 -1.30 30.46 9.71
C ALA D 35 -0.90 29.02 10.03
N VAL D 36 0.32 28.62 9.65
CA VAL D 36 0.83 27.29 9.99
C VAL D 36 1.03 27.19 11.51
N GLY D 37 1.63 28.22 12.09
CA GLY D 37 1.94 28.22 13.52
C GLY D 37 0.71 28.06 14.40
N ALA D 38 -0.32 28.85 14.09
CA ALA D 38 -1.55 28.87 14.87
C ALA D 38 -2.32 27.55 14.74
N ALA D 39 -2.23 26.93 13.56
CA ALA D 39 -2.99 25.70 13.29
C ALA D 39 -2.37 24.49 13.99
N ILE D 40 -1.05 24.46 14.09
CA ILE D 40 -0.32 23.45 14.85
C ILE D 40 -0.66 23.58 16.35
N ALA D 41 -0.63 24.80 16.87
CA ALA D 41 -0.95 25.05 18.29
C ALA D 41 -2.40 24.71 18.62
N ALA D 42 -3.29 24.93 17.66
CA ALA D 42 -4.74 24.72 17.86
C ALA D 42 -5.08 23.25 17.94
N ARG D 43 -4.22 22.40 17.41
CA ARG D 43 -4.40 20.95 17.48
C ARG D 43 -3.69 20.38 18.71
N GLY D 44 -3.17 21.28 19.54
CA GLY D 44 -2.40 20.90 20.72
C GLY D 44 -1.06 20.24 20.43
N TRP D 45 -0.57 20.41 19.20
CA TRP D 45 0.73 19.90 18.83
C TRP D 45 1.82 20.86 19.29
N THR D 46 3.02 20.31 19.46
CA THR D 46 4.22 21.10 19.75
C THR D 46 4.83 21.56 18.44
N LEU D 47 5.25 22.83 18.41
CA LEU D 47 6.04 23.38 17.33
C LEU D 47 7.53 23.25 17.61
N VAL D 48 8.26 22.76 16.62
CA VAL D 48 9.71 22.82 16.59
C VAL D 48 10.14 23.64 15.38
N TRP D 49 10.97 24.65 15.63
CA TRP D 49 11.53 25.48 14.57
C TRP D 49 13.02 25.76 14.83
N GLY D 50 13.59 26.65 14.03
CA GLY D 50 15.01 26.93 14.10
C GLY D 50 15.39 27.82 15.26
N GLY D 51 14.40 28.26 16.04
CA GLY D 51 14.63 28.96 17.31
C GLY D 51 14.93 30.44 17.24
N GLY D 52 14.84 31.02 16.05
CA GLY D 52 15.06 32.45 15.87
C GLY D 52 13.77 33.25 15.70
N HIS D 53 13.83 34.53 16.08
CA HIS D 53 12.70 35.46 15.98
C HIS D 53 12.68 36.23 14.64
N VAL D 54 13.56 35.87 13.71
CA VAL D 54 13.61 36.54 12.40
C VAL D 54 12.68 35.93 11.34
N SER D 55 12.08 36.79 10.52
CA SER D 55 11.42 36.38 9.28
C SER D 55 10.29 35.38 9.53
N ALA D 56 10.20 34.35 8.69
CA ALA D 56 9.18 33.31 8.83
C ALA D 56 9.35 32.49 10.10
N MET D 57 10.58 32.42 10.62
CA MET D 57 10.86 31.68 11.85
C MET D 57 10.13 32.32 12.99
N GLY D 58 10.23 33.65 13.06
CA GLY D 58 9.57 34.44 14.09
C GLY D 58 8.07 34.51 13.94
N ALA D 59 7.59 34.36 12.71
CA ALA D 59 6.17 34.38 12.42
C ALA D 59 5.48 33.10 12.86
N VAL D 60 6.10 31.96 12.56
CA VAL D 60 5.53 30.65 12.92
C VAL D 60 5.64 30.42 14.44
N SER D 61 6.66 31.00 15.08
CA SER D 61 6.85 30.80 16.52
C SER D 61 5.95 31.71 17.35
N SER D 62 5.97 33.01 17.05
CA SER D 62 5.08 33.96 17.69
C SER D 62 3.65 33.48 17.65
N ALA D 63 3.15 33.17 16.46
CA ALA D 63 1.75 32.77 16.28
C ALA D 63 1.39 31.52 17.08
N ALA D 64 2.32 30.57 17.17
CA ALA D 64 2.08 29.37 17.96
C ALA D 64 1.90 29.73 19.42
N ARG D 65 2.76 30.65 19.88
CA ARG D 65 2.76 31.11 21.27
C ARG D 65 1.52 31.95 21.61
N ALA D 66 0.96 32.64 20.61
CA ALA D 66 -0.24 33.42 20.80
C ALA D 66 -1.51 32.56 20.92
N HIS D 67 -1.43 31.30 20.52
CA HIS D 67 -2.56 30.37 20.63
C HIS D 67 -2.29 29.26 21.68
N GLY D 68 -1.32 29.52 22.55
CA GLY D 68 -1.01 28.63 23.67
C GLY D 68 0.05 27.55 23.44
N GLY D 69 0.28 27.21 22.17
CA GLY D 69 1.19 26.14 21.77
C GLY D 69 2.58 26.06 22.41
N TRP D 70 3.00 24.83 22.69
CA TRP D 70 4.37 24.57 23.13
C TRP D 70 5.31 24.86 21.97
N THR D 71 6.36 25.63 22.25
CA THR D 71 7.35 26.00 21.23
C THR D 71 8.77 25.55 21.61
N VAL D 72 9.37 24.78 20.71
CA VAL D 72 10.73 24.27 20.91
C VAL D 72 11.68 24.86 19.88
N GLY D 73 12.56 25.74 20.36
CA GLY D 73 13.54 26.39 19.51
C GLY D 73 14.85 25.63 19.54
N VAL D 74 15.37 25.30 18.35
CA VAL D 74 16.62 24.55 18.23
C VAL D 74 17.59 25.36 17.40
N ILE D 75 18.61 25.93 18.05
CA ILE D 75 19.55 26.86 17.37
C ILE D 75 21.07 26.58 17.68
N PRO D 76 21.95 26.68 16.66
CA PRO D 76 23.38 26.52 16.96
C PRO D 76 23.91 27.74 17.68
N LYS D 77 24.94 27.56 18.51
CA LYS D 77 25.54 28.65 19.29
C LYS D 77 25.97 29.89 18.48
N MET D 78 26.55 29.67 17.31
CA MET D 78 27.04 30.76 16.47
C MET D 78 25.93 31.69 15.91
N LEU D 79 24.72 31.15 15.75
CA LEU D 79 23.64 31.90 15.10
C LEU D 79 22.70 32.56 16.08
N VAL D 80 22.93 32.33 17.37
CA VAL D 80 22.14 32.93 18.46
C VAL D 80 21.86 34.43 18.25
N HIS D 81 22.90 35.21 17.95
CA HIS D 81 22.70 36.63 17.69
C HIS D 81 22.13 36.96 16.31
N ARG D 82 22.71 36.38 15.26
CA ARG D 82 22.31 36.68 13.90
C ARG D 82 20.83 36.40 13.61
N GLU D 83 20.30 35.30 14.19
CA GLU D 83 18.90 34.91 13.98
C GLU D 83 17.97 35.26 15.15
N LEU D 84 18.50 36.04 16.10
CA LEU D 84 17.77 36.46 17.31
C LEU D 84 17.07 35.28 18.02
N ALA D 85 17.88 34.53 18.75
CA ALA D 85 17.40 33.45 19.62
C ALA D 85 16.24 33.93 20.48
N ASP D 86 15.18 33.14 20.48
CA ASP D 86 13.96 33.46 21.19
C ASP D 86 14.03 32.94 22.62
N HIS D 87 14.11 33.86 23.58
CA HIS D 87 14.12 33.46 24.98
C HIS D 87 12.70 33.32 25.52
N ASP D 88 11.71 33.46 24.65
CA ASP D 88 10.31 33.24 25.03
C ASP D 88 9.88 31.82 24.68
N ALA D 89 10.74 31.08 23.99
CA ALA D 89 10.49 29.67 23.67
C ALA D 89 10.33 28.86 24.96
N ASP D 90 9.54 27.80 24.88
CA ASP D 90 9.30 26.96 26.05
C ASP D 90 10.50 26.08 26.29
N GLU D 91 11.17 25.71 25.20
CA GLU D 91 12.50 25.12 25.22
C GLU D 91 13.37 25.75 24.14
N LEU D 92 14.59 26.11 24.54
CA LEU D 92 15.59 26.59 23.59
C LEU D 92 16.82 25.71 23.69
N VAL D 93 16.93 24.76 22.76
CA VAL D 93 18.09 23.90 22.69
C VAL D 93 19.16 24.62 21.89
N VAL D 94 20.20 25.07 22.60
CA VAL D 94 21.36 25.68 21.95
C VAL D 94 22.36 24.55 21.65
N THR D 95 22.64 24.35 20.37
CA THR D 95 23.53 23.27 19.97
C THR D 95 24.95 23.77 19.76
N GLU D 96 25.91 22.86 19.91
CA GLU D 96 27.32 23.15 19.65
C GLU D 96 27.65 23.23 18.17
N THR D 97 26.94 22.47 17.34
CA THR D 97 27.21 22.47 15.91
C THR D 97 25.98 22.77 15.05
N MET D 98 26.24 22.97 13.77
CA MET D 98 25.23 23.22 12.78
C MET D 98 24.41 21.98 12.54
N TRP D 99 25.06 20.84 12.39
CA TRP D 99 24.36 19.59 12.17
C TRP D 99 23.57 19.14 13.38
N GLU D 100 24.10 19.33 14.59
CA GLU D 100 23.33 18.97 15.78
C GLU D 100 21.93 19.59 15.73
N ARG D 101 21.85 20.85 15.29
CA ARG D 101 20.58 21.53 15.11
C ARG D 101 19.61 20.70 14.30
N LYS D 102 20.14 20.04 13.26
CA LYS D 102 19.32 19.26 12.34
C LYS D 102 19.00 17.83 12.83
N GLN D 103 19.90 17.21 13.58
CA GLN D 103 19.54 15.91 14.17
C GLN D 103 18.51 16.10 15.26
N VAL D 104 18.70 17.11 16.11
CA VAL D 104 17.76 17.38 17.20
C VAL D 104 16.35 17.55 16.63
N MET D 105 16.19 18.53 15.74
CA MET D 105 14.88 18.86 15.16
C MET D 105 14.23 17.63 14.54
N GLU D 106 15.03 16.85 13.83
CA GLU D 106 14.58 15.59 13.24
C GLU D 106 14.12 14.58 14.29
N ASP D 107 15.00 14.27 15.25
CA ASP D 107 14.67 13.30 16.31
C ASP D 107 13.55 13.77 17.26
N ARG D 108 13.35 15.08 17.38
CA ARG D 108 12.28 15.59 18.22
C ARG D 108 10.92 15.58 17.53
N ALA D 109 10.94 15.56 16.19
CA ALA D 109 9.72 15.77 15.42
C ALA D 109 9.07 14.45 15.02
N ASN D 110 7.76 14.46 14.87
CA ASN D 110 7.01 13.31 14.35
C ASN D 110 6.71 13.47 12.86
N ALA D 111 6.67 14.73 12.41
CA ALA D 111 6.43 15.09 11.02
C ALA D 111 6.96 16.50 10.75
N PHE D 112 7.14 16.84 9.47
CA PHE D 112 7.83 18.07 9.07
C PHE D 112 7.04 18.88 8.05
N ILE D 113 6.98 20.19 8.26
CA ILE D 113 6.45 21.12 7.25
C ILE D 113 7.51 22.11 6.79
N THR D 114 7.78 22.11 5.48
CA THR D 114 8.72 23.02 4.86
C THR D 114 7.93 24.14 4.17
N LEU D 115 8.24 25.38 4.54
CA LEU D 115 7.68 26.57 3.91
C LEU D 115 8.72 27.22 3.00
N PRO D 116 8.29 28.06 2.03
CA PRO D 116 9.24 28.88 1.26
C PRO D 116 10.44 29.38 2.08
N GLY D 117 11.60 29.42 1.45
CA GLY D 117 12.86 29.63 2.15
C GLY D 117 14.05 29.45 1.21
N GLY D 118 15.23 29.75 1.74
CA GLY D 118 16.45 29.79 0.96
C GLY D 118 17.25 28.51 1.03
N VAL D 119 18.57 28.65 1.01
CA VAL D 119 19.51 27.54 0.99
C VAL D 119 19.46 26.79 2.32
N GLY D 120 19.34 27.55 3.40
CA GLY D 120 19.17 26.98 4.74
C GLY D 120 17.98 26.04 4.85
N THR D 121 16.82 26.53 4.44
CA THR D 121 15.60 25.72 4.47
C THR D 121 15.77 24.47 3.61
N LEU D 122 16.32 24.65 2.40
CA LEU D 122 16.64 23.53 1.53
C LEU D 122 17.54 22.52 2.22
N ASP D 123 18.63 23.00 2.80
CA ASP D 123 19.54 22.13 3.52
C ASP D 123 18.84 21.33 4.60
N GLU D 124 18.00 22.01 5.39
CA GLU D 124 17.24 21.34 6.42
C GLU D 124 16.31 20.27 5.81
N LEU D 125 15.72 20.60 4.67
CA LEU D 125 14.77 19.74 4.03
C LEU D 125 15.45 18.54 3.39
N LEU D 126 16.55 18.77 2.69
CA LEU D 126 17.27 17.63 2.07
C LEU D 126 17.85 16.66 3.12
N ASP D 127 18.24 17.20 4.28
CA ASP D 127 18.72 16.40 5.40
C ASP D 127 17.67 15.38 5.85
N VAL D 128 16.47 15.86 6.16
CA VAL D 128 15.40 14.96 6.61
C VAL D 128 14.94 14.05 5.46
N TRP D 129 14.87 14.62 4.25
CA TRP D 129 14.46 13.88 3.06
C TRP D 129 15.37 12.69 2.73
N THR D 130 16.69 12.91 2.67
CA THR D 130 17.63 11.81 2.40
C THR D 130 17.60 10.73 3.49
N GLU D 131 17.60 11.16 4.74
CA GLU D 131 17.41 10.29 5.90
C GLU D 131 16.22 9.37 5.65
N GLY D 132 15.11 9.98 5.22
CA GLY D 132 13.86 9.26 4.97
C GLY D 132 13.92 8.22 3.87
N TYR D 133 14.24 8.67 2.65
CA TYR D 133 14.28 7.74 1.51
C TYR D 133 15.40 6.71 1.60
N LEU D 134 16.39 6.96 2.45
CA LEU D 134 17.42 5.96 2.74
C LEU D 134 17.02 5.01 3.88
N GLY D 135 15.82 5.25 4.43
CA GLY D 135 15.21 4.36 5.40
C GLY D 135 15.69 4.48 6.82
N MET D 136 15.75 5.70 7.34
CA MET D 136 16.12 5.93 8.74
C MET D 136 14.93 6.34 9.61
N HIS D 137 13.89 6.84 8.96
CA HIS D 137 12.64 7.17 9.62
C HIS D 137 11.46 7.04 8.66
N ASP D 138 10.26 6.85 9.22
CA ASP D 138 9.04 6.69 8.44
C ASP D 138 8.18 7.94 8.52
N LYS D 139 8.77 9.02 9.04
CA LYS D 139 8.07 10.30 9.27
C LYS D 139 7.67 10.99 7.97
N SER D 140 6.50 11.62 8.00
CA SER D 140 5.95 12.34 6.85
C SER D 140 6.66 13.69 6.63
N ILE D 141 7.14 13.90 5.40
CA ILE D 141 7.85 15.12 5.07
C ILE D 141 7.02 15.92 4.11
N VAL D 142 6.51 17.05 4.59
CA VAL D 142 5.55 17.85 3.82
C VAL D 142 6.13 19.18 3.38
N VAL D 143 5.89 19.50 2.11
CA VAL D 143 6.24 20.77 1.51
C VAL D 143 4.93 21.52 1.24
N LEU D 144 4.81 22.69 1.86
CA LEU D 144 3.63 23.54 1.68
C LEU D 144 4.04 24.79 0.92
N ASP D 145 3.49 24.95 -0.28
CA ASP D 145 3.97 25.92 -1.26
C ASP D 145 2.82 26.39 -2.15
N PRO D 146 2.02 27.37 -1.66
CA PRO D 146 0.81 27.80 -2.34
C PRO D 146 1.04 28.55 -3.65
N TRP D 147 2.21 29.17 -3.80
CA TRP D 147 2.47 30.01 -4.97
C TRP D 147 3.66 29.55 -5.82
N GLY D 148 4.09 28.32 -5.61
CA GLY D 148 5.12 27.73 -6.48
C GLY D 148 6.50 28.31 -6.24
N HIS D 149 6.77 28.67 -4.99
CA HIS D 149 8.11 29.07 -4.56
C HIS D 149 9.13 28.01 -4.97
N PHE D 150 8.68 26.75 -5.00
CA PHE D 150 9.56 25.62 -5.26
C PHE D 150 9.44 25.02 -6.67
N ASP D 151 8.68 25.66 -7.54
CA ASP D 151 8.45 25.13 -8.88
C ASP D 151 9.73 24.83 -9.65
N GLY D 152 10.61 25.82 -9.75
CA GLY D 152 11.85 25.67 -10.50
C GLY D 152 12.69 24.53 -9.96
N LEU D 153 12.73 24.39 -8.64
CA LEU D 153 13.49 23.33 -8.01
C LEU D 153 12.91 21.95 -8.40
N ARG D 154 11.60 21.78 -8.22
CA ARG D 154 10.94 20.49 -8.48
C ARG D 154 10.87 20.16 -9.97
N ALA D 155 10.88 21.17 -10.83
CA ALA D 155 10.92 20.92 -12.27
C ALA D 155 12.29 20.37 -12.63
N TRP D 156 13.32 20.91 -11.98
CA TRP D 156 14.70 20.47 -12.19
C TRP D 156 14.90 19.09 -11.59
N LEU D 157 14.23 18.81 -10.50
CA LEU D 157 14.28 17.50 -9.90
C LEU D 157 13.59 16.48 -10.83
N SER D 158 12.50 16.90 -11.46
CA SER D 158 11.77 16.03 -12.39
C SER D 158 12.66 15.53 -13.54
N GLU D 159 13.48 16.42 -14.09
CA GLU D 159 14.40 16.06 -15.16
C GLU D 159 15.50 15.11 -14.67
N LEU D 160 15.97 15.29 -13.43
CA LEU D 160 16.98 14.39 -12.88
C LEU D 160 16.38 13.02 -12.62
N ALA D 161 15.11 13.00 -12.21
CA ALA D 161 14.39 11.74 -12.10
C ALA D 161 14.24 11.09 -13.47
N ASP D 162 13.98 11.88 -14.51
CA ASP D 162 13.89 11.36 -15.88
C ASP D 162 15.23 10.86 -16.45
N THR D 163 16.34 11.24 -15.84
CA THR D 163 17.66 10.86 -16.34
C THR D 163 18.46 10.03 -15.32
N GLY D 164 17.75 9.27 -14.49
CA GLY D 164 18.37 8.32 -13.58
C GLY D 164 19.09 8.83 -12.33
N TYR D 165 19.15 10.15 -12.12
CA TYR D 165 19.92 10.75 -11.01
C TYR D 165 19.22 10.70 -9.63
N VAL D 166 17.89 10.60 -9.64
CA VAL D 166 17.08 10.55 -8.41
C VAL D 166 16.15 9.35 -8.48
N SER D 167 16.03 8.60 -7.38
CA SER D 167 15.20 7.39 -7.39
C SER D 167 13.71 7.70 -7.22
N ARG D 168 12.87 6.79 -7.73
CA ARG D 168 11.40 6.85 -7.60
C ARG D 168 10.99 6.97 -6.14
N THR D 169 11.63 6.15 -5.31
CA THR D 169 11.35 6.12 -3.89
C THR D 169 11.71 7.46 -3.25
N ALA D 170 12.74 8.14 -3.78
CA ALA D 170 13.07 9.51 -3.32
C ALA D 170 12.00 10.53 -3.69
N MET D 171 11.59 10.52 -4.96
CA MET D 171 10.57 11.43 -5.47
C MET D 171 9.21 11.21 -4.77
N GLU D 172 8.92 9.95 -4.47
CA GLU D 172 7.70 9.54 -3.78
C GLU D 172 7.66 10.00 -2.33
N ARG D 173 8.84 10.23 -1.76
CA ARG D 173 8.98 10.47 -0.33
C ARG D 173 8.58 11.88 0.09
N LEU D 174 8.45 12.78 -0.88
CA LEU D 174 8.23 14.19 -0.55
C LEU D 174 6.81 14.60 -0.89
N ILE D 175 5.96 14.64 0.14
CA ILE D 175 4.56 15.06 0.00
C ILE D 175 4.51 16.57 -0.20
N VAL D 176 4.14 16.98 -1.41
CA VAL D 176 4.07 18.39 -1.80
C VAL D 176 2.61 18.81 -1.96
N VAL D 177 2.20 19.80 -1.17
CA VAL D 177 0.82 20.32 -1.21
C VAL D 177 0.84 21.83 -1.39
N ASP D 178 -0.30 22.39 -1.75
CA ASP D 178 -0.37 23.81 -1.98
C ASP D 178 -1.23 24.55 -0.97
N ASN D 179 -2.02 23.83 -0.19
CA ASN D 179 -2.83 24.49 0.85
C ASN D 179 -2.60 23.94 2.26
N LEU D 180 -3.03 24.71 3.24
CA LEU D 180 -2.71 24.43 4.64
C LEU D 180 -3.42 23.15 5.14
N ASP D 181 -4.70 23.02 4.81
CA ASP D 181 -5.47 21.87 5.26
C ASP D 181 -4.82 20.52 4.92
N ASP D 182 -4.37 20.40 3.67
CA ASP D 182 -3.77 19.16 3.19
C ASP D 182 -2.39 18.88 3.83
N ALA D 183 -1.65 19.96 4.13
CA ALA D 183 -0.40 19.86 4.85
C ALA D 183 -0.64 19.32 6.25
N LEU D 184 -1.57 19.96 6.97
CA LEU D 184 -1.88 19.58 8.34
C LEU D 184 -2.34 18.14 8.45
N GLN D 185 -3.19 17.73 7.50
CA GLN D 185 -3.69 16.37 7.43
C GLN D 185 -2.58 15.35 7.19
N ALA D 186 -1.70 15.63 6.23
CA ALA D 186 -0.62 14.69 5.89
C ALA D 186 0.40 14.54 7.02
N CYS D 187 0.38 15.48 7.96
CA CYS D 187 1.19 15.44 9.19
C CYS D 187 0.58 14.57 10.27
N ALA D 188 -0.75 14.66 10.42
CA ALA D 188 -1.52 14.03 11.51
C ALA D 188 -1.02 12.69 12.07
N PRO D 189 -1.29 12.43 13.36
CA PRO D 189 -0.98 11.15 14.02
C PRO D 189 -1.86 9.99 13.55
N ARG E 13 -8.16 -21.64 31.13
CA ARG E 13 -9.10 -21.36 30.01
C ARG E 13 -10.50 -21.06 30.54
N TRP E 14 -10.94 -21.82 31.55
CA TRP E 14 -12.27 -21.67 32.16
C TRP E 14 -12.50 -20.25 32.65
N THR E 15 -13.63 -19.67 32.23
CA THR E 15 -13.92 -18.24 32.36
C THR E 15 -15.30 -17.96 32.99
N VAL E 16 -15.37 -16.97 33.88
CA VAL E 16 -16.63 -16.64 34.55
C VAL E 16 -16.87 -15.14 34.50
N ALA E 17 -18.04 -14.74 34.02
CA ALA E 17 -18.45 -13.35 34.00
C ALA E 17 -19.10 -12.96 35.31
N VAL E 18 -18.84 -11.73 35.76
CA VAL E 18 -19.52 -11.21 36.95
C VAL E 18 -20.25 -9.93 36.61
N TYR E 19 -21.56 -9.94 36.88
CA TYR E 19 -22.41 -8.76 36.70
C TYR E 19 -22.73 -8.12 38.06
N CYS E 20 -22.41 -6.83 38.18
CA CYS E 20 -22.65 -6.14 39.45
C CYS E 20 -22.98 -4.66 39.28
N ALA E 21 -23.23 -3.99 40.40
CA ALA E 21 -23.57 -2.56 40.43
C ALA E 21 -22.41 -1.66 39.96
N ALA E 22 -22.75 -0.41 39.62
CA ALA E 22 -21.80 0.54 39.09
C ALA E 22 -21.85 1.90 39.80
N ALA E 23 -22.60 1.97 40.91
CA ALA E 23 -22.89 3.23 41.59
C ALA E 23 -22.71 3.26 43.12
N PRO E 24 -23.33 2.31 43.86
CA PRO E 24 -23.28 2.43 45.31
C PRO E 24 -21.99 1.92 45.94
N THR E 25 -21.60 2.56 47.03
CA THR E 25 -20.36 2.24 47.74
C THR E 25 -20.65 1.62 49.10
N HIS E 26 -21.65 0.73 49.16
CA HIS E 26 -21.95 0.02 50.40
C HIS E 26 -20.83 -0.99 50.68
N PRO E 27 -20.31 -0.98 51.92
CA PRO E 27 -19.20 -1.86 52.33
C PRO E 27 -19.51 -3.34 52.07
N GLU E 28 -20.75 -3.73 52.37
CA GLU E 28 -21.23 -5.11 52.17
C GLU E 28 -21.01 -5.60 50.74
N LEU E 29 -21.38 -4.75 49.78
CA LEU E 29 -21.30 -5.07 48.36
C LEU E 29 -19.86 -5.13 47.85
N LEU E 30 -19.07 -4.13 48.20
CA LEU E 30 -17.65 -4.10 47.83
C LEU E 30 -16.90 -5.28 48.46
N GLU E 31 -17.15 -5.52 49.75
CA GLU E 31 -16.60 -6.69 50.43
C GLU E 31 -16.98 -7.97 49.71
N LEU E 32 -18.26 -8.10 49.35
CA LEU E 32 -18.76 -9.26 48.59
C LEU E 32 -18.10 -9.38 47.20
N ALA E 33 -18.10 -8.27 46.45
CA ALA E 33 -17.53 -8.25 45.11
C ALA E 33 -16.06 -8.67 45.12
N GLY E 34 -15.28 -8.06 46.01
CA GLY E 34 -13.86 -8.37 46.18
C GLY E 34 -13.62 -9.82 46.54
N ALA E 35 -14.41 -10.34 47.49
CA ALA E 35 -14.35 -11.75 47.87
C ALA E 35 -14.52 -12.68 46.69
N VAL E 36 -15.36 -12.29 45.73
CA VAL E 36 -15.65 -13.10 44.54
C VAL E 36 -14.49 -13.14 43.53
N GLY E 37 -13.89 -11.99 43.26
CA GLY E 37 -12.70 -11.90 42.41
C GLY E 37 -11.53 -12.66 42.97
N ALA E 38 -11.37 -12.63 44.29
CA ALA E 38 -10.31 -13.37 44.96
C ALA E 38 -10.44 -14.87 44.72
N ALA E 39 -11.67 -15.37 44.89
CA ALA E 39 -11.95 -16.79 44.73
C ALA E 39 -11.82 -17.23 43.26
N ILE E 40 -12.22 -16.37 42.33
CA ILE E 40 -12.07 -16.64 40.89
C ILE E 40 -10.60 -16.71 40.47
N ALA E 41 -9.79 -15.79 40.96
CA ALA E 41 -8.35 -15.77 40.67
C ALA E 41 -7.62 -16.98 41.27
N ALA E 42 -8.06 -17.38 42.46
CA ALA E 42 -7.44 -18.49 43.19
C ALA E 42 -7.51 -19.83 42.45
N ARG E 43 -8.65 -20.11 41.83
CA ARG E 43 -8.87 -21.37 41.12
C ARG E 43 -8.26 -21.35 39.71
N GLY E 44 -7.56 -20.27 39.39
CA GLY E 44 -6.95 -20.08 38.07
C GLY E 44 -7.98 -19.83 37.00
N TRP E 45 -9.06 -19.12 37.37
CA TRP E 45 -10.14 -18.77 36.44
C TRP E 45 -10.03 -17.33 35.95
N THR E 46 -10.34 -17.15 34.68
CA THR E 46 -10.35 -15.84 34.05
C THR E 46 -11.60 -15.07 34.51
N LEU E 47 -11.43 -13.78 34.79
CA LEU E 47 -12.56 -12.93 35.08
C LEU E 47 -12.95 -12.11 33.87
N VAL E 48 -14.25 -12.15 33.57
CA VAL E 48 -14.84 -11.28 32.59
C VAL E 48 -15.81 -10.39 33.34
N TRP E 49 -15.72 -9.08 33.10
CA TRP E 49 -16.65 -8.11 33.67
C TRP E 49 -16.75 -6.89 32.74
N GLY E 50 -17.61 -5.94 33.11
CA GLY E 50 -17.95 -4.79 32.28
C GLY E 50 -16.88 -3.72 32.11
N GLY E 51 -15.67 -4.01 32.59
CA GLY E 51 -14.48 -3.25 32.20
C GLY E 51 -14.20 -1.99 32.97
N GLY E 52 -14.99 -1.72 34.01
CA GLY E 52 -14.93 -0.45 34.74
C GLY E 52 -14.43 -0.57 36.17
N HIS E 53 -13.75 0.48 36.64
CA HIS E 53 -13.17 0.50 37.98
C HIS E 53 -14.19 0.93 39.05
N VAL E 54 -15.37 1.37 38.63
CA VAL E 54 -16.33 1.94 39.58
C VAL E 54 -17.10 0.91 40.40
N SER E 55 -17.29 1.23 41.68
CA SER E 55 -18.18 0.48 42.57
C SER E 55 -17.82 -1.02 42.60
N ALA E 56 -18.82 -1.89 42.61
CA ALA E 56 -18.59 -3.34 42.69
C ALA E 56 -17.81 -3.89 41.49
N MET E 57 -18.04 -3.31 40.31
CA MET E 57 -17.31 -3.68 39.11
C MET E 57 -15.80 -3.56 39.34
N GLY E 58 -15.40 -2.56 40.12
CA GLY E 58 -14.00 -2.36 40.44
C GLY E 58 -13.47 -3.37 41.44
N ALA E 59 -14.15 -3.46 42.58
CA ALA E 59 -13.74 -4.37 43.66
C ALA E 59 -13.47 -5.80 43.16
N VAL E 60 -14.37 -6.36 42.37
CA VAL E 60 -14.20 -7.71 41.85
C VAL E 60 -12.99 -7.83 40.92
N SER E 61 -12.80 -6.81 40.08
CA SER E 61 -11.75 -6.80 39.07
C SER E 61 -10.35 -6.63 39.68
N SER E 62 -10.20 -5.63 40.54
CA SER E 62 -8.91 -5.37 41.15
C SER E 62 -8.53 -6.43 42.18
N ALA E 63 -9.54 -7.14 42.70
CA ALA E 63 -9.28 -8.21 43.66
C ALA E 63 -8.80 -9.50 42.99
N ALA E 64 -9.31 -9.75 41.78
CA ALA E 64 -8.82 -10.87 40.94
C ALA E 64 -7.39 -10.60 40.47
N ARG E 65 -7.10 -9.34 40.19
CA ARG E 65 -5.76 -8.87 39.85
C ARG E 65 -4.81 -9.07 41.05
N ALA E 66 -5.28 -8.69 42.24
CA ALA E 66 -4.50 -8.81 43.47
C ALA E 66 -4.14 -10.25 43.84
N HIS E 67 -4.96 -11.20 43.43
CA HIS E 67 -4.66 -12.63 43.64
C HIS E 67 -4.06 -13.26 42.37
N GLY E 68 -3.55 -12.41 41.49
CA GLY E 68 -2.77 -12.85 40.32
C GLY E 68 -3.55 -13.30 39.11
N GLY E 69 -4.88 -13.15 39.16
CA GLY E 69 -5.75 -13.67 38.09
C GLY E 69 -5.93 -12.76 36.88
N TRP E 70 -6.20 -13.40 35.74
CA TRP E 70 -6.45 -12.72 34.46
C TRP E 70 -7.80 -11.99 34.50
N THR E 71 -7.80 -10.71 34.14
CA THR E 71 -9.04 -9.93 34.06
C THR E 71 -9.29 -9.44 32.64
N VAL E 72 -10.50 -9.68 32.14
CA VAL E 72 -10.92 -9.24 30.79
C VAL E 72 -12.11 -8.30 30.96
N GLY E 73 -11.97 -7.07 30.48
CA GLY E 73 -13.01 -6.07 30.62
C GLY E 73 -13.65 -5.73 29.30
N VAL E 74 -14.99 -5.67 29.28
CA VAL E 74 -15.70 -5.24 28.08
C VAL E 74 -16.53 -4.01 28.41
N ILE E 75 -16.13 -2.89 27.84
CA ILE E 75 -16.84 -1.63 28.05
C ILE E 75 -17.34 -1.09 26.71
N PRO E 76 -18.50 -0.42 26.72
CA PRO E 76 -18.92 0.26 25.51
C PRO E 76 -18.15 1.58 25.37
N LYS E 77 -17.97 2.04 24.13
CA LYS E 77 -17.26 3.29 23.84
C LYS E 77 -17.85 4.48 24.58
N MET E 78 -19.16 4.43 24.84
CA MET E 78 -19.92 5.53 25.43
C MET E 78 -19.61 5.75 26.91
N LEU E 79 -19.58 4.66 27.67
CA LEU E 79 -19.45 4.72 29.13
C LEU E 79 -18.01 4.72 29.64
N VAL E 80 -17.03 4.80 28.73
CA VAL E 80 -15.60 4.76 29.06
C VAL E 80 -15.19 5.67 30.23
N HIS E 81 -15.65 6.92 30.21
CA HIS E 81 -15.29 7.91 31.23
C HIS E 81 -16.21 7.88 32.45
N ARG E 82 -17.51 7.67 32.20
CA ARG E 82 -18.48 7.63 33.29
C ARG E 82 -18.32 6.40 34.18
N GLU E 83 -17.74 5.33 33.64
CA GLU E 83 -17.56 4.07 34.38
C GLU E 83 -16.10 3.70 34.73
N LEU E 84 -15.18 4.65 34.53
CA LEU E 84 -13.74 4.49 34.84
C LEU E 84 -13.09 3.25 34.20
N ALA E 85 -13.13 3.19 32.86
CA ALA E 85 -12.52 2.10 32.08
C ALA E 85 -11.15 1.71 32.62
N ASP E 86 -11.04 0.45 33.02
CA ASP E 86 -9.83 -0.06 33.67
C ASP E 86 -8.73 -0.41 32.66
N HIS E 87 -7.69 0.43 32.63
CA HIS E 87 -6.56 0.26 31.74
C HIS E 87 -5.52 -0.72 32.30
N ASP E 88 -5.74 -1.16 33.55
CA ASP E 88 -4.93 -2.19 34.19
C ASP E 88 -5.43 -3.62 33.90
N ALA E 89 -6.44 -3.72 33.05
CA ALA E 89 -7.00 -5.01 32.67
C ALA E 89 -6.04 -5.77 31.76
N ASP E 90 -5.92 -7.09 31.98
CA ASP E 90 -5.07 -7.95 31.14
C ASP E 90 -5.56 -8.01 29.69
N GLU E 91 -6.79 -7.54 29.49
CA GLU E 91 -7.38 -7.35 28.16
C GLU E 91 -8.54 -6.39 28.30
N LEU E 92 -8.63 -5.42 27.38
CA LEU E 92 -9.73 -4.48 27.38
C LEU E 92 -10.37 -4.38 26.00
N VAL E 93 -11.60 -4.88 25.91
CA VAL E 93 -12.40 -4.79 24.69
C VAL E 93 -13.30 -3.56 24.77
N VAL E 94 -13.10 -2.63 23.85
CA VAL E 94 -13.88 -1.40 23.80
C VAL E 94 -14.80 -1.41 22.58
N THR E 95 -16.10 -1.56 22.82
CA THR E 95 -17.06 -1.85 21.74
C THR E 95 -17.83 -0.60 21.28
N GLU E 96 -18.40 -0.69 20.07
CA GLU E 96 -19.16 0.40 19.46
C GLU E 96 -20.52 0.64 20.13
N THR E 97 -21.23 -0.45 20.46
CA THR E 97 -22.58 -0.35 21.00
C THR E 97 -22.71 -0.95 22.41
N MET E 98 -23.90 -0.81 22.98
CA MET E 98 -24.20 -1.44 24.26
C MET E 98 -24.42 -2.94 24.08
N TRP E 99 -25.23 -3.30 23.07
CA TRP E 99 -25.50 -4.68 22.70
C TRP E 99 -24.25 -5.56 22.57
N GLU E 100 -23.20 -5.03 21.92
CA GLU E 100 -21.98 -5.80 21.68
C GLU E 100 -21.24 -6.17 22.95
N ARG E 101 -21.26 -5.29 23.94
CA ARG E 101 -20.71 -5.59 25.26
C ARG E 101 -21.27 -6.93 25.74
N LYS E 102 -22.60 -7.04 25.70
CA LYS E 102 -23.28 -8.19 26.27
C LYS E 102 -23.02 -9.46 25.48
N GLN E 103 -23.02 -9.37 24.15
CA GLN E 103 -22.69 -10.48 23.25
C GLN E 103 -21.28 -11.02 23.52
N VAL E 104 -20.29 -10.13 23.47
CA VAL E 104 -18.88 -10.50 23.72
C VAL E 104 -18.69 -11.13 25.09
N MET E 105 -19.28 -10.48 26.10
CA MET E 105 -19.23 -10.90 27.49
C MET E 105 -19.82 -12.30 27.72
N GLU E 106 -20.71 -12.72 26.82
CA GLU E 106 -21.37 -14.03 26.92
C GLU E 106 -20.58 -15.11 26.18
N ASP E 107 -19.99 -14.72 25.05
CA ASP E 107 -19.25 -15.65 24.21
C ASP E 107 -17.84 -15.89 24.77
N ARG E 108 -17.45 -15.08 25.75
CA ARG E 108 -16.17 -15.26 26.43
C ARG E 108 -16.28 -16.02 27.74
N ALA E 109 -17.48 -16.02 28.35
CA ALA E 109 -17.69 -16.67 29.65
C ALA E 109 -18.20 -18.10 29.53
N ASN E 110 -17.87 -18.93 30.52
CA ASN E 110 -18.32 -20.33 30.59
C ASN E 110 -19.48 -20.53 31.56
N ALA E 111 -19.58 -19.59 32.51
CA ALA E 111 -20.63 -19.56 33.51
C ALA E 111 -20.79 -18.12 34.00
N PHE E 112 -21.85 -17.87 34.77
CA PHE E 112 -22.18 -16.51 35.18
C PHE E 112 -22.55 -16.33 36.66
N ILE E 113 -22.01 -15.29 37.27
CA ILE E 113 -22.39 -14.90 38.63
C ILE E 113 -22.86 -13.46 38.55
N THR E 114 -24.05 -13.23 39.11
CA THR E 114 -24.63 -11.90 39.20
C THR E 114 -24.73 -11.53 40.68
N LEU E 115 -24.24 -10.34 40.99
CA LEU E 115 -24.22 -9.86 42.36
C LEU E 115 -25.21 -8.72 42.47
N PRO E 116 -25.56 -8.31 43.70
CA PRO E 116 -26.47 -7.18 43.82
C PRO E 116 -26.09 -6.08 42.86
N GLY E 117 -27.10 -5.53 42.18
CA GLY E 117 -26.97 -4.33 41.37
C GLY E 117 -28.31 -3.68 41.08
N GLY E 118 -28.30 -2.65 40.23
CA GLY E 118 -29.53 -1.97 39.82
C GLY E 118 -30.02 -2.41 38.44
N VAL E 119 -30.72 -1.51 37.75
CA VAL E 119 -31.34 -1.83 36.44
C VAL E 119 -30.31 -2.33 35.42
N GLY E 120 -29.15 -1.66 35.35
CA GLY E 120 -28.01 -2.13 34.57
C GLY E 120 -27.72 -3.62 34.72
N THR E 121 -27.60 -4.05 35.98
CA THR E 121 -27.24 -5.43 36.33
C THR E 121 -28.35 -6.41 35.98
N LEU E 122 -29.60 -6.00 36.26
CA LEU E 122 -30.77 -6.79 35.90
C LEU E 122 -30.83 -7.04 34.38
N ASP E 123 -30.60 -6.00 33.59
CA ASP E 123 -30.60 -6.12 32.13
C ASP E 123 -29.56 -7.13 31.62
N GLU E 124 -28.39 -7.14 32.24
CA GLU E 124 -27.31 -8.05 31.84
C GLU E 124 -27.64 -9.48 32.25
N LEU E 125 -28.34 -9.62 33.36
CA LEU E 125 -28.74 -10.94 33.83
C LEU E 125 -29.90 -11.45 32.98
N LEU E 126 -30.91 -10.61 32.80
CA LEU E 126 -32.04 -10.96 31.95
C LEU E 126 -31.59 -11.43 30.56
N ASP E 127 -30.59 -10.75 30.01
CA ASP E 127 -30.03 -11.13 28.71
C ASP E 127 -29.48 -12.54 28.69
N VAL E 128 -28.59 -12.86 29.61
CA VAL E 128 -28.01 -14.20 29.64
C VAL E 128 -29.06 -15.27 29.96
N TRP E 129 -29.96 -14.95 30.89
CA TRP E 129 -31.04 -15.83 31.33
C TRP E 129 -31.99 -16.20 30.21
N THR E 130 -32.65 -15.21 29.61
CA THR E 130 -33.58 -15.49 28.52
C THR E 130 -32.92 -16.35 27.43
N GLU E 131 -31.68 -16.00 27.08
CA GLU E 131 -30.94 -16.73 26.05
C GLU E 131 -30.68 -18.19 26.41
N GLY E 132 -30.44 -18.44 27.70
CA GLY E 132 -30.29 -19.80 28.23
C GLY E 132 -31.56 -20.63 28.10
N TYR E 133 -32.63 -20.14 28.72
CA TYR E 133 -33.93 -20.83 28.70
C TYR E 133 -34.43 -21.04 27.28
N LEU E 134 -34.08 -20.13 26.38
CA LEU E 134 -34.46 -20.29 24.98
C LEU E 134 -33.61 -21.32 24.23
N GLY E 135 -32.52 -21.76 24.86
CA GLY E 135 -31.67 -22.82 24.31
C GLY E 135 -30.46 -22.38 23.51
N MET E 136 -29.99 -21.16 23.75
CA MET E 136 -28.81 -20.65 23.05
C MET E 136 -27.51 -21.18 23.67
N HIS E 137 -27.45 -21.21 25.00
CA HIS E 137 -26.26 -21.71 25.71
C HIS E 137 -26.60 -22.71 26.82
N ASP E 138 -25.58 -23.47 27.25
CA ASP E 138 -25.71 -24.50 28.30
C ASP E 138 -24.89 -24.09 29.53
N LYS E 139 -24.76 -22.78 29.71
CA LYS E 139 -23.95 -22.19 30.78
C LYS E 139 -24.81 -21.84 31.97
N SER E 140 -24.39 -22.30 33.15
CA SER E 140 -25.07 -21.99 34.39
C SER E 140 -25.04 -20.50 34.74
N ILE E 141 -26.20 -19.99 35.16
CA ILE E 141 -26.40 -18.59 35.52
C ILE E 141 -26.71 -18.48 37.03
N VAL E 142 -25.72 -18.06 37.81
CA VAL E 142 -25.85 -18.03 39.26
C VAL E 142 -26.07 -16.62 39.78
N VAL E 143 -27.10 -16.45 40.62
CA VAL E 143 -27.30 -15.21 41.37
C VAL E 143 -26.82 -15.37 42.80
N LEU E 144 -25.86 -14.53 43.20
CA LEU E 144 -25.28 -14.58 44.54
C LEU E 144 -25.83 -13.44 45.38
N ASP E 145 -26.67 -13.77 46.35
CA ASP E 145 -27.37 -12.75 47.12
C ASP E 145 -27.45 -13.07 48.62
N PRO E 146 -26.35 -12.83 49.36
CA PRO E 146 -26.29 -13.18 50.79
C PRO E 146 -27.21 -12.40 51.74
N TRP E 147 -27.72 -11.23 51.34
CA TRP E 147 -28.65 -10.50 52.22
C TRP E 147 -30.10 -10.35 51.72
N GLY E 148 -30.39 -10.87 50.53
CA GLY E 148 -31.76 -10.81 49.98
C GLY E 148 -32.08 -9.58 49.15
N HIS E 149 -31.04 -8.90 48.69
CA HIS E 149 -31.17 -7.76 47.77
C HIS E 149 -32.25 -8.02 46.69
N PHE E 150 -32.27 -9.24 46.16
CA PHE E 150 -33.15 -9.63 45.06
C PHE E 150 -34.46 -10.28 45.52
N ASP E 151 -34.74 -10.24 46.82
CA ASP E 151 -35.94 -10.87 47.36
C ASP E 151 -37.23 -10.38 46.70
N GLY E 152 -37.35 -9.05 46.56
CA GLY E 152 -38.53 -8.44 45.96
C GLY E 152 -38.78 -8.92 44.55
N LEU E 153 -37.71 -9.00 43.76
CA LEU E 153 -37.80 -9.47 42.39
C LEU E 153 -38.16 -10.95 42.32
N ARG E 154 -37.64 -11.71 43.27
CA ARG E 154 -37.86 -13.15 43.29
C ARG E 154 -39.30 -13.51 43.64
N ALA E 155 -39.92 -12.73 44.53
CA ALA E 155 -41.31 -12.95 44.94
C ALA E 155 -42.26 -12.58 43.80
N TRP E 156 -41.90 -11.52 43.07
CA TRP E 156 -42.67 -11.11 41.93
C TRP E 156 -42.55 -12.14 40.82
N LEU E 157 -41.31 -12.50 40.47
CA LEU E 157 -41.05 -13.49 39.43
C LEU E 157 -41.78 -14.82 39.70
N SER E 158 -41.94 -15.16 40.98
CA SER E 158 -42.65 -16.36 41.37
C SER E 158 -44.17 -16.22 41.16
N GLU E 159 -44.71 -15.01 41.36
CA GLU E 159 -46.14 -14.75 41.13
C GLU E 159 -46.48 -14.68 39.64
N LEU E 160 -45.46 -14.42 38.81
CA LEU E 160 -45.62 -14.52 37.34
C LEU E 160 -45.58 -15.97 36.91
N ALA E 161 -44.74 -16.78 37.57
CA ALA E 161 -44.68 -18.21 37.32
C ALA E 161 -46.01 -18.89 37.66
N ASP E 162 -46.48 -18.67 38.88
CA ASP E 162 -47.71 -19.31 39.34
C ASP E 162 -48.97 -18.66 38.76
N THR E 163 -48.79 -17.93 37.66
CA THR E 163 -49.90 -17.43 36.83
C THR E 163 -49.56 -17.59 35.34
N GLY E 164 -48.52 -18.35 35.04
CA GLY E 164 -48.21 -18.74 33.66
C GLY E 164 -47.43 -17.77 32.78
N TYR E 165 -46.95 -16.67 33.36
CA TYR E 165 -46.20 -15.66 32.61
C TYR E 165 -44.74 -16.04 32.40
N VAL E 166 -44.18 -16.78 33.36
CA VAL E 166 -42.85 -17.38 33.21
C VAL E 166 -42.90 -18.88 33.43
N SER E 167 -42.29 -19.61 32.49
CA SER E 167 -42.21 -21.07 32.52
C SER E 167 -41.36 -21.58 33.69
N ARG E 168 -41.63 -22.82 34.10
CA ARG E 168 -40.95 -23.47 35.22
C ARG E 168 -39.53 -23.87 34.84
N THR E 169 -39.35 -24.22 33.57
CA THR E 169 -38.04 -24.49 33.00
C THR E 169 -37.14 -23.24 33.11
N ALA E 170 -37.72 -22.08 32.83
CA ALA E 170 -37.01 -20.80 32.94
C ALA E 170 -36.67 -20.44 34.39
N MET E 171 -37.59 -20.73 35.31
CA MET E 171 -37.41 -20.43 36.74
C MET E 171 -36.27 -21.22 37.39
N GLU E 172 -36.12 -22.49 36.98
CA GLU E 172 -35.10 -23.34 37.58
C GLU E 172 -33.83 -23.48 36.73
N ARG E 173 -33.64 -22.51 35.84
CA ARG E 173 -32.40 -22.38 35.08
C ARG E 173 -31.59 -21.28 35.79
N LEU E 174 -32.31 -20.41 36.50
CA LEU E 174 -31.69 -19.44 37.37
C LEU E 174 -31.38 -20.09 38.73
N ILE E 175 -30.09 -20.27 39.01
CA ILE E 175 -29.63 -20.89 40.25
C ILE E 175 -29.22 -19.85 41.30
N VAL E 176 -30.09 -19.66 42.29
CA VAL E 176 -29.87 -18.64 43.34
C VAL E 176 -29.35 -19.21 44.67
N VAL E 177 -28.16 -18.77 45.06
CA VAL E 177 -27.53 -19.19 46.30
C VAL E 177 -27.22 -17.97 47.16
N ASP E 178 -26.99 -18.18 48.46
CA ASP E 178 -26.73 -17.06 49.37
C ASP E 178 -25.32 -17.06 49.98
N ASN E 179 -24.43 -17.85 49.40
CA ASN E 179 -23.04 -17.92 49.86
C ASN E 179 -22.06 -18.23 48.73
N LEU E 180 -20.85 -17.67 48.85
CA LEU E 180 -19.78 -17.85 47.87
C LEU E 180 -19.35 -19.32 47.69
N ASP E 181 -19.44 -20.11 48.76
CA ASP E 181 -19.19 -21.55 48.67
C ASP E 181 -20.07 -22.15 47.58
N ASP E 182 -21.37 -21.91 47.67
CA ASP E 182 -22.37 -22.51 46.78
C ASP E 182 -22.34 -21.95 45.35
N ALA E 183 -21.95 -20.68 45.22
CA ALA E 183 -21.91 -20.00 43.93
C ALA E 183 -20.79 -20.52 43.04
N LEU E 184 -19.65 -20.82 43.66
CA LEU E 184 -18.47 -21.29 42.94
C LEU E 184 -18.61 -22.74 42.49
N GLN E 185 -19.36 -23.54 43.24
CA GLN E 185 -19.61 -24.94 42.87
C GLN E 185 -20.45 -25.05 41.60
N ALA E 186 -21.41 -24.14 41.44
CA ALA E 186 -22.30 -24.11 40.28
C ALA E 186 -21.60 -23.70 38.97
N CYS E 187 -20.48 -23.01 39.09
CA CYS E 187 -19.71 -22.50 37.95
C CYS E 187 -18.49 -23.35 37.60
N ALA E 188 -18.38 -24.53 38.22
CA ALA E 188 -17.26 -25.43 37.98
C ALA E 188 -17.39 -26.16 36.64
N PRO E 189 -16.25 -26.44 35.96
CA PRO E 189 -16.18 -27.13 34.67
C PRO E 189 -17.22 -28.25 34.48
N ARG F 13 -46.10 7.51 9.23
CA ARG F 13 -44.82 8.21 9.59
C ARG F 13 -44.34 7.95 11.02
N TRP F 14 -45.22 8.11 12.01
CA TRP F 14 -44.88 7.88 13.44
C TRP F 14 -45.05 6.42 13.83
N THR F 15 -44.02 5.85 14.47
CA THR F 15 -43.93 4.41 14.73
C THR F 15 -43.87 4.06 16.23
N VAL F 16 -44.73 3.14 16.65
CA VAL F 16 -44.75 2.70 18.05
C VAL F 16 -44.43 1.21 18.21
N ALA F 17 -43.45 0.93 19.06
CA ALA F 17 -43.11 -0.46 19.37
C ALA F 17 -43.89 -0.93 20.59
N VAL F 18 -44.39 -2.16 20.53
CA VAL F 18 -45.18 -2.73 21.61
C VAL F 18 -44.57 -4.02 22.09
N TYR F 19 -44.26 -4.05 23.38
CA TYR F 19 -43.66 -5.21 24.00
C TYR F 19 -44.69 -5.92 24.89
N CYS F 20 -44.81 -7.23 24.72
CA CYS F 20 -45.89 -8.00 25.34
C CYS F 20 -45.66 -9.51 25.28
N ALA F 21 -46.31 -10.22 26.21
CA ALA F 21 -46.20 -11.67 26.33
C ALA F 21 -46.25 -12.44 25.01
N ALA F 22 -45.59 -13.60 25.01
CA ALA F 22 -45.63 -14.52 23.87
C ALA F 22 -46.12 -15.93 24.23
N ALA F 23 -46.57 -16.13 25.47
CA ALA F 23 -46.90 -17.48 25.96
C ALA F 23 -48.31 -17.72 26.55
N PRO F 24 -48.73 -16.92 27.55
CA PRO F 24 -49.91 -17.26 28.34
C PRO F 24 -51.11 -16.37 28.06
N THR F 25 -51.97 -16.84 27.18
CA THR F 25 -53.13 -16.09 26.72
C THR F 25 -54.25 -15.95 27.78
N HIS F 26 -54.00 -15.14 28.81
CA HIS F 26 -55.09 -14.66 29.68
C HIS F 26 -55.97 -13.66 28.89
N PRO F 27 -57.31 -13.86 28.95
CA PRO F 27 -58.29 -13.02 28.26
C PRO F 27 -58.08 -11.51 28.42
N GLU F 28 -57.79 -11.07 29.64
CA GLU F 28 -57.59 -9.65 29.95
C GLU F 28 -56.43 -9.08 29.15
N LEU F 29 -55.39 -9.89 28.98
CA LEU F 29 -54.19 -9.50 28.22
C LEU F 29 -54.42 -9.52 26.71
N LEU F 30 -55.09 -10.55 26.21
CA LEU F 30 -55.40 -10.65 24.78
C LEU F 30 -56.32 -9.51 24.34
N GLU F 31 -57.23 -9.13 25.24
CA GLU F 31 -58.12 -8.01 25.01
C GLU F 31 -57.34 -6.70 24.95
N LEU F 32 -56.48 -6.49 25.94
CA LEU F 32 -55.70 -5.26 26.03
C LEU F 32 -54.76 -5.08 24.84
N ALA F 33 -53.99 -6.11 24.50
CA ALA F 33 -53.11 -6.05 23.33
C ALA F 33 -53.89 -5.66 22.07
N GLY F 34 -55.03 -6.32 21.86
CA GLY F 34 -55.97 -5.92 20.83
C GLY F 34 -56.31 -4.44 20.83
N ALA F 35 -56.69 -3.91 21.98
CA ALA F 35 -57.13 -2.51 22.10
C ALA F 35 -56.01 -1.51 21.74
N VAL F 36 -54.80 -1.80 22.23
CA VAL F 36 -53.59 -1.02 21.95
C VAL F 36 -53.28 -0.97 20.46
N GLY F 37 -53.26 -2.14 19.82
CA GLY F 37 -53.00 -2.21 18.38
C GLY F 37 -53.94 -1.32 17.60
N ALA F 38 -55.21 -1.30 18.04
CA ALA F 38 -56.30 -0.62 17.33
C ALA F 38 -56.09 0.88 17.35
N ALA F 39 -55.73 1.39 18.52
CA ALA F 39 -55.44 2.79 18.69
C ALA F 39 -54.25 3.25 17.83
N ILE F 40 -53.20 2.43 17.81
CA ILE F 40 -52.02 2.69 16.96
C ILE F 40 -52.39 2.73 15.48
N ALA F 41 -53.12 1.72 15.00
CA ALA F 41 -53.54 1.68 13.59
C ALA F 41 -54.52 2.81 13.25
N ALA F 42 -55.42 3.12 14.19
CA ALA F 42 -56.43 4.15 13.97
C ALA F 42 -55.82 5.53 13.83
N ARG F 43 -54.59 5.69 14.30
CA ARG F 43 -53.92 6.99 14.23
C ARG F 43 -52.94 7.02 13.06
N GLY F 44 -53.13 6.10 12.12
CA GLY F 44 -52.30 6.02 10.92
C GLY F 44 -50.86 5.69 11.28
N TRP F 45 -50.66 5.29 12.54
CA TRP F 45 -49.33 4.94 13.04
C TRP F 45 -48.92 3.54 12.62
N THR F 46 -47.61 3.33 12.58
CA THR F 46 -47.02 2.04 12.37
C THR F 46 -46.82 1.31 13.71
N LEU F 47 -47.20 0.03 13.74
CA LEU F 47 -46.84 -0.91 14.81
C LEU F 47 -45.52 -1.66 14.56
N VAL F 48 -44.61 -1.54 15.54
CA VAL F 48 -43.42 -2.39 15.62
C VAL F 48 -43.69 -3.44 16.70
N TRP F 49 -43.47 -4.71 16.36
CA TRP F 49 -43.59 -5.78 17.37
C TRP F 49 -42.62 -6.96 17.13
N GLY F 50 -42.51 -7.84 18.13
CA GLY F 50 -41.72 -9.06 18.03
C GLY F 50 -42.05 -9.99 16.85
N GLY F 51 -43.08 -9.66 16.09
CA GLY F 51 -43.36 -10.36 14.82
C GLY F 51 -43.85 -11.80 14.85
N GLY F 52 -44.34 -12.26 15.99
CA GLY F 52 -44.97 -13.56 16.07
C GLY F 52 -46.50 -13.49 16.17
N HIS F 53 -47.15 -14.59 15.81
CA HIS F 53 -48.61 -14.63 15.89
C HIS F 53 -49.12 -15.18 17.22
N VAL F 54 -48.19 -15.61 18.09
CA VAL F 54 -48.56 -16.14 19.41
C VAL F 54 -49.12 -15.09 20.38
N SER F 55 -50.08 -15.50 21.21
CA SER F 55 -50.51 -14.76 22.41
C SER F 55 -50.83 -13.26 22.20
N ALA F 56 -50.35 -12.41 23.11
CA ALA F 56 -50.53 -10.95 23.03
C ALA F 56 -49.88 -10.33 21.80
N MET F 57 -48.70 -10.86 21.44
CA MET F 57 -48.00 -10.50 20.21
C MET F 57 -48.93 -10.60 19.01
N GLY F 58 -49.54 -11.78 18.86
CA GLY F 58 -50.57 -12.01 17.84
C GLY F 58 -51.78 -11.10 17.96
N ALA F 59 -52.21 -10.84 19.20
CA ALA F 59 -53.37 -9.98 19.41
C ALA F 59 -53.11 -8.54 18.92
N VAL F 60 -52.05 -7.91 19.42
CA VAL F 60 -51.73 -6.54 19.00
C VAL F 60 -51.56 -6.45 17.46
N SER F 61 -50.76 -7.35 16.89
CA SER F 61 -50.49 -7.31 15.46
C SER F 61 -51.74 -7.55 14.58
N SER F 62 -52.56 -8.55 14.90
CA SER F 62 -53.78 -8.82 14.13
C SER F 62 -54.78 -7.66 14.19
N ALA F 63 -54.96 -7.09 15.38
CA ALA F 63 -55.89 -5.98 15.55
C ALA F 63 -55.44 -4.73 14.78
N ALA F 64 -54.11 -4.56 14.68
CA ALA F 64 -53.55 -3.43 13.95
C ALA F 64 -53.80 -3.60 12.46
N ARG F 65 -53.64 -4.83 11.98
CA ARG F 65 -53.89 -5.16 10.59
C ARG F 65 -55.38 -4.98 10.22
N ALA F 66 -56.27 -5.39 11.13
CA ALA F 66 -57.73 -5.27 10.90
C ALA F 66 -58.20 -3.83 10.65
N HIS F 67 -57.43 -2.87 11.14
CA HIS F 67 -57.73 -1.47 10.96
C HIS F 67 -56.84 -0.85 9.87
N GLY F 68 -56.19 -1.72 9.10
CA GLY F 68 -55.36 -1.30 7.95
C GLY F 68 -54.05 -0.67 8.32
N GLY F 69 -53.60 -0.88 9.55
CA GLY F 69 -52.32 -0.37 10.01
C GLY F 69 -51.13 -1.09 9.39
N TRP F 70 -50.05 -0.34 9.17
CA TRP F 70 -48.77 -0.91 8.74
C TRP F 70 -48.13 -1.67 9.89
N THR F 71 -47.73 -2.91 9.63
CA THR F 71 -47.14 -3.75 10.70
C THR F 71 -45.74 -4.20 10.35
N VAL F 72 -44.83 -3.93 11.28
CA VAL F 72 -43.42 -4.25 11.13
C VAL F 72 -43.10 -5.25 12.22
N GLY F 73 -42.89 -6.49 11.81
CA GLY F 73 -42.55 -7.57 12.71
C GLY F 73 -41.08 -7.87 12.70
N VAL F 74 -40.46 -7.88 13.89
CA VAL F 74 -39.02 -8.10 14.03
C VAL F 74 -38.77 -9.34 14.89
N ILE F 75 -38.10 -10.35 14.33
CA ILE F 75 -37.98 -11.66 14.98
C ILE F 75 -36.64 -12.36 14.65
N PRO F 76 -35.96 -12.93 15.67
CA PRO F 76 -34.70 -13.59 15.37
C PRO F 76 -35.00 -14.88 14.61
N LYS F 77 -34.07 -15.30 13.75
CA LYS F 77 -34.26 -16.46 12.91
C LYS F 77 -34.54 -17.72 13.73
N MET F 78 -33.98 -17.77 14.95
CA MET F 78 -34.14 -18.94 15.81
C MET F 78 -35.50 -19.07 16.52
N LEU F 79 -36.37 -18.07 16.38
CA LEU F 79 -37.70 -18.14 17.00
C LEU F 79 -38.82 -18.16 15.98
N VAL F 80 -38.44 -18.35 14.72
CA VAL F 80 -39.35 -18.25 13.58
C VAL F 80 -40.50 -19.26 13.66
N HIS F 81 -40.18 -20.49 14.02
CA HIS F 81 -41.18 -21.54 14.10
C HIS F 81 -41.89 -21.58 15.44
N ARG F 82 -41.13 -21.30 16.50
CA ARG F 82 -41.64 -21.35 17.87
C ARG F 82 -42.67 -20.25 18.20
N GLU F 83 -42.45 -19.05 17.66
CA GLU F 83 -43.30 -17.88 17.94
C GLU F 83 -44.23 -17.54 16.76
N LEU F 84 -44.13 -18.37 15.72
CA LEU F 84 -44.95 -18.28 14.50
C LEU F 84 -44.77 -16.96 13.78
N ALA F 85 -43.64 -16.90 13.08
CA ALA F 85 -43.33 -15.86 12.13
C ALA F 85 -44.58 -15.48 11.35
N ASP F 86 -45.02 -14.24 11.55
CA ASP F 86 -46.20 -13.75 10.87
C ASP F 86 -45.84 -13.22 9.48
N HIS F 87 -46.22 -13.99 8.47
CA HIS F 87 -45.93 -13.65 7.08
C HIS F 87 -46.98 -12.73 6.48
N ASP F 88 -47.91 -12.26 7.32
CA ASP F 88 -48.89 -11.27 6.92
C ASP F 88 -48.47 -9.87 7.30
N ALA F 89 -47.35 -9.80 8.03
CA ALA F 89 -46.70 -8.54 8.34
C ALA F 89 -46.33 -7.81 7.06
N ASP F 90 -46.55 -6.50 7.05
CA ASP F 90 -46.17 -5.67 5.90
C ASP F 90 -44.67 -5.67 5.69
N GLU F 91 -43.94 -5.62 6.79
CA GLU F 91 -42.50 -5.83 6.81
C GLU F 91 -42.21 -6.90 7.86
N LEU F 92 -41.55 -7.97 7.44
CA LEU F 92 -41.02 -8.96 8.37
C LEU F 92 -39.50 -8.97 8.35
N VAL F 93 -38.91 -8.40 9.40
CA VAL F 93 -37.47 -8.34 9.53
C VAL F 93 -37.01 -9.54 10.32
N VAL F 94 -36.23 -10.42 9.69
CA VAL F 94 -35.68 -11.58 10.37
C VAL F 94 -34.22 -11.35 10.70
N THR F 95 -33.94 -11.11 11.97
CA THR F 95 -32.60 -10.77 12.41
C THR F 95 -31.74 -12.00 12.62
N GLU F 96 -30.43 -11.82 12.52
CA GLU F 96 -29.49 -12.93 12.74
C GLU F 96 -29.40 -13.32 14.21
N THR F 97 -29.47 -12.34 15.10
CA THR F 97 -29.28 -12.58 16.53
C THR F 97 -30.44 -12.08 17.39
N MET F 98 -30.49 -12.60 18.62
CA MET F 98 -31.46 -12.14 19.61
C MET F 98 -31.35 -10.63 19.82
N TRP F 99 -30.12 -10.13 19.95
CA TRP F 99 -29.91 -8.71 20.24
CA TRP F 99 -29.88 -8.70 20.23
C TRP F 99 -30.32 -7.76 19.11
N GLU F 100 -30.10 -8.19 17.87
CA GLU F 100 -30.55 -7.37 16.74
C GLU F 100 -32.06 -7.11 16.74
N ARG F 101 -32.84 -8.08 17.21
CA ARG F 101 -34.29 -7.87 17.31
C ARG F 101 -34.57 -6.61 18.10
N LYS F 102 -33.93 -6.50 19.26
CA LYS F 102 -34.08 -5.36 20.14
C LYS F 102 -33.50 -4.06 19.55
N GLN F 103 -32.38 -4.17 18.85
CA GLN F 103 -31.76 -3.02 18.18
C GLN F 103 -32.65 -2.43 17.09
N VAL F 104 -33.24 -3.30 16.27
CA VAL F 104 -34.09 -2.88 15.17
C VAL F 104 -35.39 -2.26 15.69
N MET F 105 -36.03 -2.93 16.64
CA MET F 105 -37.27 -2.40 17.23
C MET F 105 -36.98 -1.05 17.83
N GLU F 106 -35.88 -0.94 18.57
CA GLU F 106 -35.48 0.34 19.15
C GLU F 106 -35.26 1.44 18.12
N ASP F 107 -34.58 1.10 17.03
CA ASP F 107 -34.20 2.07 15.99
C ASP F 107 -35.30 2.38 15.00
N ARG F 108 -36.22 1.43 14.77
CA ARG F 108 -37.33 1.70 13.88
C ARG F 108 -38.48 2.47 14.54
N ALA F 109 -38.47 2.54 15.87
CA ALA F 109 -39.57 3.12 16.66
C ALA F 109 -39.35 4.55 17.12
N ASN F 110 -40.44 5.30 17.22
CA ASN F 110 -40.41 6.64 17.82
C ASN F 110 -40.74 6.63 19.32
N ALA F 111 -41.57 5.68 19.74
CA ALA F 111 -41.87 5.49 21.16
C ALA F 111 -42.15 4.01 21.43
N PHE F 112 -42.41 3.69 22.71
CA PHE F 112 -42.55 2.31 23.14
C PHE F 112 -43.67 2.13 24.15
N ILE F 113 -44.47 1.07 23.92
CA ILE F 113 -45.45 0.63 24.92
C ILE F 113 -45.20 -0.82 25.31
N THR F 114 -44.97 -1.06 26.60
CA THR F 114 -44.83 -2.42 27.08
C THR F 114 -46.07 -2.84 27.83
N LEU F 115 -46.63 -4.00 27.43
CA LEU F 115 -47.74 -4.65 28.12
C LEU F 115 -47.23 -5.75 29.04
N PRO F 116 -48.02 -6.10 30.08
CA PRO F 116 -47.79 -7.27 30.90
C PRO F 116 -47.13 -8.41 30.14
N GLY F 117 -46.11 -8.99 30.73
CA GLY F 117 -45.36 -10.05 30.06
C GLY F 117 -44.48 -10.84 31.00
N GLY F 118 -43.79 -11.84 30.46
CA GLY F 118 -42.84 -12.64 31.22
C GLY F 118 -41.44 -12.07 31.12
N VAL F 119 -40.44 -12.94 31.14
CA VAL F 119 -39.06 -12.49 31.19
C VAL F 119 -38.61 -11.88 29.86
N GLY F 120 -39.11 -12.45 28.76
CA GLY F 120 -38.85 -11.93 27.44
C GLY F 120 -39.32 -10.51 27.24
N THR F 121 -40.58 -10.26 27.60
CA THR F 121 -41.13 -8.91 27.55
C THR F 121 -40.27 -7.99 28.37
N LEU F 122 -39.92 -8.44 29.58
CA LEU F 122 -39.19 -7.61 30.55
C LEU F 122 -37.81 -7.23 30.03
N ASP F 123 -37.06 -8.23 29.59
CA ASP F 123 -35.75 -8.03 29.01
C ASP F 123 -35.79 -6.99 27.89
N GLU F 124 -36.81 -7.07 27.05
CA GLU F 124 -37.00 -6.07 26.02
C GLU F 124 -37.15 -4.64 26.60
N LEU F 125 -38.07 -4.48 27.56
CA LEU F 125 -38.30 -3.20 28.22
C LEU F 125 -37.00 -2.64 28.78
N LEU F 126 -36.28 -3.47 29.53
CA LEU F 126 -35.04 -3.03 30.18
C LEU F 126 -34.03 -2.56 29.16
N ASP F 127 -33.99 -3.25 28.02
CA ASP F 127 -33.04 -2.90 26.97
C ASP F 127 -33.23 -1.49 26.43
N VAL F 128 -34.46 -1.14 26.06
CA VAL F 128 -34.77 0.24 25.65
C VAL F 128 -34.65 1.26 26.83
N TRP F 129 -34.89 0.79 28.06
CA TRP F 129 -34.87 1.67 29.25
C TRP F 129 -33.45 2.11 29.63
N THR F 130 -32.56 1.15 29.80
CA THR F 130 -31.16 1.43 30.10
C THR F 130 -30.51 2.30 29.01
N GLU F 131 -30.82 2.03 27.74
CA GLU F 131 -30.32 2.87 26.64
C GLU F 131 -30.87 4.29 26.71
N GLY F 132 -32.15 4.41 27.07
CA GLY F 132 -32.76 5.71 27.34
C GLY F 132 -32.01 6.57 28.34
N TYR F 133 -32.01 6.16 29.61
CA TYR F 133 -31.40 6.99 30.67
C TYR F 133 -29.87 7.07 30.56
N LEU F 134 -29.27 6.13 29.83
CA LEU F 134 -27.85 6.14 29.51
C LEU F 134 -27.57 7.09 28.34
N GLY F 135 -28.61 7.79 27.92
CA GLY F 135 -28.50 8.91 26.98
C GLY F 135 -28.33 8.47 25.54
N MET F 136 -28.86 7.31 25.20
CA MET F 136 -28.73 6.81 23.84
C MET F 136 -29.85 7.34 22.95
N HIS F 137 -31.03 7.58 23.54
CA HIS F 137 -32.18 8.12 22.81
C HIS F 137 -33.14 8.87 23.74
N ASP F 138 -33.95 9.76 23.15
CA ASP F 138 -34.84 10.61 23.94
C ASP F 138 -36.31 10.24 23.76
N LYS F 139 -36.55 8.97 23.49
CA LYS F 139 -37.89 8.46 23.18
C LYS F 139 -38.67 8.09 24.45
N SER F 140 -39.99 8.28 24.41
CA SER F 140 -40.87 7.96 25.54
C SER F 140 -41.05 6.45 25.68
N ILE F 141 -40.83 5.95 26.89
CA ILE F 141 -40.97 4.54 27.16
C ILE F 141 -42.15 4.37 28.10
N VAL F 142 -43.20 3.70 27.60
CA VAL F 142 -44.46 3.53 28.32
C VAL F 142 -44.71 2.06 28.70
N VAL F 143 -45.03 1.84 29.98
CA VAL F 143 -45.53 0.55 30.46
C VAL F 143 -47.00 0.73 30.80
N LEU F 144 -47.86 0.04 30.06
CA LEU F 144 -49.30 0.08 30.26
C LEU F 144 -49.78 -1.09 31.15
N ASP F 145 -50.12 -0.76 32.40
CA ASP F 145 -50.44 -1.74 33.43
C ASP F 145 -51.68 -1.32 34.24
N PRO F 146 -52.88 -1.77 33.80
CA PRO F 146 -54.17 -1.41 34.41
C PRO F 146 -54.52 -2.19 35.66
N TRP F 147 -53.99 -3.40 35.80
CA TRP F 147 -54.25 -4.22 36.99
C TRP F 147 -53.02 -4.46 37.85
N GLY F 148 -51.93 -3.76 37.55
CA GLY F 148 -50.72 -3.85 38.37
C GLY F 148 -49.90 -5.13 38.24
N HIS F 149 -49.84 -5.67 37.03
CA HIS F 149 -48.94 -6.80 36.69
C HIS F 149 -47.52 -6.48 37.16
N PHE F 150 -47.12 -5.23 37.05
CA PHE F 150 -45.77 -4.82 37.41
C PHE F 150 -45.64 -4.21 38.80
N ASP F 151 -46.75 -4.07 39.53
CA ASP F 151 -46.71 -3.54 40.90
C ASP F 151 -45.54 -4.05 41.73
N GLY F 152 -45.36 -5.37 41.80
CA GLY F 152 -44.30 -5.97 42.59
C GLY F 152 -42.92 -5.47 42.24
N LEU F 153 -42.56 -5.58 40.96
CA LEU F 153 -41.26 -5.14 40.43
C LEU F 153 -40.98 -3.67 40.74
N ARG F 154 -41.97 -2.82 40.48
CA ARG F 154 -41.82 -1.39 40.74
C ARG F 154 -41.75 -1.10 42.24
N ALA F 155 -42.36 -1.94 43.07
CA ALA F 155 -42.21 -1.81 44.52
C ALA F 155 -40.78 -2.16 44.92
N TRP F 156 -40.24 -3.21 44.29
CA TRP F 156 -38.85 -3.57 44.52
C TRP F 156 -37.89 -2.49 43.98
N LEU F 157 -38.16 -1.97 42.80
CA LEU F 157 -37.36 -0.90 42.23
C LEU F 157 -37.26 0.36 43.12
N SER F 158 -38.36 0.72 43.77
CA SER F 158 -38.41 1.84 44.71
C SER F 158 -37.51 1.62 45.93
N GLU F 159 -37.43 0.36 46.39
CA GLU F 159 -36.51 0.00 47.45
C GLU F 159 -35.07 0.20 46.98
N LEU F 160 -34.76 -0.26 45.76
CA LEU F 160 -33.40 -0.11 45.21
C LEU F 160 -33.00 1.35 45.02
N ALA F 161 -33.97 2.19 44.66
CA ALA F 161 -33.75 3.61 44.50
C ALA F 161 -33.47 4.27 45.84
N ASP F 162 -34.28 3.96 46.85
CA ASP F 162 -34.08 4.51 48.20
C ASP F 162 -32.80 4.02 48.90
N THR F 163 -32.04 3.18 48.20
CA THR F 163 -30.75 2.69 48.69
C THR F 163 -29.66 2.87 47.63
N GLY F 164 -29.96 3.71 46.64
CA GLY F 164 -28.97 4.20 45.68
C GLY F 164 -28.46 3.21 44.65
N TYR F 165 -29.25 2.17 44.38
CA TYR F 165 -28.89 1.22 43.34
C TYR F 165 -29.41 1.63 41.96
N VAL F 166 -30.43 2.49 41.95
CA VAL F 166 -31.07 2.90 40.71
C VAL F 166 -31.26 4.41 40.77
N SER F 167 -30.69 5.13 39.79
CA SER F 167 -30.68 6.61 39.83
C SER F 167 -32.08 7.23 39.62
N ARG F 168 -32.22 8.51 39.96
CA ARG F 168 -33.53 9.17 39.88
C ARG F 168 -33.85 9.57 38.44
N THR F 169 -32.80 9.79 37.65
CA THR F 169 -32.95 10.04 36.22
C THR F 169 -33.42 8.76 35.51
N ALA F 170 -32.91 7.62 35.98
CA ALA F 170 -33.35 6.31 35.50
C ALA F 170 -34.77 6.04 35.97
N MET F 171 -35.11 6.59 37.12
CA MET F 171 -36.41 6.34 37.75
C MET F 171 -37.52 7.13 37.07
N GLU F 172 -37.23 8.39 36.75
CA GLU F 172 -38.20 9.27 36.10
C GLU F 172 -38.21 9.12 34.57
N ARG F 173 -37.47 8.15 34.04
CA ARG F 173 -37.40 7.93 32.60
C ARG F 173 -38.59 7.07 32.15
N LEU F 174 -39.08 6.24 33.06
CA LEU F 174 -40.14 5.28 32.77
C LEU F 174 -41.52 5.89 32.99
N ILE F 175 -42.40 5.71 32.00
CA ILE F 175 -43.78 6.23 32.11
C ILE F 175 -44.73 5.06 32.27
N VAL F 176 -45.31 4.97 33.48
CA VAL F 176 -46.24 3.89 33.83
C VAL F 176 -47.63 4.44 34.09
N VAL F 177 -48.57 3.97 33.27
CA VAL F 177 -49.95 4.47 33.24
C VAL F 177 -50.91 3.27 33.31
N ASP F 178 -52.16 3.51 33.70
CA ASP F 178 -53.09 2.38 33.79
C ASP F 178 -54.21 2.32 32.76
N ASN F 179 -54.40 3.41 32.01
CA ASN F 179 -55.38 3.45 30.93
C ASN F 179 -54.67 3.78 29.62
N LEU F 180 -55.17 3.25 28.51
CA LEU F 180 -54.46 3.38 27.24
C LEU F 180 -54.47 4.80 26.65
N ASP F 181 -55.50 5.58 26.95
CA ASP F 181 -55.56 6.97 26.49
C ASP F 181 -54.31 7.73 26.95
N ASP F 182 -53.95 7.54 28.22
CA ASP F 182 -52.72 8.09 28.77
C ASP F 182 -51.48 7.53 28.07
N ALA F 183 -51.47 6.23 27.82
CA ALA F 183 -50.35 5.60 27.12
C ALA F 183 -50.15 6.26 25.77
N LEU F 184 -51.25 6.42 25.05
CA LEU F 184 -51.25 6.98 23.69
C LEU F 184 -50.78 8.43 23.64
N GLN F 185 -51.19 9.23 24.62
CA GLN F 185 -50.86 10.65 24.63
C GLN F 185 -49.41 10.91 25.05
N ALA F 186 -48.78 9.89 25.61
CA ALA F 186 -47.36 9.96 25.95
C ALA F 186 -46.46 9.46 24.81
N CYS F 187 -46.99 8.61 23.94
CA CYS F 187 -46.26 8.16 22.74
C CYS F 187 -46.28 9.23 21.67
N ALA F 188 -47.46 9.83 21.48
CA ALA F 188 -47.73 10.90 20.51
C ALA F 188 -46.55 11.85 20.25
N PRO F 189 -46.37 12.27 18.99
CA PRO F 189 -45.35 13.24 18.58
C PRO F 189 -45.33 14.52 19.41
N ARG G 13 16.09 -33.11 3.36
CA ARG G 13 15.69 -32.85 1.94
C ARG G 13 16.15 -31.47 1.42
N TRP G 14 16.99 -30.76 2.18
CA TRP G 14 17.69 -29.58 1.64
C TRP G 14 18.62 -30.07 0.53
N THR G 15 18.52 -29.47 -0.65
CA THR G 15 19.13 -30.05 -1.87
C THR G 15 20.06 -29.02 -2.52
N VAL G 16 21.27 -29.47 -2.87
CA VAL G 16 22.25 -28.58 -3.46
C VAL G 16 22.68 -29.09 -4.83
N ALA G 17 22.64 -28.21 -5.81
CA ALA G 17 23.06 -28.55 -7.16
C ALA G 17 24.51 -28.16 -7.35
N VAL G 18 25.26 -29.02 -8.04
CA VAL G 18 26.65 -28.73 -8.30
C VAL G 18 26.91 -28.79 -9.81
N TYR G 19 27.31 -27.66 -10.37
CA TYR G 19 27.70 -27.61 -11.77
C TYR G 19 29.21 -27.66 -11.87
N CYS G 20 29.72 -28.61 -12.63
CA CYS G 20 31.17 -28.75 -12.82
C CYS G 20 31.48 -29.38 -14.15
N ALA G 21 32.78 -29.55 -14.43
CA ALA G 21 33.25 -30.02 -15.72
C ALA G 21 32.88 -31.47 -15.99
N ALA G 22 32.44 -31.75 -17.22
CA ALA G 22 32.11 -33.12 -17.64
C ALA G 22 33.24 -33.80 -18.42
N ALA G 23 34.20 -33.01 -18.88
CA ALA G 23 35.32 -33.55 -19.64
C ALA G 23 36.57 -33.67 -18.75
N PRO G 24 37.59 -34.43 -19.19
CA PRO G 24 38.82 -34.59 -18.41
C PRO G 24 39.38 -33.27 -17.91
N THR G 25 39.87 -33.27 -16.67
CA THR G 25 40.28 -32.06 -16.03
C THR G 25 41.53 -32.26 -15.20
N HIS G 26 41.79 -31.30 -14.34
CA HIS G 26 42.92 -31.34 -13.45
C HIS G 26 42.58 -32.26 -12.31
N PRO G 27 43.56 -33.09 -11.89
CA PRO G 27 43.41 -33.93 -10.69
C PRO G 27 42.93 -33.12 -9.48
N GLU G 28 43.19 -31.82 -9.49
CA GLU G 28 42.83 -30.95 -8.40
C GLU G 28 41.35 -30.58 -8.46
N LEU G 29 40.78 -30.61 -9.66
CA LEU G 29 39.35 -30.43 -9.82
C LEU G 29 38.59 -31.70 -9.41
N LEU G 30 39.18 -32.87 -9.65
CA LEU G 30 38.58 -34.13 -9.18
C LEU G 30 38.59 -34.20 -7.66
N GLU G 31 39.66 -33.68 -7.07
CA GLU G 31 39.84 -33.63 -5.62
C GLU G 31 38.84 -32.64 -4.97
N LEU G 32 38.55 -31.53 -5.66
CA LEU G 32 37.64 -30.52 -5.17
C LEU G 32 36.18 -30.93 -5.38
N ALA G 33 35.91 -31.60 -6.50
CA ALA G 33 34.58 -32.16 -6.75
C ALA G 33 34.28 -33.24 -5.72
N GLY G 34 35.30 -34.01 -5.36
CA GLY G 34 35.15 -35.07 -4.40
C GLY G 34 34.74 -34.54 -3.04
N ALA G 35 35.44 -33.50 -2.58
CA ALA G 35 35.27 -32.99 -1.24
C ALA G 35 33.89 -32.33 -1.08
N VAL G 36 33.44 -31.65 -2.14
CA VAL G 36 32.17 -30.98 -2.20
C VAL G 36 31.05 -32.01 -2.04
N GLY G 37 31.13 -33.09 -2.82
CA GLY G 37 30.13 -34.15 -2.76
C GLY G 37 30.05 -34.79 -1.39
N ALA G 38 31.22 -35.07 -0.81
CA ALA G 38 31.32 -35.71 0.49
C ALA G 38 30.72 -34.83 1.59
N ALA G 39 30.92 -33.52 1.43
CA ALA G 39 30.49 -32.50 2.37
C ALA G 39 28.99 -32.18 2.31
N ILE G 40 28.39 -32.25 1.12
CA ILE G 40 26.94 -32.12 0.99
C ILE G 40 26.26 -33.35 1.60
N ALA G 41 26.82 -34.52 1.33
CA ALA G 41 26.28 -35.78 1.84
C ALA G 41 26.34 -35.88 3.36
N ALA G 42 27.41 -35.37 3.96
CA ALA G 42 27.64 -35.48 5.40
C ALA G 42 26.67 -34.60 6.19
N ARG G 43 26.21 -33.53 5.56
CA ARG G 43 25.28 -32.60 6.17
C ARG G 43 23.85 -33.12 6.03
N GLY G 44 23.73 -34.31 5.45
CA GLY G 44 22.44 -34.93 5.23
C GLY G 44 21.70 -34.35 4.05
N TRP G 45 22.39 -33.53 3.23
CA TRP G 45 21.75 -32.89 2.08
C TRP G 45 21.77 -33.76 0.82
N THR G 46 20.78 -33.54 -0.01
CA THR G 46 20.69 -34.20 -1.30
C THR G 46 21.63 -33.50 -2.29
N LEU G 47 22.27 -34.28 -3.15
CA LEU G 47 23.05 -33.75 -4.27
C LEU G 47 22.29 -33.77 -5.59
N VAL G 48 22.18 -32.61 -6.23
CA VAL G 48 21.78 -32.57 -7.63
C VAL G 48 23.03 -32.34 -8.48
N TRP G 49 23.13 -33.04 -9.59
CA TRP G 49 24.23 -32.87 -10.53
C TRP G 49 23.85 -33.36 -11.94
N GLY G 50 24.76 -33.19 -12.89
CA GLY G 50 24.44 -33.39 -14.31
C GLY G 50 24.31 -34.82 -14.77
N GLY G 51 24.31 -35.78 -13.84
CA GLY G 51 24.10 -37.18 -14.18
C GLY G 51 25.28 -38.03 -14.65
N GLY G 52 26.41 -37.41 -14.99
CA GLY G 52 27.54 -38.20 -15.53
C GLY G 52 28.38 -38.92 -14.48
N HIS G 53 28.95 -40.08 -14.84
CA HIS G 53 29.84 -40.80 -13.93
C HIS G 53 31.33 -40.57 -14.14
N VAL G 54 31.72 -39.61 -14.98
CA VAL G 54 33.16 -39.46 -15.25
C VAL G 54 33.63 -38.04 -15.02
N SER G 55 34.94 -37.88 -14.89
CA SER G 55 35.56 -36.58 -14.60
C SER G 55 34.95 -36.04 -13.30
N ALA G 56 34.82 -34.71 -13.20
CA ALA G 56 34.31 -34.05 -12.00
C ALA G 56 32.90 -34.53 -11.62
N MET G 57 32.10 -34.84 -12.63
CA MET G 57 30.76 -35.41 -12.39
C MET G 57 30.88 -36.75 -11.69
N GLY G 58 31.72 -37.62 -12.22
CA GLY G 58 32.06 -38.86 -11.55
C GLY G 58 32.38 -38.62 -10.09
N ALA G 59 33.21 -37.61 -9.83
CA ALA G 59 33.79 -37.43 -8.52
C ALA G 59 32.77 -36.87 -7.51
N VAL G 60 32.04 -35.84 -7.90
CA VAL G 60 31.08 -35.25 -6.98
C VAL G 60 29.98 -36.25 -6.58
N SER G 61 29.36 -36.85 -7.57
CA SER G 61 28.35 -37.88 -7.35
C SER G 61 28.85 -39.00 -6.46
N SER G 62 29.86 -39.74 -6.91
CA SER G 62 30.26 -40.99 -6.25
C SER G 62 30.79 -40.82 -4.83
N ALA G 63 31.38 -39.66 -4.57
CA ALA G 63 31.81 -39.28 -3.23
C ALA G 63 30.62 -39.03 -2.34
N ALA G 64 29.55 -38.45 -2.91
CA ALA G 64 28.34 -38.24 -2.14
C ALA G 64 27.77 -39.60 -1.72
N ARG G 65 27.64 -40.52 -2.67
CA ARG G 65 27.11 -41.84 -2.37
C ARG G 65 27.91 -42.53 -1.28
N ALA G 66 29.24 -42.42 -1.36
CA ALA G 66 30.14 -43.08 -0.42
C ALA G 66 30.02 -42.47 0.99
N HIS G 67 29.28 -41.37 1.07
CA HIS G 67 29.00 -40.78 2.37
C HIS G 67 27.51 -40.90 2.71
N GLY G 68 26.84 -41.86 2.09
CA GLY G 68 25.47 -42.18 2.44
C GLY G 68 24.48 -41.14 1.96
N GLY G 69 24.95 -40.17 1.19
CA GLY G 69 24.12 -39.12 0.65
C GLY G 69 23.30 -39.50 -0.58
N TRP G 70 22.06 -39.00 -0.61
CA TRP G 70 21.13 -39.21 -1.70
C TRP G 70 21.59 -38.42 -2.92
N THR G 71 21.61 -39.04 -4.09
CA THR G 71 22.08 -38.34 -5.29
C THR G 71 21.03 -38.37 -6.40
N VAL G 72 20.85 -37.22 -7.06
CA VAL G 72 19.89 -37.09 -8.18
C VAL G 72 20.56 -36.49 -9.41
N GLY G 73 20.65 -37.28 -10.48
CA GLY G 73 21.25 -36.81 -11.73
C GLY G 73 20.24 -36.41 -12.79
N VAL G 74 20.53 -35.32 -13.49
CA VAL G 74 19.62 -34.78 -14.50
C VAL G 74 20.41 -34.68 -15.81
N ILE G 75 20.05 -35.52 -16.79
CA ILE G 75 20.82 -35.64 -18.03
C ILE G 75 19.93 -35.76 -19.29
N PRO G 76 20.15 -34.87 -20.29
CA PRO G 76 19.36 -34.87 -21.53
C PRO G 76 19.54 -36.15 -22.30
N LYS G 77 18.47 -36.62 -22.94
CA LYS G 77 18.50 -37.81 -23.80
C LYS G 77 19.72 -37.85 -24.74
N MET G 78 20.16 -36.66 -25.17
CA MET G 78 21.27 -36.52 -26.12
C MET G 78 22.69 -36.62 -25.52
N LEU G 79 22.81 -36.49 -24.20
CA LEU G 79 24.14 -36.60 -23.58
C LEU G 79 24.28 -37.80 -22.67
N VAL G 80 23.28 -38.70 -22.72
CA VAL G 80 23.23 -39.90 -21.87
C VAL G 80 24.46 -40.75 -22.04
N HIS G 81 24.85 -40.94 -23.30
CA HIS G 81 26.02 -41.73 -23.60
C HIS G 81 27.29 -40.89 -23.72
N ARG G 82 27.21 -39.71 -24.33
CA ARG G 82 28.35 -38.79 -24.37
C ARG G 82 28.94 -38.57 -22.98
N GLU G 83 28.10 -38.19 -22.02
CA GLU G 83 28.55 -37.90 -20.67
C GLU G 83 28.33 -39.07 -19.72
N LEU G 84 27.94 -40.22 -20.27
CA LEU G 84 27.86 -41.50 -19.54
C LEU G 84 26.98 -41.47 -18.29
N ALA G 85 25.67 -41.34 -18.51
CA ALA G 85 24.69 -41.32 -17.43
C ALA G 85 25.06 -42.35 -16.36
N ASP G 86 24.83 -41.96 -15.11
CA ASP G 86 25.18 -42.78 -13.95
C ASP G 86 23.99 -43.66 -13.54
N HIS G 87 24.14 -44.97 -13.81
CA HIS G 87 23.05 -45.93 -13.56
C HIS G 87 22.83 -46.14 -12.07
N ASP G 88 23.84 -45.85 -11.26
CA ASP G 88 23.74 -46.10 -9.83
C ASP G 88 23.29 -44.89 -8.98
N ALA G 89 22.73 -43.89 -9.64
CA ALA G 89 22.14 -42.73 -8.95
C ALA G 89 20.81 -43.11 -8.29
N ASP G 90 20.56 -42.55 -7.11
CA ASP G 90 19.33 -42.83 -6.38
C ASP G 90 18.12 -42.49 -7.24
N GLU G 91 18.29 -41.53 -8.13
CA GLU G 91 17.28 -41.11 -9.09
C GLU G 91 18.02 -40.61 -10.34
N LEU G 92 17.53 -40.96 -11.52
CA LEU G 92 18.09 -40.42 -12.75
C LEU G 92 16.97 -39.86 -13.63
N VAL G 93 16.91 -38.53 -13.72
CA VAL G 93 15.89 -37.87 -14.51
C VAL G 93 16.44 -37.54 -15.90
N VAL G 94 15.90 -38.23 -16.91
CA VAL G 94 16.35 -38.08 -18.28
C VAL G 94 15.40 -37.16 -19.03
N THR G 95 15.87 -35.93 -19.28
CA THR G 95 15.11 -34.89 -19.96
C THR G 95 15.19 -35.06 -21.48
N GLU G 96 14.17 -34.60 -22.17
CA GLU G 96 14.06 -34.82 -23.60
C GLU G 96 14.93 -33.81 -24.35
N THR G 97 14.95 -32.57 -23.86
CA THR G 97 15.70 -31.48 -24.49
C THR G 97 16.85 -30.99 -23.64
N MET G 98 17.50 -29.93 -24.09
CA MET G 98 18.66 -29.37 -23.38
C MET G 98 18.30 -28.40 -22.26
N TRP G 99 17.37 -27.49 -22.51
CA TRP G 99 16.96 -26.50 -21.50
C TRP G 99 16.27 -27.15 -20.30
N GLU G 100 15.51 -28.22 -20.55
CA GLU G 100 14.82 -28.95 -19.48
C GLU G 100 15.79 -29.45 -18.41
N ARG G 101 17.01 -29.80 -18.82
CA ARG G 101 18.04 -30.24 -17.90
C ARG G 101 18.22 -29.22 -16.79
N LYS G 102 18.30 -27.95 -17.19
CA LYS G 102 18.58 -26.82 -16.30
C LYS G 102 17.36 -26.38 -15.46
N GLN G 103 16.19 -26.40 -16.10
CA GLN G 103 14.90 -26.18 -15.44
C GLN G 103 14.72 -27.14 -14.27
N VAL G 104 14.94 -28.43 -14.52
CA VAL G 104 14.71 -29.47 -13.51
C VAL G 104 15.74 -29.31 -12.38
N MET G 105 17.01 -29.18 -12.76
CA MET G 105 18.07 -28.95 -11.78
C MET G 105 17.74 -27.78 -10.89
N GLU G 106 17.33 -26.67 -11.50
CA GLU G 106 17.00 -25.48 -10.73
C GLU G 106 15.81 -25.65 -9.81
N ASP G 107 14.77 -26.34 -10.27
CA ASP G 107 13.56 -26.53 -9.49
C ASP G 107 13.74 -27.50 -8.31
N ARG G 108 14.62 -28.49 -8.48
CA ARG G 108 14.91 -29.47 -7.43
C ARG G 108 15.78 -28.92 -6.30
N ALA G 109 16.79 -28.14 -6.65
CA ALA G 109 17.76 -27.66 -5.66
C ALA G 109 17.27 -26.45 -4.87
N ASN G 110 17.75 -26.35 -3.64
CA ASN G 110 17.50 -25.19 -2.78
C ASN G 110 18.63 -24.13 -2.85
N ALA G 111 19.78 -24.53 -3.40
CA ALA G 111 20.98 -23.70 -3.47
C ALA G 111 21.89 -24.28 -4.53
N PHE G 112 22.89 -23.51 -4.98
CA PHE G 112 23.75 -23.97 -6.09
C PHE G 112 25.22 -23.67 -5.85
N ILE G 113 26.06 -24.56 -6.38
CA ILE G 113 27.50 -24.42 -6.33
C ILE G 113 28.08 -24.73 -7.70
N THR G 114 28.83 -23.79 -8.23
CA THR G 114 29.53 -23.98 -9.47
C THR G 114 31.02 -24.12 -9.18
N LEU G 115 31.65 -25.05 -9.86
CA LEU G 115 33.09 -25.29 -9.72
C LEU G 115 33.78 -24.89 -11.01
N PRO G 116 35.13 -24.78 -10.99
CA PRO G 116 35.85 -24.58 -12.25
C PRO G 116 35.34 -25.51 -13.32
N GLY G 117 35.16 -24.99 -14.53
CA GLY G 117 34.69 -25.83 -15.65
C GLY G 117 34.70 -25.09 -16.99
N GLY G 118 33.99 -25.64 -17.96
CA GLY G 118 33.97 -25.10 -19.32
C GLY G 118 32.73 -24.29 -19.70
N VAL G 119 32.43 -24.28 -20.99
CA VAL G 119 31.34 -23.47 -21.54
C VAL G 119 30.01 -23.93 -20.96
N GLY G 120 29.78 -25.25 -21.02
CA GLY G 120 28.60 -25.86 -20.43
C GLY G 120 28.38 -25.48 -18.98
N THR G 121 29.44 -25.60 -18.17
CA THR G 121 29.34 -25.22 -16.76
C THR G 121 28.91 -23.77 -16.67
N LEU G 122 29.54 -22.91 -17.46
CA LEU G 122 29.31 -21.47 -17.36
C LEU G 122 27.89 -21.16 -17.80
N ASP G 123 27.44 -21.85 -18.86
CA ASP G 123 26.05 -21.78 -19.31
C ASP G 123 25.10 -22.09 -18.17
N GLU G 124 25.44 -23.11 -17.39
CA GLU G 124 24.61 -23.52 -16.28
C GLU G 124 24.52 -22.40 -15.22
N LEU G 125 25.68 -21.87 -14.85
CA LEU G 125 25.77 -20.74 -13.93
C LEU G 125 24.94 -19.55 -14.36
N LEU G 126 25.17 -19.10 -15.60
CA LEU G 126 24.46 -17.93 -16.13
C LEU G 126 22.95 -18.09 -16.06
N ASP G 127 22.50 -19.28 -16.42
CA ASP G 127 21.09 -19.63 -16.36
C ASP G 127 20.45 -19.37 -14.98
N VAL G 128 21.00 -19.96 -13.93
CA VAL G 128 20.38 -19.86 -12.60
C VAL G 128 20.52 -18.46 -12.03
N TRP G 129 21.64 -17.81 -12.33
CA TRP G 129 21.86 -16.43 -11.91
C TRP G 129 20.84 -15.47 -12.54
N THR G 130 20.63 -15.58 -13.86
CA THR G 130 19.62 -14.75 -14.52
C THR G 130 18.25 -14.95 -13.88
N GLU G 131 17.78 -16.20 -13.83
CA GLU G 131 16.53 -16.56 -13.17
C GLU G 131 16.47 -15.95 -11.77
N GLY G 132 17.61 -16.02 -11.07
CA GLY G 132 17.77 -15.47 -9.73
C GLY G 132 17.47 -13.99 -9.63
N TYR G 133 18.39 -13.16 -10.14
CA TYR G 133 18.21 -11.71 -10.01
C TYR G 133 16.93 -11.17 -10.65
N LEU G 134 16.39 -11.92 -11.61
CA LEU G 134 15.14 -11.53 -12.27
C LEU G 134 13.92 -11.85 -11.40
N GLY G 135 14.16 -12.56 -10.29
CA GLY G 135 13.15 -12.82 -9.29
C GLY G 135 12.34 -14.08 -9.51
N MET G 136 12.88 -15.02 -10.26
CA MET G 136 12.20 -16.29 -10.46
C MET G 136 12.46 -17.21 -9.28
N HIS G 137 13.52 -16.91 -8.52
CA HIS G 137 13.85 -17.60 -7.27
C HIS G 137 14.74 -16.76 -6.37
N ASP G 138 14.78 -17.12 -5.08
CA ASP G 138 15.65 -16.44 -4.11
C ASP G 138 16.71 -17.42 -3.56
N LYS G 139 17.04 -18.42 -4.36
CA LYS G 139 18.02 -19.43 -3.96
C LYS G 139 19.43 -18.89 -4.12
N SER G 140 20.32 -19.28 -3.22
CA SER G 140 21.71 -18.79 -3.19
C SER G 140 22.58 -19.40 -4.30
N ILE G 141 23.29 -18.54 -5.02
CA ILE G 141 24.12 -18.96 -6.13
C ILE G 141 25.58 -18.82 -5.77
N VAL G 142 26.27 -19.94 -5.64
CA VAL G 142 27.63 -19.91 -5.11
C VAL G 142 28.62 -20.34 -6.18
N VAL G 143 29.73 -19.61 -6.29
CA VAL G 143 30.84 -20.09 -7.08
C VAL G 143 31.98 -20.40 -6.13
N LEU G 144 32.35 -21.68 -6.07
CA LEU G 144 33.50 -22.13 -5.33
C LEU G 144 34.77 -22.08 -6.19
N ASP G 145 35.68 -21.14 -5.85
CA ASP G 145 36.89 -20.89 -6.64
C ASP G 145 38.14 -20.67 -5.78
N PRO G 146 38.75 -21.77 -5.30
CA PRO G 146 39.97 -21.68 -4.46
C PRO G 146 41.26 -21.29 -5.16
N TRP G 147 41.30 -21.41 -6.50
CA TRP G 147 42.53 -21.22 -7.30
C TRP G 147 42.40 -20.17 -8.43
N GLY G 148 41.43 -19.28 -8.25
CA GLY G 148 41.25 -18.12 -9.13
C GLY G 148 40.86 -18.44 -10.56
N HIS G 149 40.27 -19.60 -10.77
CA HIS G 149 39.76 -19.98 -12.07
C HIS G 149 38.89 -18.90 -12.76
N PHE G 150 38.05 -18.20 -11.99
CA PHE G 150 37.08 -17.22 -12.52
C PHE G 150 37.54 -15.75 -12.47
N ASP G 151 38.82 -15.50 -12.21
CA ASP G 151 39.31 -14.12 -12.12
C ASP G 151 38.98 -13.29 -13.34
N GLY G 152 39.42 -13.77 -14.50
CA GLY G 152 39.15 -13.12 -15.78
C GLY G 152 37.67 -12.79 -15.95
N LEU G 153 36.79 -13.77 -15.73
CA LEU G 153 35.35 -13.56 -15.83
C LEU G 153 34.86 -12.45 -14.91
N ARG G 154 35.37 -12.46 -13.67
CA ARG G 154 34.92 -11.52 -12.65
C ARG G 154 35.41 -10.09 -12.87
N ALA G 155 36.69 -9.94 -13.20
CA ALA G 155 37.25 -8.63 -13.47
C ALA G 155 36.45 -7.97 -14.58
N TRP G 156 36.02 -8.78 -15.56
CA TRP G 156 35.26 -8.29 -16.71
C TRP G 156 33.85 -7.90 -16.30
N LEU G 157 33.17 -8.83 -15.64
CA LEU G 157 31.87 -8.51 -15.05
C LEU G 157 31.88 -7.20 -14.26
N SER G 158 33.01 -6.90 -13.60
CA SER G 158 33.16 -5.68 -12.81
C SER G 158 33.14 -4.40 -13.66
N GLU G 159 33.87 -4.44 -14.77
CA GLU G 159 33.86 -3.39 -15.79
C GLU G 159 32.46 -3.20 -16.36
N LEU G 160 31.71 -4.30 -16.46
CA LEU G 160 30.34 -4.28 -16.96
C LEU G 160 29.34 -3.64 -16.00
N ALA G 161 29.53 -3.83 -14.70
CA ALA G 161 28.73 -3.10 -13.70
C ALA G 161 29.18 -1.65 -13.56
N ASP G 162 30.48 -1.42 -13.70
CA ASP G 162 31.04 -0.07 -13.76
C ASP G 162 30.48 0.78 -14.91
N THR G 163 30.12 0.13 -16.03
CA THR G 163 29.57 0.84 -17.20
C THR G 163 28.05 0.67 -17.40
N GLY G 164 27.39 -0.02 -16.49
CA GLY G 164 25.93 -0.05 -16.47
C GLY G 164 25.25 -1.27 -17.06
N TYR G 165 26.02 -2.19 -17.65
CA TYR G 165 25.45 -3.35 -18.34
C TYR G 165 25.00 -4.45 -17.38
N VAL G 166 25.58 -4.48 -16.17
CA VAL G 166 25.14 -5.40 -15.12
C VAL G 166 24.72 -4.59 -13.90
N SER G 167 23.51 -4.82 -13.41
CA SER G 167 23.02 -4.09 -12.24
C SER G 167 23.71 -4.58 -10.95
N ARG G 168 23.71 -3.75 -9.91
CA ARG G 168 24.33 -4.12 -8.63
C ARG G 168 23.60 -5.25 -7.88
N THR G 169 22.28 -5.35 -8.09
CA THR G 169 21.48 -6.42 -7.52
C THR G 169 21.99 -7.77 -8.01
N ALA G 170 22.23 -7.83 -9.32
CA ALA G 170 22.72 -9.01 -10.00
C ALA G 170 24.07 -9.40 -9.44
N MET G 171 24.99 -8.44 -9.34
CA MET G 171 26.34 -8.71 -8.84
C MET G 171 26.32 -9.24 -7.42
N GLU G 172 25.50 -8.66 -6.55
CA GLU G 172 25.37 -9.11 -5.17
C GLU G 172 24.74 -10.52 -5.04
N ARG G 173 24.11 -11.01 -6.11
CA ARG G 173 23.49 -12.34 -6.11
C ARG G 173 24.47 -13.46 -6.47
N LEU G 174 25.58 -13.09 -7.10
CA LEU G 174 26.60 -14.05 -7.45
C LEU G 174 27.59 -14.11 -6.29
N ILE G 175 27.44 -15.13 -5.45
CA ILE G 175 28.30 -15.28 -4.26
C ILE G 175 29.54 -16.10 -4.60
N VAL G 176 30.69 -15.46 -4.60
CA VAL G 176 31.97 -16.11 -4.90
C VAL G 176 32.82 -16.24 -3.63
N VAL G 177 33.18 -17.48 -3.29
CA VAL G 177 34.01 -17.75 -2.13
C VAL G 177 35.28 -18.48 -2.53
N ASP G 178 36.27 -18.50 -1.65
CA ASP G 178 37.53 -19.16 -1.96
C ASP G 178 37.74 -20.49 -1.22
N ASN G 179 36.85 -20.79 -0.28
CA ASN G 179 36.96 -22.03 0.47
C ASN G 179 35.65 -22.84 0.48
N LEU G 180 35.77 -24.16 0.62
CA LEU G 180 34.62 -25.06 0.66
C LEU G 180 33.67 -24.73 1.84
N ASP G 181 34.25 -24.54 3.03
CA ASP G 181 33.50 -24.16 4.23
C ASP G 181 32.50 -23.05 3.94
N ASP G 182 32.99 -21.92 3.44
CA ASP G 182 32.13 -20.75 3.14
C ASP G 182 31.09 -21.03 2.04
N ALA G 183 31.44 -21.84 1.04
CA ALA G 183 30.44 -22.27 0.05
C ALA G 183 29.25 -22.92 0.73
N LEU G 184 29.56 -23.88 1.60
CA LEU G 184 28.55 -24.61 2.37
C LEU G 184 27.69 -23.74 3.29
N GLN G 185 28.30 -22.74 3.93
CA GLN G 185 27.55 -21.86 4.84
C GLN G 185 26.60 -20.94 4.05
N ALA G 186 27.00 -20.58 2.83
CA ALA G 186 26.15 -19.77 1.95
C ALA G 186 25.03 -20.61 1.31
N CYS G 187 25.21 -21.93 1.31
CA CYS G 187 24.21 -22.85 0.77
C CYS G 187 23.29 -23.39 1.84
N ALA G 188 23.71 -23.29 3.10
CA ALA G 188 22.90 -23.74 4.24
C ALA G 188 21.54 -23.03 4.33
N PRO G 189 20.49 -23.75 4.81
CA PRO G 189 19.18 -23.15 5.09
C PRO G 189 19.23 -22.22 6.28
N ARG H 13 12.37 -15.29 -45.63
CA ARG H 13 13.07 -16.62 -45.48
C ARG H 13 14.22 -16.52 -44.46
N TRP H 14 15.46 -16.35 -44.95
CA TRP H 14 16.68 -16.36 -44.10
C TRP H 14 16.54 -15.47 -42.88
N THR H 15 16.79 -16.05 -41.71
CA THR H 15 16.46 -15.43 -40.44
C THR H 15 17.71 -15.19 -39.58
N VAL H 16 17.87 -13.95 -39.08
CA VAL H 16 19.00 -13.65 -38.21
C VAL H 16 18.52 -13.18 -36.82
N ALA H 17 19.07 -13.81 -35.79
CA ALA H 17 18.77 -13.49 -34.40
C ALA H 17 19.77 -12.49 -33.84
N VAL H 18 19.24 -11.49 -33.13
CA VAL H 18 20.10 -10.52 -32.52
C VAL H 18 19.95 -10.53 -31.02
N TYR H 19 21.07 -10.80 -30.36
CA TYR H 19 21.15 -10.77 -28.93
C TYR H 19 21.85 -9.49 -28.54
N CYS H 20 21.21 -8.72 -27.65
CA CYS H 20 21.71 -7.43 -27.18
C CYS H 20 20.98 -7.02 -25.90
N ALA H 21 21.44 -5.91 -25.31
CA ALA H 21 21.06 -5.49 -23.96
C ALA H 21 19.60 -5.03 -23.78
N ALA H 22 19.09 -5.21 -22.56
CA ALA H 22 17.74 -4.78 -22.18
C ALA H 22 17.81 -3.71 -21.10
N ALA H 23 19.01 -3.38 -20.67
CA ALA H 23 19.18 -2.29 -19.73
C ALA H 23 19.77 -1.03 -20.40
N PRO H 24 21.11 -0.98 -20.62
CA PRO H 24 21.83 0.27 -20.85
C PRO H 24 21.33 1.07 -22.04
N THR H 25 21.34 2.39 -21.88
CA THR H 25 20.96 3.30 -22.96
C THR H 25 22.11 4.26 -23.27
N HIS H 26 23.32 3.70 -23.36
CA HIS H 26 24.43 4.40 -23.99
C HIS H 26 24.08 4.62 -25.46
N PRO H 27 24.18 5.88 -25.93
CA PRO H 27 23.89 6.21 -27.33
C PRO H 27 24.67 5.35 -28.35
N GLU H 28 25.94 5.07 -28.07
CA GLU H 28 26.80 4.32 -28.98
C GLU H 28 26.20 2.94 -29.27
N LEU H 29 25.72 2.30 -28.19
CA LEU H 29 25.11 0.98 -28.29
C LEU H 29 23.79 1.01 -29.06
N LEU H 30 22.96 2.00 -28.77
CA LEU H 30 21.66 2.14 -29.43
C LEU H 30 21.82 2.37 -30.93
N GLU H 31 22.98 2.89 -31.32
CA GLU H 31 23.27 3.20 -32.72
C GLU H 31 23.70 1.96 -33.48
N LEU H 32 24.54 1.16 -32.84
CA LEU H 32 24.98 -0.10 -33.42
C LEU H 32 23.79 -1.04 -33.66
N ALA H 33 22.95 -1.20 -32.64
CA ALA H 33 21.74 -2.00 -32.77
C ALA H 33 20.84 -1.50 -33.91
N GLY H 34 20.75 -0.19 -34.03
CA GLY H 34 19.93 0.43 -35.07
C GLY H 34 20.46 0.11 -36.44
N ALA H 35 21.78 0.18 -36.60
CA ALA H 35 22.37 -0.07 -37.90
C ALA H 35 22.18 -1.52 -38.26
N VAL H 36 22.30 -2.39 -37.26
CA VAL H 36 22.19 -3.82 -37.40
C VAL H 36 20.80 -4.23 -37.90
N GLY H 37 19.78 -3.73 -37.20
CA GLY H 37 18.39 -3.94 -37.60
C GLY H 37 18.08 -3.42 -38.98
N ALA H 38 18.56 -2.22 -39.30
CA ALA H 38 18.35 -1.62 -40.62
C ALA H 38 19.04 -2.43 -41.72
N ALA H 39 20.29 -2.80 -41.47
CA ALA H 39 21.04 -3.60 -42.43
C ALA H 39 20.37 -4.95 -42.63
N ILE H 40 19.94 -5.59 -41.55
CA ILE H 40 19.29 -6.90 -41.67
C ILE H 40 18.11 -6.86 -42.66
N ALA H 41 17.20 -5.91 -42.44
CA ALA H 41 16.00 -5.75 -43.27
C ALA H 41 16.37 -5.45 -44.71
N ALA H 42 17.52 -4.78 -44.88
CA ALA H 42 18.03 -4.38 -46.19
C ALA H 42 18.36 -5.55 -47.09
N ARG H 43 18.81 -6.65 -46.48
CA ARG H 43 19.09 -7.90 -47.18
C ARG H 43 17.87 -8.79 -47.33
N GLY H 44 16.71 -8.31 -46.88
CA GLY H 44 15.45 -9.07 -46.98
C GLY H 44 15.43 -10.21 -45.98
N TRP H 45 16.14 -10.03 -44.87
CA TRP H 45 16.20 -11.02 -43.80
C TRP H 45 15.18 -10.69 -42.72
N THR H 46 14.72 -11.75 -42.05
CA THR H 46 13.84 -11.63 -40.91
C THR H 46 14.68 -11.38 -39.66
N LEU H 47 14.17 -10.56 -38.75
CA LEU H 47 14.80 -10.38 -37.45
C LEU H 47 14.11 -11.22 -36.40
N VAL H 48 14.87 -12.09 -35.75
CA VAL H 48 14.43 -12.65 -34.50
C VAL H 48 15.18 -11.91 -33.40
N TRP H 49 14.43 -11.49 -32.38
CA TRP H 49 15.00 -10.88 -31.20
C TRP H 49 14.11 -11.24 -30.00
N GLY H 50 14.51 -10.79 -28.81
CA GLY H 50 13.86 -11.18 -27.56
C GLY H 50 12.54 -10.48 -27.31
N GLY H 51 12.00 -9.85 -28.36
CA GLY H 51 10.63 -9.33 -28.34
C GLY H 51 10.27 -8.15 -27.45
N GLY H 52 11.27 -7.48 -26.90
CA GLY H 52 11.00 -6.30 -26.07
C GLY H 52 11.30 -4.99 -26.78
N HIS H 53 10.80 -3.89 -26.21
CA HIS H 53 11.04 -2.57 -26.78
C HIS H 53 12.15 -1.81 -26.07
N VAL H 54 12.54 -2.27 -24.90
CA VAL H 54 13.57 -1.61 -24.11
C VAL H 54 14.95 -1.65 -24.76
N SER H 55 15.72 -0.58 -24.51
CA SER H 55 17.15 -0.56 -24.81
C SER H 55 17.46 -1.03 -26.23
N ALA H 56 18.64 -1.65 -26.39
CA ALA H 56 19.10 -2.15 -27.69
C ALA H 56 18.11 -3.12 -28.33
N MET H 57 17.43 -3.94 -27.53
CA MET H 57 16.38 -4.80 -28.09
C MET H 57 15.42 -4.00 -28.96
N GLY H 58 14.97 -2.84 -28.45
CA GLY H 58 14.01 -2.00 -29.17
C GLY H 58 14.60 -1.19 -30.31
N ALA H 59 15.88 -0.84 -30.21
CA ALA H 59 16.56 -0.12 -31.25
C ALA H 59 16.70 -0.99 -32.52
N VAL H 60 17.11 -2.24 -32.33
CA VAL H 60 17.30 -3.15 -33.46
C VAL H 60 15.97 -3.59 -34.09
N SER H 61 14.96 -3.79 -33.24
CA SER H 61 13.64 -4.18 -33.70
C SER H 61 12.93 -3.06 -34.42
N SER H 62 13.06 -1.85 -33.91
CA SER H 62 12.42 -0.69 -34.54
C SER H 62 13.05 -0.39 -35.87
N ALA H 63 14.38 -0.40 -35.89
CA ALA H 63 15.16 -0.12 -37.08
C ALA H 63 14.76 -1.06 -38.20
N ALA H 64 14.76 -2.37 -37.92
CA ALA H 64 14.38 -3.40 -38.89
C ALA H 64 12.97 -3.20 -39.46
N ARG H 65 12.03 -2.88 -38.57
CA ARG H 65 10.65 -2.59 -38.93
C ARG H 65 10.54 -1.32 -39.79
N ALA H 66 11.15 -0.24 -39.32
CA ALA H 66 11.16 1.03 -40.07
C ALA H 66 11.72 0.83 -41.47
N HIS H 67 12.78 0.03 -41.57
CA HIS H 67 13.47 -0.24 -42.82
C HIS H 67 12.89 -1.39 -43.62
N GLY H 68 11.72 -1.87 -43.21
CA GLY H 68 10.90 -2.75 -44.06
C GLY H 68 10.98 -4.25 -43.87
N GLY H 69 11.62 -4.70 -42.79
CA GLY H 69 11.82 -6.13 -42.56
C GLY H 69 10.79 -6.76 -41.65
N TRP H 70 10.60 -8.06 -41.83
CA TRP H 70 9.73 -8.86 -40.99
C TRP H 70 10.41 -9.10 -39.65
N THR H 71 9.69 -8.84 -38.56
CA THR H 71 10.22 -8.99 -37.20
C THR H 71 9.50 -10.05 -36.37
N VAL H 72 10.28 -10.96 -35.78
CA VAL H 72 9.77 -12.04 -34.94
C VAL H 72 10.30 -11.92 -33.49
N GLY H 73 9.41 -11.57 -32.59
CA GLY H 73 9.75 -11.41 -31.19
C GLY H 73 9.45 -12.63 -30.37
N VAL H 74 10.33 -12.92 -29.42
CA VAL H 74 10.13 -14.01 -28.46
C VAL H 74 10.46 -13.56 -27.04
N ILE H 75 9.41 -13.32 -26.24
CA ILE H 75 9.54 -12.88 -24.84
C ILE H 75 8.77 -13.80 -23.87
N PRO H 76 9.41 -14.15 -22.73
CA PRO H 76 8.75 -14.97 -21.70
C PRO H 76 7.62 -14.20 -21.02
N LYS H 77 6.60 -14.91 -20.56
CA LYS H 77 5.47 -14.27 -19.88
C LYS H 77 5.94 -13.38 -18.74
N MET H 78 6.94 -13.85 -17.98
CA MET H 78 7.47 -13.19 -16.79
C MET H 78 8.14 -11.82 -17.02
N LEU H 79 8.50 -11.51 -18.26
CA LEU H 79 9.21 -10.26 -18.59
C LEU H 79 8.46 -9.35 -19.54
N VAL H 80 7.26 -9.76 -19.94
CA VAL H 80 6.36 -8.95 -20.77
C VAL H 80 6.31 -7.48 -20.34
N HIS H 81 6.22 -7.25 -19.04
CA HIS H 81 6.05 -5.90 -18.54
C HIS H 81 7.35 -5.16 -18.26
N ARG H 82 8.33 -5.82 -17.66
CA ARG H 82 9.56 -5.12 -17.38
C ARG H 82 10.46 -4.95 -18.62
N GLU H 83 10.21 -5.73 -19.67
CA GLU H 83 10.95 -5.57 -20.94
C GLU H 83 10.09 -5.11 -22.11
N LEU H 84 8.84 -4.76 -21.82
CA LEU H 84 7.89 -4.14 -22.78
C LEU H 84 7.66 -4.92 -24.07
N ALA H 85 7.00 -6.07 -23.95
CA ALA H 85 6.64 -6.91 -25.11
C ALA H 85 6.13 -6.08 -26.29
N ASP H 86 6.75 -6.29 -27.46
CA ASP H 86 6.47 -5.48 -28.65
C ASP H 86 5.32 -6.04 -29.49
N HIS H 87 4.10 -5.58 -29.19
CA HIS H 87 2.90 -5.98 -29.93
C HIS H 87 2.91 -5.49 -31.38
N ASP H 88 3.87 -4.63 -31.72
CA ASP H 88 4.02 -4.12 -33.08
C ASP H 88 4.93 -5.00 -33.94
N ALA H 89 5.50 -6.03 -33.33
CA ALA H 89 6.23 -7.05 -34.07
C ALA H 89 5.27 -7.75 -35.05
N ASP H 90 5.83 -8.33 -36.11
CA ASP H 90 4.99 -9.02 -37.08
C ASP H 90 4.50 -10.32 -36.49
N GLU H 91 5.37 -10.94 -35.69
CA GLU H 91 5.05 -12.18 -35.00
C GLU H 91 5.62 -12.11 -33.58
N LEU H 92 4.72 -12.11 -32.62
CA LEU H 92 5.08 -12.01 -31.21
C LEU H 92 4.81 -13.35 -30.51
N VAL H 93 5.84 -13.87 -29.85
CA VAL H 93 5.74 -15.14 -29.14
C VAL H 93 5.94 -14.92 -27.64
N VAL H 94 4.88 -15.16 -26.86
CA VAL H 94 4.95 -15.09 -25.41
C VAL H 94 5.07 -16.52 -24.85
N THR H 95 6.26 -16.86 -24.37
CA THR H 95 6.56 -18.23 -23.93
C THR H 95 6.31 -18.38 -22.44
N GLU H 96 5.98 -19.60 -22.01
CA GLU H 96 5.70 -19.89 -20.60
C GLU H 96 6.95 -19.83 -19.71
N THR H 97 8.11 -20.16 -20.27
CA THR H 97 9.34 -20.21 -19.48
C THR H 97 10.50 -19.52 -20.19
N MET H 98 11.44 -19.01 -19.38
CA MET H 98 12.63 -18.35 -19.90
C MET H 98 13.49 -19.27 -20.76
N TRP H 99 13.49 -20.56 -20.41
CA TRP H 99 14.19 -21.58 -21.16
C TRP H 99 13.61 -21.73 -22.59
N GLU H 100 12.29 -21.85 -22.69
CA GLU H 100 11.61 -21.97 -23.97
C GLU H 100 11.91 -20.79 -24.90
N ARG H 101 12.03 -19.59 -24.33
CA ARG H 101 12.36 -18.41 -25.11
C ARG H 101 13.65 -18.60 -25.89
N LYS H 102 14.69 -19.09 -25.21
CA LYS H 102 15.98 -19.29 -25.83
C LYS H 102 15.96 -20.35 -26.94
N GLN H 103 15.15 -21.39 -26.74
CA GLN H 103 15.07 -22.46 -27.71
C GLN H 103 14.28 -22.03 -28.93
N VAL H 104 13.16 -21.36 -28.71
CA VAL H 104 12.36 -20.84 -29.82
C VAL H 104 13.17 -19.93 -30.74
N MET H 105 13.97 -19.03 -30.15
CA MET H 105 14.82 -18.13 -30.93
C MET H 105 15.89 -18.87 -31.72
N GLU H 106 16.42 -19.94 -31.14
CA GLU H 106 17.45 -20.73 -31.79
C GLU H 106 16.91 -21.65 -32.91
N ASP H 107 15.64 -22.05 -32.80
CA ASP H 107 15.03 -22.95 -33.76
C ASP H 107 14.52 -22.18 -34.97
N ARG H 108 14.28 -20.90 -34.75
CA ARG H 108 13.75 -19.99 -35.77
CA ARG H 108 13.75 -20.00 -35.78
C ARG H 108 14.87 -19.43 -36.62
N ALA H 109 15.98 -19.07 -35.97
CA ALA H 109 17.13 -18.45 -36.61
C ALA H 109 17.81 -19.32 -37.66
N ASN H 110 18.58 -18.69 -38.53
CA ASN H 110 19.52 -19.38 -39.42
C ASN H 110 20.96 -19.04 -39.02
N ALA H 111 21.13 -17.85 -38.45
CA ALA H 111 22.42 -17.36 -37.91
C ALA H 111 22.19 -16.43 -36.72
N PHE H 112 23.27 -16.06 -36.03
CA PHE H 112 23.20 -15.31 -34.77
C PHE H 112 24.18 -14.16 -34.66
N ILE H 113 23.69 -13.00 -34.25
CA ILE H 113 24.56 -11.85 -33.95
C ILE H 113 24.38 -11.40 -32.50
N THR H 114 25.50 -11.30 -31.78
CA THR H 114 25.55 -10.80 -30.43
C THR H 114 26.22 -9.43 -30.36
N LEU H 115 25.48 -8.45 -29.85
CA LEU H 115 25.98 -7.10 -29.73
C LEU H 115 26.41 -6.97 -28.27
N PRO H 116 26.98 -5.83 -27.86
CA PRO H 116 27.25 -5.70 -26.43
C PRO H 116 26.00 -5.89 -25.59
N GLY H 117 26.16 -6.48 -24.42
CA GLY H 117 25.07 -6.63 -23.47
C GLY H 117 25.59 -6.97 -22.08
N GLY H 118 24.68 -7.32 -21.19
CA GLY H 118 25.04 -7.75 -19.83
C GLY H 118 25.04 -9.26 -19.68
N VAL H 119 24.68 -9.73 -18.49
CA VAL H 119 24.57 -11.18 -18.22
C VAL H 119 23.51 -11.85 -19.10
N GLY H 120 22.35 -11.23 -19.21
CA GLY H 120 21.28 -11.74 -20.07
C GLY H 120 21.75 -12.04 -21.49
N THR H 121 22.48 -11.08 -22.06
CA THR H 121 22.99 -11.21 -23.42
C THR H 121 23.98 -12.36 -23.50
N LEU H 122 24.88 -12.44 -22.51
CA LEU H 122 25.86 -13.51 -22.45
C LEU H 122 25.17 -14.88 -22.29
N ASP H 123 24.17 -14.91 -21.42
CA ASP H 123 23.35 -16.09 -21.21
C ASP H 123 22.77 -16.61 -22.53
N GLU H 124 22.30 -15.67 -23.36
CA GLU H 124 21.71 -16.03 -24.63
C GLU H 124 22.80 -16.53 -25.61
N LEU H 125 23.97 -15.92 -25.52
CA LEU H 125 25.12 -16.33 -26.30
C LEU H 125 25.58 -17.73 -25.89
N LEU H 126 25.74 -17.94 -24.59
CA LEU H 126 26.23 -19.22 -24.08
C LEU H 126 25.33 -20.36 -24.54
N ASP H 127 24.02 -20.14 -24.40
CA ASP H 127 23.00 -21.07 -24.82
C ASP H 127 23.20 -21.61 -26.24
N VAL H 128 23.35 -20.70 -27.21
CA VAL H 128 23.42 -21.07 -28.62
C VAL H 128 24.81 -21.63 -28.95
N TRP H 129 25.81 -21.11 -28.26
CA TRP H 129 27.18 -21.59 -28.42
C TRP H 129 27.33 -23.05 -27.97
N THR H 130 26.75 -23.37 -26.81
CA THR H 130 26.88 -24.71 -26.26
C THR H 130 26.22 -25.73 -27.17
N GLU H 131 24.96 -25.49 -27.46
CA GLU H 131 24.22 -26.26 -28.46
C GLU H 131 24.99 -26.42 -29.79
N GLY H 132 25.70 -25.36 -30.19
CA GLY H 132 26.53 -25.42 -31.39
C GLY H 132 27.68 -26.40 -31.22
N TYR H 133 28.50 -26.15 -30.20
CA TYR H 133 29.65 -27.00 -29.89
C TYR H 133 29.26 -28.47 -29.75
N LEU H 134 28.18 -28.71 -29.01
CA LEU H 134 27.68 -30.06 -28.78
C LEU H 134 27.10 -30.72 -30.05
N GLY H 135 27.37 -30.11 -31.21
CA GLY H 135 27.05 -30.69 -32.52
C GLY H 135 25.58 -30.88 -32.84
N MET H 136 24.74 -30.02 -32.26
CA MET H 136 23.30 -30.12 -32.47
C MET H 136 22.89 -29.41 -33.74
N HIS H 137 23.25 -28.13 -33.82
CA HIS H 137 23.03 -27.31 -35.02
C HIS H 137 24.37 -26.87 -35.64
N ASP H 138 24.29 -26.27 -36.83
CA ASP H 138 25.47 -25.77 -37.51
C ASP H 138 25.21 -24.37 -38.06
N LYS H 139 24.81 -23.47 -37.18
CA LYS H 139 24.41 -22.14 -37.55
C LYS H 139 25.49 -21.15 -37.12
N SER H 140 25.78 -20.17 -37.97
CA SER H 140 26.81 -19.19 -37.67
C SER H 140 26.49 -18.41 -36.40
N ILE H 141 27.51 -18.23 -35.56
CA ILE H 141 27.40 -17.53 -34.28
C ILE H 141 28.42 -16.38 -34.27
N VAL H 142 27.92 -15.15 -34.34
CA VAL H 142 28.77 -14.00 -34.55
C VAL H 142 28.73 -13.01 -33.40
N VAL H 143 29.88 -12.40 -33.12
CA VAL H 143 29.96 -11.31 -32.16
C VAL H 143 30.40 -10.04 -32.88
N LEU H 144 29.54 -9.03 -32.82
CA LEU H 144 29.83 -7.72 -33.36
C LEU H 144 30.26 -6.78 -32.22
N ASP H 145 31.57 -6.52 -32.12
CA ASP H 145 32.15 -5.76 -31.02
C ASP H 145 33.14 -4.68 -31.52
N PRO H 146 32.63 -3.57 -32.05
CA PRO H 146 33.49 -2.55 -32.63
C PRO H 146 34.42 -1.83 -31.65
N TRP H 147 34.12 -1.86 -30.35
CA TRP H 147 34.95 -1.16 -29.37
C TRP H 147 35.56 -2.01 -28.26
N GLY H 148 35.46 -3.33 -28.40
CA GLY H 148 36.09 -4.25 -27.46
C GLY H 148 35.38 -4.38 -26.13
N HIS H 149 34.05 -4.40 -26.18
CA HIS H 149 33.20 -4.64 -25.03
C HIS H 149 33.50 -6.00 -24.41
N PHE H 150 33.77 -6.96 -25.28
CA PHE H 150 33.97 -8.35 -24.89
C PHE H 150 35.44 -8.74 -24.81
N ASP H 151 36.32 -7.74 -24.87
CA ASP H 151 37.76 -8.00 -24.78
C ASP H 151 38.13 -8.81 -23.53
N GLY H 152 37.62 -8.40 -22.36
CA GLY H 152 37.86 -9.09 -21.10
C GLY H 152 37.49 -10.57 -21.10
N LEU H 153 36.24 -10.85 -21.45
CA LEU H 153 35.74 -12.20 -21.58
C LEU H 153 36.58 -13.02 -22.57
N ARG H 154 36.90 -12.44 -23.73
CA ARG H 154 37.68 -13.13 -24.74
C ARG H 154 39.05 -13.57 -24.20
N ALA H 155 39.75 -12.65 -23.54
CA ALA H 155 41.01 -12.94 -22.87
C ALA H 155 40.85 -14.09 -21.88
N TRP H 156 39.74 -14.09 -21.16
CA TRP H 156 39.49 -15.11 -20.15
C TRP H 156 39.16 -16.45 -20.80
N LEU H 157 38.35 -16.44 -21.86
CA LEU H 157 38.05 -17.64 -22.65
C LEU H 157 39.26 -18.30 -23.32
N SER H 158 40.23 -17.50 -23.74
CA SER H 158 41.41 -18.05 -24.43
C SER H 158 42.34 -18.73 -23.43
N GLU H 159 42.43 -18.15 -22.24
CA GLU H 159 43.25 -18.69 -21.18
C GLU H 159 42.67 -20.02 -20.68
N LEU H 160 41.34 -20.14 -20.71
CA LEU H 160 40.70 -21.40 -20.36
C LEU H 160 40.97 -22.44 -21.43
N ALA H 161 41.06 -21.99 -22.69
CA ALA H 161 41.45 -22.86 -23.81
C ALA H 161 42.87 -23.39 -23.67
N ASP H 162 43.82 -22.47 -23.47
CA ASP H 162 45.23 -22.83 -23.26
C ASP H 162 45.40 -23.81 -22.10
N THR H 163 44.62 -23.62 -21.04
CA THR H 163 44.70 -24.49 -19.86
C THR H 163 43.70 -25.65 -19.89
N GLY H 164 43.16 -25.96 -21.08
CA GLY H 164 42.39 -27.18 -21.35
C GLY H 164 40.92 -27.29 -20.92
N TYR H 165 40.29 -26.16 -20.61
CA TYR H 165 38.86 -26.15 -20.20
C TYR H 165 37.86 -25.94 -21.34
N VAL H 166 38.27 -25.24 -22.38
CA VAL H 166 37.45 -24.99 -23.55
C VAL H 166 38.21 -25.49 -24.79
N SER H 167 37.55 -26.27 -25.62
CA SER H 167 38.22 -26.87 -26.78
C SER H 167 38.40 -25.86 -27.91
N ARG H 168 39.52 -25.98 -28.61
CA ARG H 168 39.83 -25.17 -29.80
C ARG H 168 38.68 -25.17 -30.80
N THR H 169 38.02 -26.31 -30.93
CA THR H 169 36.90 -26.50 -31.83
C THR H 169 35.66 -25.73 -31.37
N ALA H 170 35.51 -25.57 -30.06
CA ALA H 170 34.45 -24.74 -29.50
C ALA H 170 34.76 -23.25 -29.72
N MET H 171 36.02 -22.86 -29.47
CA MET H 171 36.47 -21.49 -29.70
C MET H 171 36.29 -21.10 -31.17
N GLU H 172 36.61 -22.03 -32.07
CA GLU H 172 36.52 -21.79 -33.51
C GLU H 172 35.10 -21.45 -33.99
N ARG H 173 34.09 -21.98 -33.29
CA ARG H 173 32.66 -21.73 -33.62
C ARG H 173 32.16 -20.31 -33.28
N LEU H 174 32.83 -19.61 -32.35
CA LEU H 174 32.58 -18.18 -32.07
C LEU H 174 33.34 -17.28 -33.04
N ILE H 175 32.62 -16.72 -34.03
CA ILE H 175 33.22 -15.73 -34.92
C ILE H 175 33.11 -14.35 -34.29
N VAL H 176 34.25 -13.70 -34.03
CA VAL H 176 34.21 -12.36 -33.47
C VAL H 176 34.80 -11.33 -34.44
N VAL H 177 33.97 -10.35 -34.79
CA VAL H 177 34.36 -9.29 -35.71
C VAL H 177 34.14 -7.94 -35.09
N ASP H 178 34.68 -6.90 -35.73
CA ASP H 178 34.64 -5.54 -35.21
C ASP H 178 33.83 -4.58 -36.08
N ASN H 179 33.37 -5.06 -37.24
CA ASN H 179 32.54 -4.23 -38.09
C ASN H 179 31.26 -4.92 -38.55
N LEU H 180 30.27 -4.12 -38.94
CA LEU H 180 29.00 -4.64 -39.42
C LEU H 180 29.14 -5.46 -40.71
N ASP H 181 29.84 -4.91 -41.70
CA ASP H 181 30.06 -5.62 -42.95
C ASP H 181 30.58 -7.05 -42.75
N ASP H 182 31.58 -7.22 -41.90
CA ASP H 182 32.10 -8.55 -41.62
C ASP H 182 31.08 -9.48 -40.94
N ALA H 183 30.27 -8.91 -40.03
CA ALA H 183 29.20 -9.65 -39.35
C ALA H 183 28.02 -10.03 -40.25
N LEU H 184 27.70 -9.19 -41.23
CA LEU H 184 26.66 -9.56 -42.20
C LEU H 184 27.15 -10.60 -43.19
N GLN H 185 28.44 -10.50 -43.55
CA GLN H 185 29.09 -11.50 -44.41
C GLN H 185 29.17 -12.87 -43.74
N ALA H 186 29.44 -12.88 -42.43
CA ALA H 186 29.55 -14.12 -41.70
C ALA H 186 28.18 -14.78 -41.50
N CYS H 187 27.13 -13.95 -41.53
CA CYS H 187 25.74 -14.39 -41.34
C CYS H 187 24.99 -14.83 -42.61
N ALA H 188 25.48 -14.42 -43.77
CA ALA H 188 24.83 -14.73 -45.06
C ALA H 188 24.69 -16.24 -45.30
N PRO H 189 23.66 -16.65 -46.06
CA PRO H 189 23.48 -18.07 -46.43
C PRO H 189 24.61 -18.59 -47.31
#